data_2Y65
#
_entry.id   2Y65
#
_cell.length_a   113.765
_cell.length_b   190.714
_cell.length_c   145.980
_cell.angle_alpha   90.00
_cell.angle_beta   90.00
_cell.angle_gamma   90.00
#
_symmetry.space_group_name_H-M   'C 2 2 21'
#
loop_
_entity.id
_entity.type
_entity.pdbx_description
1 polymer 'KINESIN HEAVY CHAIN'
2 polymer 'KINESIN HEAVY CHAIN'
3 non-polymer "ADENOSINE-5'-DIPHOSPHATE"
4 non-polymer 'MAGNESIUM ION'
5 water water
#
loop_
_entity_poly.entity_id
_entity_poly.type
_entity_poly.pdbx_seq_one_letter_code
_entity_poly.pdbx_strand_id
1 'polypeptide(L)'
;MSAEREIPAEDSIKVVCRFRPLNDSEEKAGSKFVVKFPNNVEENCISIAGKVYLFDKVFKPNASQEKVYNEAAKSIVTDV
LAGYNGTIFAYGQTSSGKTHTMEGVIGDSVKQGIIPRIVNDIFNHIYAMEVNLEFHIKVSYYEIYMDKIRDLLDVSKVNL
SVHEDKNRVPYVKGATERFVSSPEDVFEVIEEGKSNRHIAVTNMNEHSSRSHSVFLINVKQENLENQKKLSGKLYLVDLA
GSEKVSKTGAEGTVLDEAKNINKSLSALGNVISALADGNKTHIPYRDSKLTRILQESLGGNARTTIVICCSPASFNESET
KSTLDFGRRAKTVKNVVCVNEELTAEEWKRRYEKEKEKNARLKGK
;
A,B,C,D
2 'polypeptide(L)' GSGPQAQIAKPIRSGQGATS W,X,Y
#
# COMPACT_ATOMS: atom_id res chain seq x y z
N PRO A 8 -4.39 44.15 -37.53
CA PRO A 8 -5.40 44.99 -36.88
C PRO A 8 -5.91 44.34 -35.58
N ALA A 9 -6.83 43.39 -35.72
CA ALA A 9 -7.19 42.44 -34.67
C ALA A 9 -6.29 41.20 -34.81
N GLU A 10 -5.36 41.29 -35.76
CA GLU A 10 -4.52 40.16 -36.13
C GLU A 10 -3.25 40.11 -35.29
N ASP A 11 -3.07 38.99 -34.62
CA ASP A 11 -2.19 38.98 -33.46
C ASP A 11 -1.29 37.75 -33.53
N SER A 12 0.01 37.96 -33.68
CA SER A 12 0.96 36.86 -33.66
C SER A 12 0.97 36.15 -32.31
N ILE A 13 1.02 34.82 -32.33
CA ILE A 13 1.28 34.10 -31.12
C ILE A 13 2.65 34.58 -30.63
N LYS A 14 2.73 35.07 -29.42
CA LYS A 14 4.04 35.49 -28.90
C LYS A 14 4.82 34.28 -28.45
N VAL A 15 6.12 34.23 -28.76
CA VAL A 15 6.94 33.15 -28.25
C VAL A 15 8.16 33.71 -27.54
N VAL A 16 8.37 33.23 -26.33
CA VAL A 16 9.38 33.74 -25.42
C VAL A 16 10.17 32.48 -25.00
N CYS A 17 11.49 32.59 -24.91
CA CYS A 17 12.35 31.44 -24.71
C CYS A 17 13.11 31.59 -23.40
N ARG A 18 13.07 30.59 -22.52
CA ARG A 18 13.71 30.74 -21.22
C ARG A 18 14.71 29.62 -21.00
N PHE A 19 15.98 29.96 -20.81
CA PHE A 19 17.02 29.01 -20.45
C PHE A 19 17.21 28.98 -18.96
N ARG A 20 17.30 27.81 -18.38
CA ARG A 20 17.61 27.79 -16.95
C ARG A 20 19.12 27.56 -16.79
N PRO A 21 19.68 27.70 -15.56
CA PRO A 21 21.08 27.36 -15.36
C PRO A 21 21.34 25.89 -15.56
N LEU A 22 22.59 25.60 -15.95
CA LEU A 22 23.11 24.25 -15.91
C LEU A 22 22.97 23.67 -14.52
N ASN A 23 22.46 22.45 -14.37
CA ASN A 23 22.29 21.94 -13.01
C ASN A 23 23.32 20.84 -12.66
N ASP A 24 23.22 20.26 -11.46
CA ASP A 24 24.24 19.33 -10.93
C ASP A 24 24.34 18.03 -11.72
N SER A 25 23.21 17.38 -12.00
CA SER A 25 23.25 16.25 -12.91
C SER A 25 23.84 16.62 -14.29
N GLU A 26 23.63 17.84 -14.78
CA GLU A 26 24.29 18.23 -16.03
C GLU A 26 25.81 18.38 -15.90
N GLU A 27 26.29 19.11 -14.89
CA GLU A 27 27.70 19.31 -14.67
C GLU A 27 28.36 17.98 -14.37
N LYS A 28 27.71 17.15 -13.55
CA LYS A 28 28.27 15.86 -13.12
C LYS A 28 28.55 15.03 -14.35
N ALA A 29 27.62 15.06 -15.31
CA ALA A 29 27.78 14.32 -16.54
C ALA A 29 28.72 14.99 -17.54
N GLY A 30 29.37 16.09 -17.14
CA GLY A 30 30.33 16.75 -18.03
C GLY A 30 29.74 17.53 -19.20
N SER A 31 28.56 18.11 -19.01
CA SER A 31 27.97 19.02 -19.99
C SER A 31 28.66 20.36 -20.05
N LYS A 32 28.74 20.89 -21.26
CA LYS A 32 29.17 22.27 -21.45
C LYS A 32 27.95 23.17 -21.67
N PHE A 33 28.12 24.47 -21.45
CA PHE A 33 27.12 25.46 -21.79
C PHE A 33 27.20 25.76 -23.27
N VAL A 34 26.18 25.42 -24.04
CA VAL A 34 26.32 25.46 -25.51
C VAL A 34 25.50 26.52 -26.25
N VAL A 35 25.12 27.60 -25.59
CA VAL A 35 24.11 28.48 -26.14
C VAL A 35 24.70 29.89 -25.96
N LYS A 36 24.39 30.83 -26.85
CA LYS A 36 24.83 32.23 -26.68
C LYS A 36 23.65 33.19 -26.83
N PHE A 37 23.82 34.37 -26.26
CA PHE A 37 22.81 35.43 -26.27
C PHE A 37 23.41 36.72 -26.85
N PRO A 38 23.14 37.00 -28.14
CA PRO A 38 23.68 38.20 -28.75
C PRO A 38 23.17 39.44 -28.01
N ASN A 39 24.05 40.41 -27.78
CA ASN A 39 23.65 41.64 -27.06
C ASN A 39 23.26 42.70 -28.08
N ASN A 40 22.71 43.82 -27.61
CA ASN A 40 22.29 44.89 -28.52
C ASN A 40 21.15 44.57 -29.46
N VAL A 41 20.50 43.42 -29.29
CA VAL A 41 19.32 43.16 -30.08
C VAL A 41 18.08 42.92 -29.21
N GLU A 42 17.87 43.81 -28.23
CA GLU A 42 16.69 43.82 -27.36
C GLU A 42 16.46 42.60 -26.48
N GLU A 43 17.48 41.77 -26.30
CA GLU A 43 17.43 40.46 -25.63
C GLU A 43 16.46 39.49 -26.32
N ASN A 44 16.35 39.58 -27.64
CA ASN A 44 15.36 38.79 -28.39
C ASN A 44 15.97 37.60 -29.11
N CYS A 45 17.26 37.32 -28.91
CA CYS A 45 17.95 36.32 -29.74
C CYS A 45 18.69 35.28 -28.92
N ILE A 46 18.82 34.10 -29.50
CA ILE A 46 19.64 33.09 -28.91
C ILE A 46 20.27 32.32 -30.05
N SER A 47 21.54 31.95 -29.87
CA SER A 47 22.19 31.18 -30.90
CA SER A 47 22.23 31.22 -30.89
C SER A 47 22.70 29.85 -30.37
N ILE A 48 22.50 28.81 -31.15
CA ILE A 48 23.02 27.49 -30.77
C ILE A 48 23.59 26.76 -31.97
N ALA A 49 24.79 26.23 -31.79
CA ALA A 49 25.62 25.72 -32.87
C ALA A 49 25.65 26.65 -34.09
N GLY A 50 25.90 27.94 -33.91
CA GLY A 50 26.07 28.78 -35.09
C GLY A 50 24.76 29.33 -35.62
N LYS A 51 23.61 28.77 -35.22
CA LYS A 51 22.28 29.16 -35.73
C LYS A 51 21.50 30.10 -34.78
N VAL A 52 21.08 31.26 -35.27
CA VAL A 52 20.42 32.26 -34.45
C VAL A 52 18.90 32.13 -34.57
N TYR A 53 18.21 32.23 -33.44
CA TYR A 53 16.75 32.25 -33.47
C TYR A 53 16.30 33.58 -32.90
N LEU A 54 15.18 34.06 -33.45
CA LEU A 54 14.62 35.30 -32.99
C LEU A 54 13.27 34.99 -32.32
N PHE A 55 13.08 35.50 -31.10
CA PHE A 55 11.80 35.29 -30.37
C PHE A 55 11.33 36.65 -29.91
N ASP A 56 10.19 36.71 -29.22
CA ASP A 56 9.68 37.95 -28.68
C ASP A 56 10.46 38.35 -27.45
N LYS A 57 11.13 37.40 -26.81
CA LYS A 57 12.04 37.70 -25.70
C LYS A 57 12.80 36.41 -25.42
N VAL A 58 14.07 36.58 -25.06
CA VAL A 58 14.89 35.47 -24.65
C VAL A 58 15.31 35.82 -23.22
N PHE A 59 15.15 34.87 -22.31
CA PHE A 59 15.61 35.00 -20.92
C PHE A 59 16.79 34.09 -20.68
N LYS A 60 17.83 34.70 -20.15
CA LYS A 60 19.00 33.98 -19.69
C LYS A 60 18.79 33.25 -18.39
N PRO A 61 19.74 32.34 -18.06
CA PRO A 61 19.67 31.54 -16.86
C PRO A 61 19.52 32.43 -15.63
N ASN A 62 20.04 33.65 -15.63
CA ASN A 62 19.88 34.48 -14.43
C ASN A 62 18.56 35.27 -14.34
N ALA A 63 17.68 35.18 -15.36
CA ALA A 63 16.49 36.03 -15.37
C ALA A 63 15.59 35.68 -14.15
N SER A 64 15.12 36.67 -13.39
CA SER A 64 14.24 36.40 -12.24
C SER A 64 12.83 36.07 -12.72
N GLN A 65 12.04 35.47 -11.84
CA GLN A 65 10.61 35.26 -12.07
C GLN A 65 9.89 36.57 -12.36
N GLU A 66 10.25 37.60 -11.63
CA GLU A 66 9.58 38.92 -11.88
C GLU A 66 9.82 39.51 -13.28
N LYS A 67 11.05 39.34 -13.74
CA LYS A 67 11.40 39.73 -15.09
C LYS A 67 10.65 38.92 -16.12
N VAL A 68 10.61 37.61 -15.92
CA VAL A 68 9.88 36.76 -16.88
C VAL A 68 8.40 37.20 -16.89
N TYR A 69 7.83 37.38 -15.69
CA TYR A 69 6.45 37.80 -15.64
C TYR A 69 6.21 39.14 -16.35
N ASN A 70 7.06 40.11 -16.05
CA ASN A 70 6.88 41.45 -16.59
C ASN A 70 6.95 41.44 -18.10
N GLU A 71 7.68 40.51 -18.69
CA GLU A 71 7.73 40.43 -20.15
CA GLU A 71 7.72 40.41 -20.16
C GLU A 71 6.79 39.39 -20.78
N ALA A 72 6.74 38.19 -20.24
CA ALA A 72 5.89 37.20 -20.88
C ALA A 72 4.40 37.41 -20.57
N ALA A 73 4.08 37.99 -19.43
CA ALA A 73 2.75 37.76 -18.90
C ALA A 73 1.91 38.95 -18.51
N LYS A 74 2.53 39.99 -17.96
CA LYS A 74 1.79 41.03 -17.32
C LYS A 74 0.66 41.54 -18.22
N SER A 75 0.99 41.89 -19.47
CA SER A 75 0.04 42.37 -20.46
CA SER A 75 -0.02 42.46 -20.35
C SER A 75 -1.31 41.66 -20.37
N ILE A 76 -1.21 40.37 -20.10
CA ILE A 76 -2.35 39.47 -20.17
C ILE A 76 -3.42 39.82 -19.11
N VAL A 77 -3.03 40.31 -17.94
CA VAL A 77 -4.05 40.59 -16.96
CA VAL A 77 -4.00 40.65 -16.91
C VAL A 77 -4.81 41.84 -17.37
N THR A 78 -4.11 42.84 -17.87
CA THR A 78 -4.75 44.03 -18.39
C THR A 78 -5.71 43.67 -19.55
N ASP A 79 -5.28 42.78 -20.43
CA ASP A 79 -6.13 42.30 -21.51
C ASP A 79 -7.39 41.57 -21.04
N VAL A 80 -7.23 40.65 -20.09
CA VAL A 80 -8.36 39.85 -19.64
CA VAL A 80 -8.38 39.85 -19.65
C VAL A 80 -9.37 40.81 -19.00
N LEU A 81 -8.86 41.82 -18.30
CA LEU A 81 -9.70 42.80 -17.64
C LEU A 81 -10.39 43.77 -18.60
N ALA A 82 -9.93 43.77 -19.85
CA ALA A 82 -10.56 44.51 -20.92
C ALA A 82 -11.42 43.61 -21.78
N GLY A 83 -11.60 42.34 -21.41
CA GLY A 83 -12.43 41.45 -22.22
C GLY A 83 -11.75 40.64 -23.32
N TYR A 84 -10.44 40.51 -23.29
CA TYR A 84 -9.80 39.54 -24.20
C TYR A 84 -9.59 38.18 -23.54
N ASN A 85 -9.75 37.10 -24.31
CA ASN A 85 -9.15 35.82 -23.90
C ASN A 85 -7.61 35.86 -23.90
N GLY A 86 -6.98 35.19 -22.91
CA GLY A 86 -5.54 35.15 -22.76
C GLY A 86 -5.10 33.71 -22.50
N THR A 87 -3.98 33.30 -23.09
CA THR A 87 -3.45 31.96 -22.84
C THR A 87 -1.93 32.02 -22.71
N ILE A 88 -1.40 31.41 -21.67
CA ILE A 88 0.02 31.18 -21.57
C ILE A 88 0.25 29.70 -21.30
N PHE A 89 1.10 29.09 -22.13
CA PHE A 89 1.57 27.76 -21.82
C PHE A 89 3.08 27.56 -21.82
N ALA A 90 3.53 26.58 -21.04
CA ALA A 90 4.96 26.34 -21.01
C ALA A 90 5.22 25.01 -21.65
N TYR A 91 6.31 24.95 -22.43
CA TYR A 91 6.57 23.84 -23.36
C TYR A 91 8.06 23.57 -23.20
N GLY A 92 8.44 22.30 -23.18
CA GLY A 92 9.86 21.93 -23.14
C GLY A 92 10.05 20.58 -22.52
N GLN A 93 11.30 20.12 -22.53
CA GLN A 93 11.57 18.75 -22.13
C GLN A 93 11.50 18.74 -20.62
N THR A 94 11.23 17.56 -20.08
CA THR A 94 11.21 17.38 -18.66
C THR A 94 12.51 17.90 -18.06
N SER A 95 12.37 18.60 -16.93
CA SER A 95 13.48 19.24 -16.21
CA SER A 95 13.44 19.26 -16.19
C SER A 95 13.96 20.58 -16.79
N SER A 96 13.39 21.04 -17.89
CA SER A 96 13.80 22.31 -18.48
C SER A 96 13.32 23.60 -17.75
N GLY A 97 12.24 23.53 -16.99
CA GLY A 97 11.78 24.67 -16.19
C GLY A 97 10.31 25.07 -16.32
N LYS A 98 9.48 24.19 -16.90
CA LYS A 98 8.05 24.55 -17.12
C LYS A 98 7.26 24.87 -15.84
N THR A 99 7.40 24.02 -14.82
CA THR A 99 6.68 24.22 -13.56
C THR A 99 7.26 25.39 -12.78
N HIS A 100 8.58 25.50 -12.81
CA HIS A 100 9.21 26.64 -12.17
C HIS A 100 8.72 27.96 -12.80
N THR A 101 8.53 27.96 -14.12
CA THR A 101 8.05 29.11 -14.83
C THR A 101 6.56 29.37 -14.53
N MET A 102 5.73 28.33 -14.61
CA MET A 102 4.29 28.53 -14.54
C MET A 102 3.80 28.72 -13.09
N GLU A 103 4.37 27.98 -12.17
CA GLU A 103 3.95 28.05 -10.79
C GLU A 103 5.06 28.61 -9.86
N GLY A 104 6.30 28.18 -10.05
CA GLY A 104 7.41 28.53 -9.18
C GLY A 104 7.11 28.11 -7.74
N VAL A 105 7.66 28.82 -6.75
CA VAL A 105 7.38 28.51 -5.35
C VAL A 105 6.38 29.51 -4.84
N ILE A 106 5.15 29.01 -4.67
CA ILE A 106 4.02 29.84 -4.29
C ILE A 106 4.29 30.37 -2.89
N GLY A 107 4.11 31.65 -2.69
CA GLY A 107 4.33 32.16 -1.35
C GLY A 107 5.74 32.71 -1.15
N ASP A 108 6.72 32.27 -1.95
CA ASP A 108 8.04 32.94 -1.93
C ASP A 108 7.97 34.18 -2.77
N SER A 109 8.36 35.32 -2.20
CA SER A 109 8.30 36.55 -2.95
C SER A 109 9.25 36.54 -4.14
N VAL A 110 10.38 35.90 -4.05
CA VAL A 110 11.24 35.97 -5.21
C VAL A 110 10.89 34.91 -6.26
N LYS A 111 10.53 33.70 -5.82
CA LYS A 111 10.53 32.55 -6.73
C LYS A 111 9.14 32.12 -7.21
N GLN A 112 8.11 32.85 -6.77
CA GLN A 112 6.75 32.63 -7.25
C GLN A 112 6.78 32.91 -8.74
N GLY A 113 6.10 32.03 -9.48
CA GLY A 113 6.02 32.00 -10.92
C GLY A 113 4.88 32.83 -11.46
N ILE A 114 4.59 32.63 -12.75
CA ILE A 114 3.56 33.36 -13.46
C ILE A 114 2.11 33.29 -12.92
N ILE A 115 1.65 32.07 -12.58
CA ILE A 115 0.28 31.94 -12.05
C ILE A 115 -0.01 32.77 -10.78
N PRO A 116 0.83 32.64 -9.75
CA PRO A 116 0.50 33.43 -8.55
C PRO A 116 0.66 34.93 -8.77
N ARG A 117 1.54 35.31 -9.68
CA ARG A 117 1.72 36.74 -9.91
C ARG A 117 0.48 37.22 -10.65
N ILE A 118 -0.01 36.43 -11.59
CA ILE A 118 -1.20 36.78 -12.32
C ILE A 118 -2.40 36.92 -11.36
N VAL A 119 -2.49 35.99 -10.43
CA VAL A 119 -3.57 36.02 -9.46
C VAL A 119 -3.54 37.29 -8.61
N ASN A 120 -2.40 37.58 -7.99
CA ASN A 120 -2.27 38.83 -7.27
C ASN A 120 -2.54 40.05 -8.11
N ASP A 121 -2.06 40.06 -9.35
CA ASP A 121 -2.28 41.23 -10.22
C ASP A 121 -3.74 41.42 -10.61
N ILE A 122 -4.47 40.37 -10.89
CA ILE A 122 -5.87 40.54 -11.20
C ILE A 122 -6.59 41.32 -10.09
N PHE A 123 -6.38 40.90 -8.86
CA PHE A 123 -7.06 41.51 -7.76
C PHE A 123 -6.48 42.92 -7.46
N ASN A 124 -5.16 43.12 -7.46
CA ASN A 124 -4.63 44.50 -7.40
C ASN A 124 -5.21 45.42 -8.44
N HIS A 125 -5.38 44.97 -9.68
CA HIS A 125 -5.96 45.87 -10.69
C HIS A 125 -7.41 46.19 -10.36
N ILE A 126 -8.17 45.19 -9.94
CA ILE A 126 -9.58 45.43 -9.67
C ILE A 126 -9.71 46.44 -8.54
N TYR A 127 -8.97 46.25 -7.46
CA TYR A 127 -9.02 47.12 -6.30
C TYR A 127 -8.66 48.58 -6.63
N ALA A 128 -7.84 48.77 -7.65
CA ALA A 128 -7.37 50.09 -8.05
C ALA A 128 -8.21 50.72 -9.15
N MET A 129 -9.22 50.03 -9.65
CA MET A 129 -10.15 50.66 -10.58
C MET A 129 -11.10 51.65 -9.91
N GLU A 130 -11.39 52.74 -10.61
CA GLU A 130 -12.40 53.67 -10.15
C GLU A 130 -13.74 53.27 -10.76
N VAL A 131 -13.82 53.16 -12.09
CA VAL A 131 -15.05 52.71 -12.75
C VAL A 131 -15.92 51.77 -11.88
N ASN A 132 -17.23 51.99 -11.84
CA ASN A 132 -18.12 51.19 -11.00
C ASN A 132 -18.44 49.83 -11.66
N LEU A 133 -17.61 48.84 -11.38
CA LEU A 133 -17.58 47.60 -12.11
C LEU A 133 -17.87 46.44 -11.17
N GLU A 134 -18.46 45.38 -11.70
CA GLU A 134 -18.69 44.20 -10.92
C GLU A 134 -18.07 43.02 -11.63
N PHE A 135 -17.18 42.34 -10.92
CA PHE A 135 -16.42 41.19 -11.45
C PHE A 135 -16.89 39.84 -10.92
N HIS A 136 -17.06 38.86 -11.79
CA HIS A 136 -17.43 37.49 -11.42
C HIS A 136 -16.32 36.62 -11.94
N ILE A 137 -15.62 35.97 -11.01
CA ILE A 137 -14.42 35.23 -11.29
C ILE A 137 -14.56 33.78 -10.86
N LYS A 138 -14.35 32.85 -11.80
CA LYS A 138 -14.35 31.46 -11.38
C LYS A 138 -13.20 30.68 -11.99
N VAL A 139 -12.73 29.69 -11.24
CA VAL A 139 -11.53 28.98 -11.66
CA VAL A 139 -11.51 28.97 -11.59
C VAL A 139 -11.81 27.48 -11.77
N SER A 140 -11.15 26.85 -12.72
CA SER A 140 -11.18 25.39 -12.87
C SER A 140 -9.72 25.00 -12.94
N TYR A 141 -9.49 23.75 -12.58
CA TYR A 141 -8.16 23.22 -12.46
C TYR A 141 -8.31 21.73 -12.74
N TYR A 142 -7.73 21.31 -13.85
CA TYR A 142 -7.81 19.91 -14.19
C TYR A 142 -6.54 19.41 -14.86
N GLU A 143 -6.44 18.09 -14.95
CA GLU A 143 -5.28 17.41 -15.52
C GLU A 143 -5.69 16.62 -16.77
N ILE A 144 -4.78 16.49 -17.72
CA ILE A 144 -5.01 15.65 -18.87
C ILE A 144 -3.86 14.67 -18.91
N TYR A 145 -4.21 13.37 -18.94
CA TYR A 145 -3.21 12.31 -18.90
C TYR A 145 -3.63 11.20 -19.84
N MET A 146 -2.82 10.89 -20.84
CA MET A 146 -3.20 9.89 -21.83
C MET A 146 -4.51 10.27 -22.47
N ASP A 147 -4.68 11.54 -22.83
CA ASP A 147 -5.92 12.01 -23.45
C ASP A 147 -7.19 11.79 -22.59
N LYS A 148 -7.03 11.63 -21.28
CA LYS A 148 -8.20 11.63 -20.39
C LYS A 148 -8.14 12.79 -19.36
N ILE A 149 -9.30 13.35 -19.05
CA ILE A 149 -9.35 14.49 -18.19
C ILE A 149 -9.82 14.13 -16.80
N ARG A 150 -8.99 14.50 -15.81
CA ARG A 150 -9.39 14.38 -14.39
C ARG A 150 -9.56 15.77 -13.80
N ASP A 151 -10.71 16.01 -13.16
CA ASP A 151 -10.98 17.27 -12.46
C ASP A 151 -10.15 17.30 -11.16
N LEU A 152 -9.23 18.25 -10.98
CA LEU A 152 -8.43 18.30 -9.74
C LEU A 152 -9.17 18.85 -8.52
N LEU A 153 -10.31 19.46 -8.75
CA LEU A 153 -11.16 19.98 -7.68
C LEU A 153 -12.37 19.07 -7.37
N ASP A 154 -12.48 17.91 -8.02
CA ASP A 154 -13.54 17.00 -7.61
C ASP A 154 -13.20 15.62 -8.07
N VAL A 155 -12.73 14.86 -7.09
CA VAL A 155 -12.21 13.50 -7.30
CA VAL A 155 -12.20 13.51 -7.31
C VAL A 155 -13.19 12.52 -7.95
N SER A 156 -14.49 12.77 -7.85
CA SER A 156 -15.38 11.82 -8.52
C SER A 156 -15.51 12.08 -10.03
N LYS A 157 -15.12 13.27 -10.48
CA LYS A 157 -15.16 13.64 -11.90
C LYS A 157 -13.85 13.27 -12.60
N VAL A 158 -13.85 12.03 -13.04
CA VAL A 158 -12.80 11.55 -13.89
C VAL A 158 -13.46 11.28 -15.26
N ASN A 159 -12.62 11.07 -16.27
CA ASN A 159 -13.01 10.91 -17.67
C ASN A 159 -14.04 11.91 -18.16
N LEU A 160 -13.74 13.18 -17.97
CA LEU A 160 -14.66 14.20 -18.48
C LEU A 160 -14.51 14.36 -19.98
N SER A 161 -15.57 14.89 -20.58
CA SER A 161 -15.63 15.17 -22.02
C SER A 161 -15.48 16.61 -22.41
N VAL A 162 -15.00 16.79 -23.63
CA VAL A 162 -14.91 18.12 -24.20
C VAL A 162 -16.17 18.36 -25.05
N HIS A 163 -16.85 19.48 -24.82
CA HIS A 163 -18.07 19.84 -25.57
C HIS A 163 -17.83 21.23 -26.10
N GLU A 164 -18.76 21.74 -26.92
CA GLU A 164 -18.64 23.06 -27.52
C GLU A 164 -19.97 23.77 -27.30
N ASP A 165 -19.92 25.01 -26.82
CA ASP A 165 -21.18 25.65 -26.44
C ASP A 165 -21.85 26.40 -27.59
N LYS A 166 -22.85 27.21 -27.24
CA LYS A 166 -23.73 27.86 -28.22
C LYS A 166 -22.97 28.65 -29.28
N ASN A 167 -22.16 29.61 -28.85
CA ASN A 167 -21.78 30.70 -29.74
C ASN A 167 -20.31 30.97 -30.10
N ARG A 168 -19.44 29.96 -30.08
CA ARG A 168 -19.71 28.59 -29.67
C ARG A 168 -18.71 28.05 -28.61
N VAL A 169 -17.43 27.91 -28.94
CA VAL A 169 -16.39 27.74 -27.92
C VAL A 169 -16.43 26.44 -27.09
N PRO A 170 -15.36 25.65 -27.14
CA PRO A 170 -15.26 24.43 -26.35
C PRO A 170 -15.28 24.67 -24.83
N TYR A 171 -15.54 23.59 -24.08
CA TYR A 171 -15.44 23.59 -22.64
C TYR A 171 -15.38 22.15 -22.19
N VAL A 172 -14.83 21.91 -21.00
CA VAL A 172 -14.78 20.58 -20.42
C VAL A 172 -16.08 20.48 -19.64
N LYS A 173 -16.99 19.60 -20.08
CA LYS A 173 -18.30 19.53 -19.45
C LYS A 173 -18.18 18.84 -18.10
N GLY A 174 -18.77 19.42 -17.08
CA GLY A 174 -18.74 18.77 -15.77
C GLY A 174 -17.58 19.25 -14.94
N ALA A 175 -16.62 19.99 -15.49
CA ALA A 175 -15.43 20.39 -14.69
C ALA A 175 -15.85 21.36 -13.59
N THR A 176 -15.37 21.19 -12.36
CA THR A 176 -15.68 22.22 -11.36
C THR A 176 -15.32 23.65 -11.77
N GLU A 177 -16.16 24.57 -11.32
CA GLU A 177 -15.99 25.97 -11.52
C GLU A 177 -16.13 26.63 -10.17
N ARG A 178 -15.04 27.08 -9.59
CA ARG A 178 -15.12 27.58 -8.22
C ARG A 178 -15.08 29.12 -8.20
N PHE A 179 -16.10 29.74 -7.61
CA PHE A 179 -16.11 31.19 -7.51
C PHE A 179 -15.08 31.64 -6.52
N VAL A 180 -14.36 32.68 -6.87
CA VAL A 180 -13.34 33.21 -5.98
C VAL A 180 -13.52 34.70 -5.88
N SER A 181 -13.13 35.29 -4.77
CA SER A 181 -13.32 36.72 -4.66
C SER A 181 -12.14 37.30 -3.91
N SER A 182 -11.05 36.56 -3.76
CA SER A 182 -9.80 37.17 -3.32
C SER A 182 -8.62 36.27 -3.69
N PRO A 183 -7.39 36.81 -3.62
CA PRO A 183 -6.23 36.00 -4.01
C PRO A 183 -6.15 34.81 -3.06
N GLU A 184 -6.48 35.01 -1.79
CA GLU A 184 -6.50 33.91 -0.82
C GLU A 184 -7.41 32.74 -1.26
N ASP A 185 -8.62 33.04 -1.75
CA ASP A 185 -9.55 32.03 -2.26
C ASP A 185 -8.88 31.30 -3.44
N VAL A 186 -8.24 32.04 -4.36
CA VAL A 186 -7.57 31.33 -5.44
C VAL A 186 -6.48 30.37 -4.97
N PHE A 187 -5.57 30.83 -4.10
CA PHE A 187 -4.51 29.95 -3.63
C PHE A 187 -5.00 28.75 -2.82
N GLU A 188 -6.16 28.88 -2.14
CA GLU A 188 -6.79 27.71 -1.51
C GLU A 188 -7.17 26.67 -2.57
N VAL A 189 -7.78 27.12 -3.66
CA VAL A 189 -8.20 26.28 -4.77
C VAL A 189 -6.96 25.61 -5.36
N ILE A 190 -5.89 26.38 -5.53
CA ILE A 190 -4.67 25.77 -6.09
C ILE A 190 -4.10 24.68 -5.19
N GLU A 191 -4.04 24.95 -3.89
CA GLU A 191 -3.63 23.92 -2.95
C GLU A 191 -4.51 22.67 -2.97
N GLU A 192 -5.81 22.84 -3.09
CA GLU A 192 -6.77 21.72 -3.15
C GLU A 192 -6.53 20.87 -4.39
N GLY A 193 -6.36 21.54 -5.54
CA GLY A 193 -5.98 20.89 -6.79
C GLY A 193 -4.70 20.09 -6.71
N LYS A 194 -3.62 20.73 -6.26
CA LYS A 194 -2.33 20.06 -6.15
C LYS A 194 -2.40 18.82 -5.27
N SER A 195 -3.07 18.94 -4.12
CA SER A 195 -3.23 17.84 -3.21
C SER A 195 -4.05 16.70 -3.89
N ASN A 196 -5.17 17.01 -4.56
CA ASN A 196 -5.97 15.97 -5.25
C ASN A 196 -5.22 15.29 -6.35
N ARG A 197 -4.31 16.03 -6.97
CA ARG A 197 -3.56 15.44 -8.05
C ARG A 197 -2.81 14.20 -7.56
N HIS A 198 -2.40 14.19 -6.30
CA HIS A 198 -1.67 13.04 -5.75
C HIS A 198 -2.50 11.76 -5.58
N ILE A 199 -3.83 11.81 -5.61
CA ILE A 199 -4.64 10.58 -5.47
C ILE A 199 -4.32 9.56 -6.56
N ALA A 200 -3.99 8.33 -6.18
CA ALA A 200 -3.71 7.25 -7.14
C ALA A 200 -2.42 7.50 -7.92
N VAL A 201 -1.59 8.43 -7.46
CA VAL A 201 -0.33 8.64 -8.16
C VAL A 201 0.78 8.22 -7.21
N THR A 202 1.61 7.28 -7.63
CA THR A 202 2.68 6.78 -6.74
C THR A 202 3.96 7.63 -6.77
N ASN A 203 4.18 8.36 -7.87
CA ASN A 203 5.39 9.20 -8.04
C ASN A 203 5.00 10.47 -8.84
N MET A 204 4.75 11.58 -8.16
CA MET A 204 4.34 12.84 -8.81
C MET A 204 5.35 13.37 -9.81
N ASN A 205 6.63 13.25 -9.49
CA ASN A 205 7.70 13.73 -10.37
C ASN A 205 7.56 13.06 -11.74
N GLU A 206 7.36 11.74 -11.77
CA GLU A 206 7.18 11.06 -13.04
C GLU A 206 5.81 11.33 -13.63
N HIS A 207 4.76 11.26 -12.81
CA HIS A 207 3.43 11.46 -13.38
C HIS A 207 3.20 12.87 -13.91
N SER A 208 3.60 13.91 -13.14
CA SER A 208 3.50 15.30 -13.64
C SER A 208 4.32 15.57 -14.90
N SER A 209 5.41 14.80 -15.07
CA SER A 209 6.22 14.97 -16.28
C SER A 209 5.55 14.44 -17.55
N ARG A 210 4.51 13.64 -17.37
CA ARG A 210 3.79 12.99 -18.46
C ARG A 210 2.34 13.43 -18.63
N SER A 211 1.88 14.42 -17.86
CA SER A 211 0.50 14.92 -18.00
C SER A 211 0.50 16.43 -18.06
N HIS A 212 -0.63 17.01 -18.46
CA HIS A 212 -0.77 18.43 -18.73
C HIS A 212 -1.64 18.97 -17.62
N SER A 213 -1.19 20.05 -17.01
CA SER A 213 -1.92 20.66 -15.90
C SER A 213 -2.57 21.94 -16.41
N VAL A 214 -3.88 22.07 -16.25
CA VAL A 214 -4.58 23.17 -16.91
C VAL A 214 -5.24 24.00 -15.82
N PHE A 215 -4.86 25.28 -15.75
CA PHE A 215 -5.50 26.17 -14.79
C PHE A 215 -6.28 27.24 -15.57
N LEU A 216 -7.59 27.34 -15.32
CA LEU A 216 -8.44 28.26 -16.06
C LEU A 216 -9.07 29.34 -15.14
N ILE A 217 -8.90 30.61 -15.48
CA ILE A 217 -9.52 31.68 -14.68
C ILE A 217 -10.49 32.32 -15.66
N ASN A 218 -11.76 32.25 -15.32
CA ASN A 218 -12.78 32.89 -16.11
C ASN A 218 -13.23 34.20 -15.45
N VAL A 219 -13.11 35.31 -16.15
CA VAL A 219 -13.31 36.63 -15.57
C VAL A 219 -14.41 37.35 -16.35
N LYS A 220 -15.59 37.47 -15.75
CA LYS A 220 -16.66 38.28 -16.34
C LYS A 220 -16.82 39.57 -15.55
N GLN A 221 -17.29 40.58 -16.26
CA GLN A 221 -17.48 41.86 -15.63
C GLN A 221 -18.75 42.48 -16.21
N GLU A 222 -19.44 43.19 -15.34
CA GLU A 222 -20.57 44.00 -15.73
C GLU A 222 -20.22 45.45 -15.33
N ASN A 223 -20.38 46.37 -16.29
CA ASN A 223 -20.21 47.79 -16.01
C ASN A 223 -21.56 48.26 -15.49
N LEU A 224 -21.60 48.76 -14.25
CA LEU A 224 -22.89 49.13 -13.66
C LEU A 224 -23.47 50.46 -14.17
N GLU A 225 -22.67 51.29 -14.83
CA GLU A 225 -23.17 52.56 -15.36
C GLU A 225 -23.81 52.40 -16.73
N ASN A 226 -23.20 51.60 -17.60
CA ASN A 226 -23.71 51.47 -18.96
C ASN A 226 -24.16 50.06 -19.36
N GLN A 227 -24.22 49.14 -18.39
CA GLN A 227 -24.63 47.76 -18.65
C GLN A 227 -23.78 46.96 -19.65
N LYS A 228 -22.62 47.49 -20.05
CA LYS A 228 -21.68 46.73 -20.92
C LYS A 228 -21.14 45.50 -20.19
N LYS A 229 -21.30 44.32 -20.79
CA LYS A 229 -20.79 43.08 -20.21
C LYS A 229 -19.62 42.58 -21.05
N LEU A 230 -18.48 42.35 -20.39
CA LEU A 230 -17.23 41.83 -21.00
C LEU A 230 -16.85 40.54 -20.28
N SER A 231 -16.23 39.62 -21.03
CA SER A 231 -15.65 38.40 -20.49
C SER A 231 -14.36 38.02 -21.20
N GLY A 232 -13.51 37.30 -20.48
CA GLY A 232 -12.21 36.88 -20.98
C GLY A 232 -11.83 35.63 -20.20
N LYS A 233 -11.34 34.61 -20.89
CA LYS A 233 -10.83 33.39 -20.26
C LYS A 233 -9.31 33.41 -20.29
N LEU A 234 -8.69 33.08 -19.16
CA LEU A 234 -7.24 33.00 -19.02
CA LEU A 234 -7.23 32.99 -19.04
C LEU A 234 -6.85 31.54 -18.83
N TYR A 235 -6.27 30.91 -19.84
CA TYR A 235 -5.77 29.54 -19.66
C TYR A 235 -4.28 29.51 -19.34
N LEU A 236 -3.89 28.84 -18.26
CA LEU A 236 -2.52 28.79 -17.80
C LEU A 236 -2.14 27.32 -17.70
N VAL A 237 -1.27 26.87 -18.60
CA VAL A 237 -1.05 25.46 -18.84
C VAL A 237 0.41 25.04 -18.71
N ASP A 238 0.66 24.02 -17.90
CA ASP A 238 2.00 23.47 -17.72
C ASP A 238 1.92 22.09 -18.43
N LEU A 239 2.59 21.92 -19.57
CA LEU A 239 2.38 20.76 -20.48
C LEU A 239 3.27 19.63 -20.06
N ALA A 240 2.93 18.44 -20.54
CA ALA A 240 3.77 17.26 -20.36
C ALA A 240 5.10 17.53 -21.07
N GLY A 241 6.14 16.79 -20.72
CA GLY A 241 7.47 17.02 -21.30
C GLY A 241 7.42 16.76 -22.80
N SER A 242 8.22 17.50 -23.57
CA SER A 242 8.21 17.40 -25.04
C SER A 242 9.22 16.36 -25.55
N GLU A 243 9.96 15.70 -24.68
CA GLU A 243 10.96 14.72 -25.15
C GLU A 243 10.40 13.46 -25.81
N LYS A 244 11.20 12.81 -26.65
CA LYS A 244 10.94 11.46 -27.18
C LYS A 244 11.42 10.36 -26.27
N ILE A 261 6.87 10.36 -26.97
CA ILE A 261 6.56 11.69 -27.50
C ILE A 261 5.08 11.99 -27.36
N ASN A 262 4.65 12.35 -26.15
CA ASN A 262 3.25 12.34 -25.73
C ASN A 262 2.29 12.59 -26.87
N LYS A 263 1.35 11.67 -27.05
CA LYS A 263 0.39 11.79 -28.15
C LYS A 263 -0.27 13.17 -28.28
N SER A 264 -0.63 13.83 -27.18
CA SER A 264 -1.17 15.20 -27.27
C SER A 264 -0.17 16.26 -27.77
N LEU A 265 1.13 16.01 -27.54
CA LEU A 265 2.17 16.92 -28.00
C LEU A 265 2.46 16.76 -29.49
N SER A 266 2.41 15.52 -29.97
CA SER A 266 2.34 15.30 -31.44
C SER A 266 1.19 16.11 -32.04
N ALA A 267 0.00 16.01 -31.45
CA ALA A 267 -1.13 16.78 -31.94
C ALA A 267 -0.91 18.28 -31.92
N LEU A 268 -0.26 18.76 -30.85
CA LEU A 268 0.04 20.18 -30.69
C LEU A 268 1.01 20.64 -31.82
N GLY A 269 2.04 19.86 -32.10
CA GLY A 269 2.99 20.12 -33.19
C GLY A 269 2.33 20.06 -34.56
N ASN A 270 1.44 19.10 -34.79
CA ASN A 270 0.72 19.00 -36.09
C ASN A 270 -0.20 20.18 -36.31
N VAL A 271 -0.80 20.65 -35.22
CA VAL A 271 -1.63 21.84 -35.26
C VAL A 271 -0.78 23.06 -35.63
N ILE A 272 0.29 23.28 -34.89
CA ILE A 272 1.14 24.45 -35.15
C ILE A 272 1.66 24.34 -36.61
N SER A 273 2.16 23.16 -36.99
CA SER A 273 2.68 22.93 -38.35
C SER A 273 1.64 23.25 -39.41
N ALA A 274 0.39 22.90 -39.16
CA ALA A 274 -0.66 23.20 -40.14
C ALA A 274 -1.00 24.68 -40.24
N LEU A 275 -1.03 25.36 -39.10
CA LEU A 275 -1.38 26.77 -39.08
C LEU A 275 -0.21 27.56 -39.68
N ALA A 276 1.00 27.11 -39.35
CA ALA A 276 2.24 27.70 -39.84
C ALA A 276 2.40 27.54 -41.35
N ASP A 277 2.12 26.36 -41.90
CA ASP A 277 2.10 26.19 -43.36
C ASP A 277 0.94 26.98 -43.92
N GLY A 278 -0.18 26.98 -43.21
CA GLY A 278 -1.34 27.83 -43.49
C GLY A 278 -2.08 27.32 -44.71
N ASN A 279 -1.49 26.29 -45.33
CA ASN A 279 -1.93 25.71 -46.58
C ASN A 279 -2.51 24.31 -46.39
N LYS A 280 -3.56 24.24 -45.58
CA LYS A 280 -4.39 23.04 -45.44
C LYS A 280 -5.73 23.53 -44.92
N THR A 281 -6.80 22.87 -45.36
CA THR A 281 -8.16 23.27 -44.98
C THR A 281 -8.48 22.78 -43.58
N HIS A 282 -7.79 21.69 -43.22
CA HIS A 282 -8.04 20.92 -42.01
C HIS A 282 -6.87 21.08 -41.01
N ILE A 283 -7.14 21.83 -39.95
CA ILE A 283 -6.22 21.92 -38.82
C ILE A 283 -6.66 20.83 -37.87
N PRO A 284 -5.74 19.92 -37.51
CA PRO A 284 -6.18 18.75 -36.75
C PRO A 284 -6.44 19.04 -35.24
N TYR A 285 -7.20 20.09 -34.93
CA TYR A 285 -7.56 20.34 -33.53
C TYR A 285 -8.15 19.16 -32.76
N ARG A 286 -8.90 18.29 -33.44
CA ARG A 286 -9.65 17.19 -32.83
C ARG A 286 -8.78 15.98 -32.55
N ASP A 287 -7.52 16.05 -32.94
CA ASP A 287 -6.58 14.98 -32.68
C ASP A 287 -6.27 14.75 -31.20
N SER A 288 -6.60 15.70 -30.33
CA SER A 288 -6.41 15.47 -28.88
C SER A 288 -7.38 16.35 -28.12
N LYS A 289 -7.76 15.94 -26.92
CA LYS A 289 -8.53 16.85 -26.04
C LYS A 289 -7.79 18.15 -25.75
N LEU A 290 -6.45 18.11 -25.62
CA LEU A 290 -5.62 19.29 -25.34
C LEU A 290 -5.81 20.33 -26.45
N THR A 291 -5.64 19.90 -27.70
CA THR A 291 -5.76 20.82 -28.85
C THR A 291 -7.15 21.23 -29.22
N ARG A 292 -8.12 20.45 -28.73
CA ARG A 292 -9.50 20.89 -28.82
C ARG A 292 -9.73 21.99 -27.78
N ILE A 293 -9.21 21.80 -26.57
CA ILE A 293 -9.42 22.80 -25.55
C ILE A 293 -8.65 24.06 -25.92
N LEU A 294 -7.46 23.91 -26.47
CA LEU A 294 -6.69 25.10 -26.83
C LEU A 294 -7.02 25.68 -28.22
N GLN A 295 -8.11 25.25 -28.82
CA GLN A 295 -8.36 25.53 -30.24
C GLN A 295 -8.34 27.03 -30.47
N GLU A 296 -9.04 27.76 -29.62
CA GLU A 296 -9.00 29.21 -29.73
C GLU A 296 -7.63 29.86 -29.52
N SER A 297 -6.85 29.22 -28.63
CA SER A 297 -5.49 29.70 -28.33
C SER A 297 -4.56 29.49 -29.52
N LEU A 298 -4.88 28.51 -30.37
CA LEU A 298 -4.04 28.19 -31.52
C LEU A 298 -4.72 28.60 -32.83
N GLY A 299 -4.57 29.86 -33.21
CA GLY A 299 -5.17 30.41 -34.44
C GLY A 299 -6.56 31.03 -34.32
N GLY A 300 -7.06 31.20 -33.09
CA GLY A 300 -8.42 31.71 -32.84
C GLY A 300 -8.41 33.00 -32.04
N ASN A 301 -9.44 33.17 -31.23
CA ASN A 301 -9.70 34.41 -30.53
C ASN A 301 -9.12 34.41 -29.12
N ALA A 302 -7.78 34.45 -29.01
CA ALA A 302 -7.07 34.68 -27.76
C ALA A 302 -5.68 35.25 -28.04
N ARG A 303 -5.16 35.97 -27.06
CA ARG A 303 -3.80 36.44 -27.12
CA ARG A 303 -3.79 36.46 -27.07
C ARG A 303 -2.98 35.36 -26.42
N THR A 304 -2.12 34.70 -27.17
CA THR A 304 -1.38 33.55 -26.69
C THR A 304 0.11 33.87 -26.59
N THR A 305 0.71 33.47 -25.47
CA THR A 305 2.15 33.43 -25.27
C THR A 305 2.58 32.00 -24.93
N ILE A 306 3.56 31.51 -25.68
CA ILE A 306 4.20 30.25 -25.34
C ILE A 306 5.56 30.55 -24.73
N VAL A 307 5.82 30.07 -23.52
CA VAL A 307 7.15 30.03 -22.96
C VAL A 307 7.78 28.69 -23.31
N ILE A 308 8.77 28.70 -24.22
CA ILE A 308 9.54 27.47 -24.40
C ILE A 308 10.66 27.47 -23.38
N CYS A 309 10.80 26.38 -22.63
CA CYS A 309 11.81 26.27 -21.60
C CYS A 309 12.93 25.33 -22.08
N CYS A 310 14.18 25.70 -21.87
CA CYS A 310 15.32 24.94 -22.43
C CYS A 310 16.46 24.81 -21.44
N SER A 311 17.12 23.67 -21.45
CA SER A 311 18.36 23.51 -20.74
C SER A 311 19.48 24.04 -21.66
N PRO A 312 20.54 24.66 -21.12
CA PRO A 312 21.70 25.11 -21.92
C PRO A 312 22.81 24.05 -22.09
N ALA A 313 22.55 22.82 -21.66
CA ALA A 313 23.58 21.79 -21.53
C ALA A 313 23.81 21.08 -22.86
N SER A 314 25.09 20.82 -23.18
CA SER A 314 25.41 20.08 -24.38
C SER A 314 24.73 18.71 -24.42
N PHE A 315 24.66 18.06 -23.28
CA PHE A 315 23.95 16.80 -23.15
C PHE A 315 22.51 16.83 -23.72
N ASN A 316 21.83 17.98 -23.59
CA ASN A 316 20.41 18.08 -24.02
C ASN A 316 20.17 18.84 -25.33
N GLU A 317 21.27 19.17 -26.00
CA GLU A 317 21.27 19.98 -27.21
C GLU A 317 20.28 19.54 -28.26
N SER A 318 20.10 18.24 -28.47
CA SER A 318 19.19 17.90 -29.56
C SER A 318 17.73 18.14 -29.17
N GLU A 319 17.40 17.87 -27.91
CA GLU A 319 16.09 18.22 -27.41
C GLU A 319 15.88 19.75 -27.37
N THR A 320 16.94 20.49 -27.08
CA THR A 320 16.82 21.95 -27.04
C THR A 320 16.49 22.51 -28.41
N LYS A 321 17.08 21.88 -29.41
CA LYS A 321 16.91 22.32 -30.76
C LYS A 321 15.51 22.00 -31.26
N SER A 322 14.98 20.83 -30.95
CA SER A 322 13.57 20.62 -31.24
C SER A 322 12.68 21.66 -30.56
N THR A 323 12.95 21.97 -29.30
CA THR A 323 12.11 22.96 -28.57
C THR A 323 12.11 24.31 -29.30
N LEU A 324 13.32 24.77 -29.63
CA LEU A 324 13.53 26.05 -30.33
C LEU A 324 12.81 26.01 -31.69
N ASP A 325 12.85 24.86 -32.37
CA ASP A 325 12.24 24.74 -33.69
C ASP A 325 10.72 24.73 -33.56
N PHE A 326 10.23 24.08 -32.51
CA PHE A 326 8.80 24.21 -32.21
C PHE A 326 8.42 25.67 -32.00
N GLY A 327 9.23 26.42 -31.26
CA GLY A 327 8.81 27.78 -30.90
C GLY A 327 8.90 28.71 -32.11
N ARG A 328 9.93 28.50 -32.91
CA ARG A 328 10.05 29.25 -34.14
C ARG A 328 8.86 29.03 -35.10
N ARG A 329 8.41 27.80 -35.26
CA ARG A 329 7.19 27.55 -36.06
C ARG A 329 5.97 28.22 -35.44
N ALA A 330 5.79 28.13 -34.11
CA ALA A 330 4.55 28.67 -33.50
C ALA A 330 4.49 30.17 -33.64
N LYS A 331 5.66 30.79 -33.68
CA LYS A 331 5.72 32.24 -33.69
C LYS A 331 5.21 32.83 -35.02
N THR A 332 5.08 32.00 -36.05
CA THR A 332 4.49 32.47 -37.30
C THR A 332 2.96 32.33 -37.36
N VAL A 333 2.33 31.72 -36.36
CA VAL A 333 0.85 31.55 -36.38
C VAL A 333 0.20 32.85 -35.97
N LYS A 334 -0.89 33.19 -36.65
CA LYS A 334 -1.61 34.44 -36.40
C LYS A 334 -2.94 34.13 -35.72
N ASN A 335 -3.23 34.84 -34.65
CA ASN A 335 -4.50 34.66 -33.95
C ASN A 335 -5.35 35.85 -34.39
N VAL A 336 -6.66 35.71 -34.34
CA VAL A 336 -7.50 36.86 -34.61
C VAL A 336 -8.41 37.16 -33.41
N VAL A 337 -8.14 38.25 -32.71
CA VAL A 337 -8.72 38.45 -31.42
C VAL A 337 -9.63 39.65 -31.44
N CYS A 338 -10.67 39.60 -30.61
CA CYS A 338 -11.58 40.73 -30.37
C CYS A 338 -12.05 40.75 -28.92
N VAL A 339 -12.52 41.91 -28.46
CA VAL A 339 -13.09 42.04 -27.13
C VAL A 339 -14.36 41.20 -27.11
N ASN A 340 -14.55 40.40 -26.07
CA ASN A 340 -15.77 39.60 -25.97
C ASN A 340 -16.90 40.36 -25.29
N GLU A 341 -17.64 41.15 -26.06
CA GLU A 341 -18.72 41.97 -25.54
C GLU A 341 -20.09 41.28 -25.68
N GLU A 342 -20.88 41.33 -24.61
CA GLU A 342 -22.23 40.78 -24.62
C GLU A 342 -23.20 41.95 -24.50
N LEU A 343 -24.37 41.82 -25.11
CA LEU A 343 -25.36 42.89 -25.01
C LEU A 343 -26.47 42.50 -24.02
N THR A 344 -26.87 43.46 -23.19
CA THR A 344 -27.98 43.23 -22.27
C THR A 344 -29.32 43.19 -23.03
N ALA A 345 -30.28 43.96 -22.47
CA ALA A 345 -31.56 44.12 -23.14
C ALA A 345 -31.55 45.41 -23.95
N GLU A 346 -31.23 46.53 -23.30
CA GLU A 346 -31.40 47.87 -23.87
C GLU A 346 -30.99 48.01 -25.34
N GLU A 347 -29.90 47.35 -25.72
CA GLU A 347 -29.55 47.24 -27.13
C GLU A 347 -30.65 46.46 -27.85
N TRP A 348 -30.79 45.18 -27.48
CA TRP A 348 -31.75 44.29 -28.13
C TRP A 348 -33.20 44.70 -27.86
N LYS A 349 -33.48 45.14 -26.63
CA LYS A 349 -34.81 45.67 -26.27
C LYS A 349 -35.33 46.67 -27.30
N ARG A 350 -34.57 47.72 -27.53
CA ARG A 350 -35.07 48.88 -28.26
C ARG A 350 -35.37 48.59 -29.75
N ARG A 351 -34.57 47.69 -30.34
CA ARG A 351 -34.90 47.06 -31.63
C ARG A 351 -36.13 46.14 -31.48
N ALA B 9 17.66 0.03 29.47
CA ALA B 9 19.04 0.60 29.42
C ALA B 9 19.77 0.22 28.12
N GLU B 10 20.30 -1.01 28.00
CA GLU B 10 20.94 -1.49 26.76
C GLU B 10 20.01 -1.48 25.54
N ASP B 11 20.35 -0.71 24.52
CA ASP B 11 19.42 -0.44 23.42
C ASP B 11 20.19 -0.15 22.13
N SER B 12 20.11 -1.09 21.18
CA SER B 12 20.87 -1.05 19.93
C SER B 12 20.32 0.04 19.00
N ILE B 13 21.18 0.70 18.27
CA ILE B 13 20.64 1.59 17.25
C ILE B 13 19.92 0.77 16.19
N LYS B 14 18.64 1.03 16.05
CA LYS B 14 17.78 0.35 15.09
C LYS B 14 18.07 0.86 13.69
N VAL B 15 18.23 -0.05 12.73
CA VAL B 15 18.61 0.33 11.38
C VAL B 15 17.69 -0.36 10.39
N VAL B 16 16.98 0.45 9.61
CA VAL B 16 15.94 -0.02 8.69
C VAL B 16 16.38 0.41 7.29
N CYS B 17 16.19 -0.44 6.26
CA CYS B 17 16.75 -0.13 4.94
C CYS B 17 15.62 -0.05 3.94
N ARG B 18 15.49 1.07 3.24
CA ARG B 18 14.38 1.23 2.29
C ARG B 18 14.90 1.42 0.85
N PHE B 19 14.48 0.51 -0.02
CA PHE B 19 14.79 0.63 -1.43
C PHE B 19 13.57 1.22 -2.06
N ARG B 20 13.76 2.19 -2.94
CA ARG B 20 12.62 2.73 -3.71
C ARG B 20 12.59 2.09 -5.10
N PRO B 21 11.50 2.29 -5.85
CA PRO B 21 11.51 1.66 -7.17
C PRO B 21 12.53 2.32 -8.07
N LEU B 22 13.00 1.55 -9.04
CA LEU B 22 13.81 2.13 -10.13
C LEU B 22 13.04 3.26 -10.84
N ASN B 23 13.69 4.37 -11.16
CA ASN B 23 12.94 5.48 -11.78
C ASN B 23 13.26 5.67 -13.26
N ASP B 24 12.52 6.51 -13.96
CA ASP B 24 12.62 6.36 -15.42
C ASP B 24 13.88 7.02 -15.94
N SER B 25 14.34 8.03 -15.22
CA SER B 25 15.70 8.54 -15.36
C SER B 25 16.81 7.47 -15.20
N GLU B 26 16.61 6.51 -14.30
CA GLU B 26 17.59 5.43 -14.13
C GLU B 26 17.40 4.42 -15.26
N GLU B 27 16.14 4.12 -15.60
CA GLU B 27 15.83 3.21 -16.69
C GLU B 27 16.42 3.72 -18.02
N LYS B 28 16.26 5.01 -18.29
CA LYS B 28 16.67 5.65 -19.53
C LYS B 28 18.19 5.71 -19.58
N ALA B 29 18.82 6.03 -18.45
CA ALA B 29 20.26 5.90 -18.30
C ALA B 29 20.75 4.47 -18.54
N GLY B 30 19.82 3.53 -18.56
CA GLY B 30 20.12 2.12 -18.85
C GLY B 30 20.39 1.20 -17.66
N SER B 31 20.12 1.66 -16.45
CA SER B 31 20.35 0.85 -15.25
C SER B 31 19.38 -0.32 -15.23
N LYS B 32 19.78 -1.37 -14.53
CA LYS B 32 18.91 -2.47 -14.17
C LYS B 32 18.79 -2.52 -12.65
N PHE B 33 17.81 -3.30 -12.22
CA PHE B 33 17.57 -3.63 -10.82
C PHE B 33 18.67 -4.58 -10.40
N VAL B 34 19.44 -4.22 -9.39
CA VAL B 34 20.72 -4.87 -9.14
C VAL B 34 20.80 -5.53 -7.75
N VAL B 35 19.65 -5.70 -7.10
CA VAL B 35 19.65 -6.00 -5.69
C VAL B 35 18.62 -7.12 -5.51
N LYS B 36 18.81 -7.98 -4.52
CA LYS B 36 17.80 -8.99 -4.26
C LYS B 36 17.50 -9.01 -2.78
N PHE B 37 16.39 -9.65 -2.46
CA PHE B 37 15.89 -9.82 -1.09
C PHE B 37 15.75 -11.29 -0.61
N PRO B 38 16.87 -11.95 -0.28
CA PRO B 38 16.93 -13.23 0.45
C PRO B 38 16.13 -13.18 1.73
N ASN B 39 15.80 -14.34 2.30
CA ASN B 39 15.10 -14.41 3.58
C ASN B 39 13.90 -13.48 3.54
N ASN B 40 13.16 -13.59 2.45
CA ASN B 40 11.94 -12.82 2.31
C ASN B 40 10.93 -13.01 3.43
N VAL B 41 10.91 -14.15 4.12
CA VAL B 41 9.87 -14.35 5.14
C VAL B 41 10.04 -13.40 6.32
N GLU B 42 11.28 -13.10 6.69
CA GLU B 42 11.63 -12.22 7.80
C GLU B 42 11.82 -10.74 7.38
N GLU B 43 11.80 -10.48 6.07
CA GLU B 43 12.12 -9.18 5.51
C GLU B 43 13.17 -8.34 6.24
N ASN B 44 14.40 -8.86 6.29
CA ASN B 44 15.46 -8.18 7.01
C ASN B 44 16.79 -8.31 6.31
N CYS B 45 16.79 -8.72 5.05
CA CYS B 45 18.03 -8.97 4.33
CA CYS B 45 18.02 -9.01 4.35
C CYS B 45 17.95 -8.43 2.94
N ILE B 46 19.09 -7.94 2.46
CA ILE B 46 19.17 -7.45 1.11
C ILE B 46 20.53 -7.92 0.65
N SER B 47 20.64 -8.30 -0.62
CA SER B 47 21.94 -8.71 -1.13
C SER B 47 22.33 -7.98 -2.41
N ILE B 48 23.60 -7.69 -2.58
CA ILE B 48 24.04 -6.87 -3.70
C ILE B 48 25.42 -7.34 -4.10
N ALA B 49 25.64 -7.60 -5.38
CA ALA B 49 26.88 -8.21 -5.85
C ALA B 49 27.24 -9.45 -5.02
N GLY B 50 26.24 -10.28 -4.73
CA GLY B 50 26.46 -11.45 -3.90
C GLY B 50 26.76 -11.20 -2.43
N LYS B 51 26.83 -9.92 -2.03
CA LYS B 51 27.02 -9.64 -0.60
C LYS B 51 25.68 -9.43 0.09
N VAL B 52 25.52 -10.10 1.23
CA VAL B 52 24.28 -10.12 2.01
C VAL B 52 24.35 -9.25 3.28
N TYR B 53 23.28 -8.51 3.57
CA TYR B 53 23.23 -7.58 4.69
C TYR B 53 22.00 -7.88 5.52
N LEU B 54 22.15 -7.90 6.84
CA LEU B 54 20.96 -8.10 7.65
C LEU B 54 20.66 -6.77 8.37
N PHE B 55 19.40 -6.37 8.44
CA PHE B 55 19.05 -5.17 9.23
C PHE B 55 17.87 -5.50 10.14
N ASP B 56 17.40 -4.56 10.95
CA ASP B 56 16.14 -4.84 11.66
C ASP B 56 14.97 -5.00 10.68
N LYS B 57 15.00 -4.27 9.56
CA LYS B 57 13.95 -4.39 8.53
C LYS B 57 14.43 -3.86 7.20
N VAL B 58 14.07 -4.58 6.13
CA VAL B 58 14.37 -4.11 4.78
C VAL B 58 13.04 -3.83 4.10
N PHE B 59 12.92 -2.68 3.44
CA PHE B 59 11.67 -2.39 2.74
C PHE B 59 11.96 -2.41 1.28
N LYS B 60 11.16 -3.17 0.54
CA LYS B 60 11.29 -3.32 -0.91
C LYS B 60 10.57 -2.14 -1.54
N PRO B 61 10.81 -1.90 -2.85
CA PRO B 61 10.27 -0.75 -3.54
C PRO B 61 8.77 -0.56 -3.42
N ASN B 62 8.00 -1.62 -3.20
CA ASN B 62 6.56 -1.43 -3.05
C ASN B 62 6.03 -1.00 -1.67
N ALA B 63 6.86 -1.07 -0.64
CA ALA B 63 6.42 -0.76 0.75
C ALA B 63 5.80 0.63 0.89
N SER B 64 4.60 0.72 1.46
CA SER B 64 3.91 1.98 1.63
C SER B 64 4.49 2.78 2.79
N GLN B 65 4.11 4.04 2.87
CA GLN B 65 4.56 4.94 3.92
C GLN B 65 3.99 4.46 5.25
N GLU B 66 2.73 4.03 5.23
CA GLU B 66 2.13 3.43 6.40
C GLU B 66 2.91 2.23 6.95
N LYS B 67 3.39 1.35 6.09
CA LYS B 67 4.25 0.24 6.54
C LYS B 67 5.60 0.74 7.12
N VAL B 68 6.24 1.67 6.43
CA VAL B 68 7.53 2.17 6.89
C VAL B 68 7.40 2.77 8.29
N TYR B 69 6.32 3.50 8.53
CA TYR B 69 6.08 4.19 9.77
C TYR B 69 5.84 3.20 10.92
N ASN B 70 4.84 2.34 10.71
CA ASN B 70 4.55 1.24 11.64
C ASN B 70 5.80 0.47 12.08
N GLU B 71 6.84 0.37 11.25
CA GLU B 71 8.10 -0.20 11.75
C GLU B 71 9.15 0.78 12.33
N ALA B 72 9.59 1.74 11.52
CA ALA B 72 10.67 2.64 11.91
C ALA B 72 10.26 3.59 13.01
N ALA B 73 8.97 3.86 13.15
CA ALA B 73 8.57 5.04 13.89
C ALA B 73 7.49 4.83 14.94
N LYS B 74 6.53 3.97 14.67
CA LYS B 74 5.32 3.98 15.48
C LYS B 74 5.76 4.11 16.93
N SER B 75 6.49 3.11 17.43
CA SER B 75 7.04 3.05 18.80
C SER B 75 7.44 4.38 19.46
N ILE B 76 8.02 5.26 18.66
CA ILE B 76 8.68 6.46 19.14
C ILE B 76 7.74 7.43 19.85
N VAL B 77 6.47 7.51 19.47
CA VAL B 77 5.56 8.44 20.11
C VAL B 77 5.02 7.92 21.45
N THR B 78 4.77 6.61 21.54
CA THR B 78 4.46 6.00 22.82
C THR B 78 5.62 6.21 23.79
N ASP B 79 6.86 6.07 23.31
CA ASP B 79 8.05 6.31 24.14
C ASP B 79 8.22 7.76 24.62
N VAL B 80 8.12 8.73 23.71
CA VAL B 80 8.33 10.14 24.07
C VAL B 80 7.24 10.54 25.07
N LEU B 81 6.05 9.96 24.89
CA LEU B 81 4.97 10.22 25.82
C LEU B 81 5.14 9.53 27.18
N ALA B 82 6.08 8.58 27.27
CA ALA B 82 6.39 8.01 28.57
C ALA B 82 7.78 8.46 29.02
N GLY B 83 8.34 9.47 28.34
CA GLY B 83 9.54 10.16 28.85
C GLY B 83 10.89 9.76 28.31
N TYR B 84 10.90 9.12 27.15
CA TYR B 84 12.15 8.76 26.51
C TYR B 84 12.53 9.75 25.39
N ASN B 85 13.80 10.00 25.15
CA ASN B 85 14.21 10.63 23.91
C ASN B 85 14.12 9.66 22.71
N GLY B 86 13.72 10.16 21.53
CA GLY B 86 13.66 9.39 20.28
C GLY B 86 14.23 10.17 19.13
N THR B 87 15.05 9.52 18.30
CA THR B 87 15.60 10.10 17.09
C THR B 87 15.35 9.18 15.88
N ILE B 88 14.90 9.74 14.77
CA ILE B 88 14.88 9.07 13.48
C ILE B 88 15.66 9.93 12.50
N PHE B 89 16.62 9.32 11.81
CA PHE B 89 17.21 10.03 10.68
C PHE B 89 17.32 9.22 9.41
N ALA B 90 17.20 9.92 8.27
CA ALA B 90 17.28 9.27 6.96
C ALA B 90 18.60 9.64 6.35
N TYR B 91 19.26 8.64 5.77
CA TYR B 91 20.61 8.74 5.28
C TYR B 91 20.64 8.09 3.90
N GLY B 92 21.37 8.65 2.93
CA GLY B 92 21.52 7.99 1.66
C GLY B 92 21.87 8.99 0.59
N GLN B 93 22.17 8.48 -0.60
CA GLN B 93 22.63 9.40 -1.63
C GLN B 93 21.47 10.29 -2.08
N THR B 94 21.81 11.39 -2.72
CA THR B 94 20.74 12.20 -3.30
C THR B 94 19.83 11.42 -4.25
N SER B 95 18.52 11.60 -4.05
CA SER B 95 17.47 11.01 -4.85
C SER B 95 17.14 9.56 -4.46
N SER B 96 17.66 9.09 -3.34
CA SER B 96 17.35 7.73 -2.87
C SER B 96 16.02 7.60 -2.11
N GLY B 97 15.48 8.69 -1.58
CA GLY B 97 14.18 8.68 -0.90
C GLY B 97 14.16 9.20 0.54
N LYS B 98 15.21 9.89 0.97
CA LYS B 98 15.25 10.51 2.30
C LYS B 98 14.05 11.43 2.55
N THR B 99 13.79 12.40 1.68
CA THR B 99 12.67 13.32 1.93
C THR B 99 11.31 12.64 1.80
N HIS B 100 11.18 11.78 0.81
CA HIS B 100 9.96 11.00 0.68
C HIS B 100 9.69 10.23 1.97
N THR B 101 10.73 9.65 2.56
CA THR B 101 10.57 8.91 3.81
C THR B 101 10.26 9.82 5.01
N MET B 102 11.05 10.87 5.19
CA MET B 102 10.93 11.70 6.39
C MET B 102 9.70 12.62 6.35
N GLU B 103 9.41 13.21 5.19
CA GLU B 103 8.27 14.11 5.05
C GLU B 103 7.11 13.58 4.17
N GLY B 104 7.44 12.94 3.05
CA GLY B 104 6.47 12.42 2.10
C GLY B 104 5.64 13.58 1.58
N VAL B 105 4.37 13.35 1.25
CA VAL B 105 3.52 14.39 0.76
C VAL B 105 2.52 14.70 1.86
N ILE B 106 2.76 15.83 2.52
CA ILE B 106 1.97 16.18 3.67
C ILE B 106 0.56 16.41 3.16
N GLY B 107 -0.41 16.05 3.97
CA GLY B 107 -1.79 16.21 3.52
C GLY B 107 -2.33 15.09 2.64
N ASP B 108 -1.47 14.23 2.10
CA ASP B 108 -1.94 13.03 1.35
C ASP B 108 -1.98 11.82 2.31
N SER B 109 -3.14 11.19 2.48
CA SER B 109 -3.19 10.12 3.47
C SER B 109 -2.29 8.96 3.11
N VAL B 110 -2.18 8.61 1.84
CA VAL B 110 -1.32 7.50 1.47
C VAL B 110 0.16 7.88 1.51
N LYS B 111 0.50 9.06 0.98
CA LYS B 111 1.94 9.37 0.78
C LYS B 111 2.60 10.24 1.87
N GLN B 112 1.82 10.66 2.86
CA GLN B 112 2.47 11.43 3.93
C GLN B 112 3.50 10.49 4.55
N GLY B 113 4.64 11.06 4.94
CA GLY B 113 5.77 10.34 5.49
C GLY B 113 5.82 10.29 7.02
N ILE B 114 6.99 10.00 7.59
CA ILE B 114 7.13 9.84 9.03
C ILE B 114 6.72 11.09 9.86
N ILE B 115 7.25 12.27 9.51
CA ILE B 115 6.98 13.45 10.40
C ILE B 115 5.51 13.82 10.55
N PRO B 116 4.77 13.91 9.43
CA PRO B 116 3.37 14.18 9.70
C PRO B 116 2.61 13.09 10.44
N ARG B 117 2.99 11.83 10.25
CA ARG B 117 2.31 10.72 10.94
C ARG B 117 2.58 10.85 12.45
N ILE B 118 3.83 11.11 12.80
CA ILE B 118 4.15 11.37 14.20
C ILE B 118 3.41 12.57 14.81
N VAL B 119 3.29 13.65 14.06
CA VAL B 119 2.64 14.84 14.59
C VAL B 119 1.15 14.54 14.90
N ASN B 120 0.42 14.01 13.92
CA ASN B 120 -0.93 13.52 14.17
C ASN B 120 -1.09 12.51 15.32
N ASP B 121 -0.16 11.55 15.43
CA ASP B 121 -0.13 10.59 16.51
C ASP B 121 0.07 11.16 17.92
N ILE B 122 0.99 12.12 18.06
CA ILE B 122 1.30 12.66 19.37
C ILE B 122 0.02 13.27 19.91
N PHE B 123 -0.66 14.08 19.12
CA PHE B 123 -1.84 14.69 19.68
C PHE B 123 -3.03 13.72 19.89
N ASN B 124 -3.22 12.79 18.96
CA ASN B 124 -4.22 11.74 19.15
C ASN B 124 -4.03 11.05 20.50
N HIS B 125 -2.82 10.58 20.75
CA HIS B 125 -2.50 9.90 22.00
C HIS B 125 -2.77 10.79 23.23
N ILE B 126 -2.34 12.03 23.18
CA ILE B 126 -2.58 12.89 24.33
C ILE B 126 -4.08 13.07 24.59
N TYR B 127 -4.88 13.30 23.56
CA TYR B 127 -6.30 13.54 23.77
C TYR B 127 -7.00 12.33 24.38
N ALA B 128 -6.35 11.16 24.30
CA ALA B 128 -6.91 9.90 24.77
C ALA B 128 -6.39 9.49 26.14
N MET B 129 -5.48 10.28 26.71
CA MET B 129 -4.96 9.93 28.02
C MET B 129 -5.97 10.33 29.09
N GLU B 130 -6.07 9.52 30.15
CA GLU B 130 -7.13 9.74 31.14
C GLU B 130 -6.69 10.73 32.21
N VAL B 131 -5.47 10.57 32.71
CA VAL B 131 -4.96 11.28 33.88
C VAL B 131 -5.07 12.80 33.80
N ASN B 132 -5.10 13.47 34.95
CA ASN B 132 -4.89 14.90 34.94
C ASN B 132 -3.42 15.18 34.57
N LEU B 133 -3.20 15.43 33.29
CA LEU B 133 -1.88 15.70 32.77
C LEU B 133 -1.85 17.03 32.05
N GLU B 134 -0.74 17.74 32.20
CA GLU B 134 -0.53 19.02 31.54
C GLU B 134 0.72 18.87 30.68
N PHE B 135 0.57 19.02 29.35
CA PHE B 135 1.67 18.90 28.39
C PHE B 135 2.15 20.25 27.94
N HIS B 136 3.46 20.42 27.80
CA HIS B 136 4.06 21.55 27.07
C HIS B 136 4.76 20.98 25.86
N ILE B 137 4.42 21.44 24.66
CA ILE B 137 5.09 20.93 23.47
C ILE B 137 5.72 22.11 22.72
N LYS B 138 7.03 22.03 22.45
CA LYS B 138 7.78 23.10 21.80
C LYS B 138 8.47 22.53 20.58
N VAL B 139 8.44 23.25 19.48
CA VAL B 139 9.00 22.75 18.23
CA VAL B 139 8.97 22.76 18.22
C VAL B 139 10.10 23.70 17.75
N SER B 140 11.18 23.13 17.23
CA SER B 140 12.26 23.89 16.63
C SER B 140 12.46 23.32 15.23
N TYR B 141 12.91 24.15 14.30
CA TYR B 141 13.03 23.71 12.94
C TYR B 141 14.18 24.48 12.35
N TYR B 142 15.28 23.79 12.03
CA TYR B 142 16.45 24.46 11.44
C TYR B 142 17.24 23.60 10.47
N GLU B 143 18.05 24.23 9.65
CA GLU B 143 18.90 23.52 8.73
C GLU B 143 20.37 23.73 9.04
N ILE B 144 21.22 22.84 8.56
CA ILE B 144 22.64 23.02 8.75
C ILE B 144 23.21 22.89 7.36
N TYR B 145 24.04 23.83 6.97
CA TYR B 145 24.56 23.90 5.60
C TYR B 145 26.01 24.38 5.69
N MET B 146 26.96 23.62 5.16
CA MET B 146 28.38 23.97 5.28
C MET B 146 28.74 24.23 6.76
N ASP B 147 28.26 23.37 7.65
CA ASP B 147 28.48 23.51 9.08
C ASP B 147 28.03 24.85 9.69
N LYS B 148 27.03 25.52 9.12
CA LYS B 148 26.41 26.67 9.77
C LYS B 148 24.90 26.40 9.91
N ILE B 149 24.31 26.88 11.00
CA ILE B 149 22.91 26.65 11.28
C ILE B 149 22.11 27.85 10.85
N ARG B 150 21.03 27.60 10.12
CA ARG B 150 20.05 28.65 9.89
C ARG B 150 18.71 28.21 10.48
N ASP B 151 18.18 29.00 11.39
CA ASP B 151 16.94 28.73 12.06
C ASP B 151 15.82 29.06 11.05
N LEU B 152 15.03 28.05 10.66
CA LEU B 152 14.05 28.22 9.57
C LEU B 152 12.84 28.96 10.08
N LEU B 153 12.77 29.13 11.39
CA LEU B 153 11.81 30.05 11.93
C LEU B 153 12.39 31.48 12.13
N ASP B 154 13.64 31.75 11.75
CA ASP B 154 14.26 33.08 11.96
C ASP B 154 15.57 33.12 11.17
N VAL B 155 15.44 33.15 9.84
CA VAL B 155 16.57 32.87 8.97
C VAL B 155 17.64 33.99 8.98
N SER B 156 17.32 35.17 9.54
CA SER B 156 18.29 36.24 9.48
C SER B 156 19.31 36.07 10.60
N LYS B 157 19.03 35.21 11.56
CA LYS B 157 19.91 35.07 12.72
C LYS B 157 21.22 34.39 12.31
N VAL B 158 22.37 34.91 12.76
CA VAL B 158 23.66 34.27 12.48
C VAL B 158 24.37 33.93 13.78
N ASN B 159 25.42 33.12 13.63
CA ASN B 159 26.32 32.69 14.70
C ASN B 159 25.64 31.81 15.72
N LEU B 160 24.52 31.20 15.34
CA LEU B 160 23.94 30.12 16.12
C LEU B 160 24.97 29.03 16.37
N SER B 161 25.00 28.54 17.60
CA SER B 161 26.08 27.67 18.06
C SER B 161 25.51 26.59 18.96
N VAL B 162 26.27 25.52 19.14
CA VAL B 162 25.80 24.42 19.95
C VAL B 162 26.35 24.53 21.37
N HIS B 163 25.51 24.33 22.37
CA HIS B 163 25.93 24.40 23.78
C HIS B 163 25.28 23.23 24.51
N GLU B 164 25.76 22.95 25.73
CA GLU B 164 25.12 21.99 26.61
C GLU B 164 24.43 22.70 27.76
N ASP B 165 23.29 22.17 28.20
CA ASP B 165 22.54 22.71 29.34
C ASP B 165 23.03 22.30 30.75
N LYS B 166 22.29 22.74 31.76
CA LYS B 166 22.54 22.44 33.18
C LYS B 166 22.50 20.95 33.51
N ASN B 167 21.97 20.15 32.58
CA ASN B 167 22.00 18.70 32.63
C ASN B 167 22.97 18.10 31.60
N ARG B 168 23.74 18.96 30.94
CA ARG B 168 24.79 18.51 30.02
C ARG B 168 24.32 17.88 28.68
N VAL B 169 23.13 18.26 28.23
CA VAL B 169 22.69 17.90 26.87
C VAL B 169 22.68 19.05 25.87
N PRO B 170 23.37 18.84 24.73
CA PRO B 170 23.38 19.67 23.53
C PRO B 170 22.08 20.33 23.14
N TYR B 171 22.22 21.56 22.67
CA TYR B 171 21.11 22.28 22.08
C TYR B 171 21.71 23.39 21.24
N VAL B 172 20.94 23.80 20.23
CA VAL B 172 21.34 24.95 19.46
C VAL B 172 20.88 26.14 20.29
N LYS B 173 21.84 26.98 20.69
CA LYS B 173 21.54 28.18 21.49
C LYS B 173 20.87 29.29 20.70
N GLY B 174 19.71 29.73 21.16
CA GLY B 174 19.01 30.84 20.51
C GLY B 174 18.09 30.42 19.39
N ALA B 175 18.04 29.13 19.06
CA ALA B 175 17.09 28.64 18.04
C ALA B 175 15.63 28.85 18.47
N THR B 176 14.76 29.15 17.52
CA THR B 176 13.38 29.40 17.92
C THR B 176 12.83 28.10 18.50
N GLU B 177 12.05 28.24 19.57
CA GLU B 177 11.31 27.15 20.17
C GLU B 177 9.87 27.55 20.28
N ARG B 178 9.02 27.02 19.43
CA ARG B 178 7.67 27.54 19.30
C ARG B 178 6.69 26.62 20.05
N PHE B 179 5.99 27.15 21.05
CA PHE B 179 4.93 26.38 21.68
C PHE B 179 3.79 26.08 20.72
N VAL B 180 3.28 24.86 20.74
CA VAL B 180 2.20 24.44 19.86
C VAL B 180 1.23 23.66 20.72
N SER B 181 -0.04 23.73 20.36
CA SER B 181 -1.04 23.02 21.12
C SER B 181 -1.98 22.14 20.31
N SER B 182 -1.71 21.97 19.01
CA SER B 182 -2.51 21.10 18.18
C SER B 182 -1.73 20.71 16.94
N PRO B 183 -2.22 19.67 16.25
CA PRO B 183 -1.52 19.21 15.08
C PRO B 183 -1.46 20.37 14.13
N GLU B 184 -2.54 21.16 14.10
CA GLU B 184 -2.62 22.28 13.19
C GLU B 184 -1.56 23.36 13.49
N ASP B 185 -1.27 23.66 14.76
CA ASP B 185 -0.15 24.54 15.10
C ASP B 185 1.15 24.00 14.49
N VAL B 186 1.37 22.69 14.64
CA VAL B 186 2.62 22.11 14.16
C VAL B 186 2.75 22.18 12.64
N PHE B 187 1.72 21.76 11.92
CA PHE B 187 1.78 21.95 10.46
C PHE B 187 1.98 23.40 10.00
N GLU B 188 1.47 24.35 10.78
CA GLU B 188 1.70 25.77 10.46
C GLU B 188 3.19 26.07 10.60
N VAL B 189 3.81 25.60 11.67
CA VAL B 189 5.25 25.82 11.87
C VAL B 189 6.04 25.19 10.72
N ILE B 190 5.65 23.98 10.34
CA ILE B 190 6.42 23.23 9.37
C ILE B 190 6.33 23.95 8.03
N GLU B 191 5.12 24.45 7.72
CA GLU B 191 4.98 25.14 6.44
C GLU B 191 5.75 26.47 6.51
N GLU B 192 5.80 27.09 7.69
CA GLU B 192 6.53 28.36 7.79
C GLU B 192 8.06 28.16 7.55
N GLY B 193 8.58 27.08 8.11
CA GLY B 193 9.99 26.72 7.98
C GLY B 193 10.34 26.37 6.55
N LYS B 194 9.47 25.61 5.90
CA LYS B 194 9.72 25.22 4.53
C LYS B 194 9.73 26.44 3.62
N SER B 195 8.77 27.36 3.80
CA SER B 195 8.83 28.55 2.96
C SER B 195 10.07 29.39 3.24
N ASN B 196 10.40 29.64 4.51
CA ASN B 196 11.57 30.44 4.86
C ASN B 196 12.84 29.84 4.30
N ARG B 197 12.86 28.52 4.13
CA ARG B 197 14.03 27.83 3.65
C ARG B 197 14.39 28.32 2.25
N HIS B 198 13.37 28.71 1.48
CA HIS B 198 13.59 29.21 0.13
C HIS B 198 14.28 30.59 0.09
N ILE B 199 14.30 31.33 1.20
CA ILE B 199 14.95 32.65 1.21
C ILE B 199 16.44 32.58 0.87
N ALA B 200 16.86 33.34 -0.15
CA ALA B 200 18.23 33.37 -0.64
C ALA B 200 18.65 32.01 -1.21
N VAL B 201 17.71 31.17 -1.63
CA VAL B 201 18.15 29.90 -2.21
C VAL B 201 17.60 29.92 -3.64
N THR B 202 18.46 29.76 -4.64
CA THR B 202 17.99 29.87 -6.01
C THR B 202 17.44 28.54 -6.54
N ASN B 203 17.84 27.41 -5.98
CA ASN B 203 17.42 26.08 -6.47
C ASN B 203 17.37 25.14 -5.26
N MET B 204 16.15 24.90 -4.79
CA MET B 204 15.94 24.14 -3.56
C MET B 204 16.34 22.66 -3.70
N ASN B 205 16.14 22.11 -4.90
CA ASN B 205 16.48 20.72 -5.13
C ASN B 205 17.98 20.56 -4.86
N GLU B 206 18.79 21.45 -5.43
CA GLU B 206 20.22 21.43 -5.18
C GLU B 206 20.59 21.88 -3.79
N HIS B 207 20.02 22.96 -3.27
CA HIS B 207 20.36 23.34 -1.90
C HIS B 207 20.01 22.26 -0.89
N SER B 208 18.78 21.77 -0.94
CA SER B 208 18.30 20.82 0.06
C SER B 208 19.05 19.48 -0.01
N SER B 209 19.63 19.16 -1.16
CA SER B 209 20.39 17.90 -1.27
C SER B 209 21.77 17.99 -0.62
N ARG B 210 22.19 19.20 -0.26
CA ARG B 210 23.49 19.36 0.38
C ARG B 210 23.31 19.92 1.77
N SER B 211 22.10 19.99 2.32
CA SER B 211 21.96 20.53 3.66
C SER B 211 21.15 19.58 4.51
N HIS B 212 21.28 19.72 5.82
CA HIS B 212 20.62 18.82 6.75
C HIS B 212 19.45 19.58 7.29
N SER B 213 18.31 18.88 7.38
CA SER B 213 17.10 19.49 7.87
C SER B 213 16.70 18.83 9.19
N VAL B 214 16.55 19.62 10.25
CA VAL B 214 16.33 19.08 11.59
C VAL B 214 15.03 19.62 12.12
N PHE B 215 14.13 18.71 12.47
CA PHE B 215 12.87 19.10 13.08
C PHE B 215 12.87 18.56 14.49
N LEU B 216 12.64 19.41 15.48
CA LEU B 216 12.70 18.97 16.89
C LEU B 216 11.37 19.17 17.61
N ILE B 217 10.81 18.08 18.16
CA ILE B 217 9.61 18.17 18.97
C ILE B 217 9.97 17.86 20.42
N ASN B 218 9.79 18.85 21.28
CA ASN B 218 10.19 18.72 22.67
C ASN B 218 8.92 18.58 23.48
N VAL B 219 8.77 17.42 24.12
CA VAL B 219 7.52 17.10 24.81
C VAL B 219 7.73 16.97 26.30
N LYS B 220 7.17 17.91 27.06
CA LYS B 220 7.26 17.89 28.50
C LYS B 220 5.89 17.66 29.10
N GLN B 221 5.84 16.86 30.15
CA GLN B 221 4.56 16.59 30.77
C GLN B 221 4.62 16.63 32.30
N GLU B 222 3.56 17.13 32.90
CA GLU B 222 3.51 17.12 34.36
C GLU B 222 2.27 16.38 34.83
N ASN B 223 2.48 15.43 35.73
CA ASN B 223 1.35 14.71 36.31
C ASN B 223 0.80 15.40 37.54
N LEU B 224 -0.41 15.93 37.43
CA LEU B 224 -0.92 16.81 38.47
C LEU B 224 -1.16 16.07 39.80
N GLU B 225 -1.26 14.74 39.74
CA GLU B 225 -1.67 13.96 40.90
C GLU B 225 -0.49 13.34 41.66
N ASN B 226 0.53 12.87 40.93
CA ASN B 226 1.70 12.22 41.53
C ASN B 226 3.03 12.99 41.53
N GLN B 227 2.96 14.31 41.34
CA GLN B 227 4.12 15.16 41.56
C GLN B 227 5.35 14.78 40.72
N LYS B 228 5.10 14.29 39.51
CA LYS B 228 6.18 13.79 38.66
C LYS B 228 6.09 14.38 37.26
N LYS B 229 7.26 14.80 36.74
CA LYS B 229 7.37 15.41 35.42
C LYS B 229 8.16 14.47 34.53
N LEU B 230 7.79 14.41 33.26
CA LEU B 230 8.57 13.65 32.29
C LEU B 230 8.86 14.58 31.12
N SER B 231 9.92 14.28 30.38
CA SER B 231 10.17 15.04 29.17
C SER B 231 10.85 14.11 28.16
N GLY B 232 10.60 14.35 26.88
CA GLY B 232 11.40 13.67 25.86
C GLY B 232 11.63 14.55 24.64
N LYS B 233 12.80 14.45 24.03
CA LYS B 233 13.09 15.12 22.77
C LYS B 233 12.94 14.15 21.59
N LEU B 234 12.12 14.52 20.61
CA LEU B 234 12.07 13.78 19.36
C LEU B 234 12.82 14.54 18.26
N TYR B 235 13.98 14.03 17.81
CA TYR B 235 14.66 14.62 16.66
C TYR B 235 14.31 13.85 15.40
N LEU B 236 14.06 14.59 14.32
CA LEU B 236 13.60 13.99 13.10
C LEU B 236 14.38 14.69 12.00
N VAL B 237 15.27 13.92 11.39
CA VAL B 237 16.34 14.54 10.65
C VAL B 237 16.46 14.00 9.21
N ASP B 238 16.48 14.88 8.21
CA ASP B 238 16.62 14.51 6.80
C ASP B 238 17.99 15.05 6.43
N LEU B 239 18.98 14.15 6.27
CA LEU B 239 20.38 14.57 6.07
C LEU B 239 20.70 15.06 4.68
N ALA B 240 21.84 15.71 4.55
CA ALA B 240 22.42 16.00 3.25
C ALA B 240 22.71 14.67 2.56
N GLY B 241 22.75 14.68 1.23
CA GLY B 241 23.14 13.49 0.45
C GLY B 241 24.50 12.94 0.83
N SER B 242 24.59 11.61 0.86
CA SER B 242 25.77 10.93 1.31
C SER B 242 26.78 10.68 0.20
N GLU B 243 26.47 11.06 -1.04
CA GLU B 243 27.31 10.73 -2.19
C GLU B 243 28.70 11.37 -2.14
N LYS B 244 29.65 10.64 -2.69
CA LYS B 244 31.00 11.16 -2.90
C LYS B 244 31.00 12.21 -3.99
N VAL B 245 31.65 13.33 -3.66
CA VAL B 245 31.87 14.43 -4.59
C VAL B 245 33.21 14.24 -5.32
N ASN B 260 35.78 12.56 -0.68
CA ASN B 260 34.87 13.69 -0.80
C ASN B 260 33.42 13.31 -0.45
N ILE B 261 32.83 14.05 0.48
CA ILE B 261 31.46 13.88 0.98
C ILE B 261 31.20 15.08 1.89
N ASN B 262 29.96 15.59 1.96
CA ASN B 262 29.66 16.74 2.82
C ASN B 262 30.42 16.58 4.13
N LYS B 263 31.33 17.52 4.42
CA LYS B 263 32.21 17.39 5.58
C LYS B 263 31.51 16.78 6.79
N SER B 264 30.33 17.29 7.13
CA SER B 264 29.49 16.76 8.19
C SER B 264 29.20 15.26 8.12
N LEU B 265 29.05 14.73 6.92
CA LEU B 265 28.82 13.29 6.78
C LEU B 265 30.09 12.46 7.04
N SER B 266 31.26 12.99 6.70
CA SER B 266 32.53 12.36 7.08
C SER B 266 32.52 12.23 8.58
N ALA B 267 32.19 13.34 9.25
CA ALA B 267 32.14 13.32 10.69
C ALA B 267 31.15 12.29 11.21
N LEU B 268 30.00 12.15 10.56
CA LEU B 268 28.98 11.29 11.11
C LEU B 268 29.47 9.84 11.05
N GLY B 269 30.14 9.51 9.96
CA GLY B 269 30.73 8.19 9.76
C GLY B 269 31.85 7.85 10.74
N ASN B 270 32.68 8.84 11.04
CA ASN B 270 33.76 8.72 12.03
C ASN B 270 33.20 8.57 13.42
N VAL B 271 32.10 9.25 13.69
CA VAL B 271 31.42 9.03 14.94
C VAL B 271 30.94 7.57 15.02
N ILE B 272 30.19 7.12 14.04
CA ILE B 272 29.62 5.76 14.08
C ILE B 272 30.76 4.70 14.04
N SER B 273 31.75 4.91 13.17
CA SER B 273 32.93 4.04 13.09
C SER B 273 33.67 3.88 14.43
N ALA B 274 33.99 5.01 15.05
CA ALA B 274 34.53 4.99 16.41
C ALA B 274 33.60 4.36 17.44
N LEU B 275 32.29 4.63 17.36
CA LEU B 275 31.34 3.96 18.26
C LEU B 275 31.18 2.45 18.02
N ALA B 276 31.34 2.05 16.75
CA ALA B 276 31.20 0.66 16.35
C ALA B 276 32.41 -0.14 16.82
N ASP B 277 33.59 0.43 16.61
CA ASP B 277 34.84 -0.08 17.17
C ASP B 277 34.80 -0.18 18.70
N GLY B 278 34.51 0.93 19.37
CA GLY B 278 34.36 0.97 20.83
C GLY B 278 35.67 0.94 21.58
N ASN B 279 36.75 0.77 20.83
CA ASN B 279 38.11 0.68 21.36
C ASN B 279 38.65 2.07 21.69
N LYS B 280 37.96 3.10 21.20
CA LYS B 280 38.55 4.42 21.16
C LYS B 280 38.04 5.36 22.24
N THR B 281 38.92 6.28 22.64
CA THR B 281 38.61 7.31 23.63
C THR B 281 37.92 8.53 22.99
N HIS B 282 38.50 8.99 21.89
CA HIS B 282 37.95 10.09 21.12
C HIS B 282 36.87 9.57 20.18
N ILE B 283 35.61 9.81 20.55
CA ILE B 283 34.51 9.84 19.59
C ILE B 283 34.45 11.29 19.11
N PRO B 284 34.75 11.51 17.81
CA PRO B 284 34.92 12.87 17.27
C PRO B 284 33.60 13.64 17.02
N TYR B 285 32.74 13.67 18.04
CA TYR B 285 31.48 14.35 17.93
C TYR B 285 31.64 15.83 17.60
N ARG B 286 32.82 16.40 17.89
CA ARG B 286 32.99 17.84 17.85
C ARG B 286 33.45 18.27 16.49
N ASP B 287 33.64 17.30 15.60
CA ASP B 287 34.06 17.68 14.27
C ASP B 287 32.97 18.39 13.42
N SER B 288 31.72 18.44 13.89
CA SER B 288 30.66 19.14 13.15
C SER B 288 29.56 19.45 14.13
N LYS B 289 28.85 20.57 13.92
CA LYS B 289 27.65 20.83 14.72
C LYS B 289 26.63 19.69 14.63
N LEU B 290 26.46 19.09 13.44
CA LEU B 290 25.53 17.96 13.30
C LEU B 290 25.78 16.85 14.33
N THR B 291 27.01 16.33 14.39
CA THR B 291 27.38 15.26 15.33
C THR B 291 27.35 15.68 16.78
N ARG B 292 27.50 16.99 17.04
CA ARG B 292 27.30 17.52 18.39
C ARG B 292 25.83 17.50 18.78
N ILE B 293 24.99 18.02 17.87
CA ILE B 293 23.57 18.09 18.13
CA ILE B 293 23.56 18.08 18.13
C ILE B 293 23.02 16.69 18.36
N LEU B 294 23.49 15.74 17.56
CA LEU B 294 23.06 14.34 17.62
CA LEU B 294 23.02 14.36 17.68
C LEU B 294 23.88 13.46 18.57
N GLN B 295 24.56 14.02 19.56
CA GLN B 295 25.49 13.17 20.32
C GLN B 295 24.82 12.19 21.27
N GLU B 296 23.76 12.62 21.92
CA GLU B 296 22.89 11.69 22.66
C GLU B 296 22.24 10.59 21.79
N SER B 297 21.98 10.91 20.52
CA SER B 297 21.31 9.99 19.58
C SER B 297 22.28 8.89 19.17
N LEU B 298 23.56 9.24 19.09
CA LEU B 298 24.59 8.33 18.63
C LEU B 298 25.42 7.85 19.82
N GLY B 299 24.82 6.93 20.57
CA GLY B 299 25.44 6.31 21.74
C GLY B 299 25.15 6.95 23.08
N GLY B 300 23.96 7.52 23.26
CA GLY B 300 23.66 8.32 24.45
C GLY B 300 22.24 8.01 24.88
N ASN B 301 21.63 8.94 25.63
CA ASN B 301 20.27 8.77 26.07
C ASN B 301 19.18 9.04 24.98
N ALA B 302 18.97 8.11 24.05
CA ALA B 302 17.94 8.25 23.00
C ALA B 302 17.65 6.92 22.31
N ARG B 303 16.39 6.61 22.02
CA ARG B 303 16.11 5.52 21.10
C ARG B 303 16.22 6.02 19.65
N THR B 304 17.26 5.58 18.96
CA THR B 304 17.55 5.96 17.59
C THR B 304 17.21 4.90 16.51
N THR B 305 16.57 5.33 15.44
CA THR B 305 16.31 4.50 14.26
C THR B 305 16.92 5.28 13.11
N ILE B 306 17.84 4.66 12.38
CA ILE B 306 18.30 5.18 11.12
C ILE B 306 17.57 4.48 9.97
N VAL B 307 16.95 5.25 9.07
CA VAL B 307 16.48 4.69 7.81
C VAL B 307 17.48 4.98 6.75
N ILE B 308 18.18 3.97 6.26
CA ILE B 308 19.09 4.18 5.15
C ILE B 308 18.27 4.00 3.87
N CYS B 309 18.38 4.91 2.90
CA CYS B 309 17.57 4.89 1.66
C CYS B 309 18.52 4.64 0.51
N CYS B 310 18.04 3.87 -0.46
CA CYS B 310 18.85 3.29 -1.56
C CYS B 310 18.04 3.25 -2.86
N SER B 311 18.71 3.58 -3.95
CA SER B 311 18.23 3.26 -5.30
C SER B 311 18.60 1.81 -5.59
N PRO B 312 17.73 1.08 -6.27
CA PRO B 312 18.15 -0.25 -6.69
C PRO B 312 18.89 -0.29 -8.02
N ALA B 313 19.20 0.87 -8.61
CA ALA B 313 19.77 0.93 -9.96
C ALA B 313 21.24 0.56 -9.99
N SER B 314 21.61 -0.23 -11.00
CA SER B 314 23.00 -0.68 -11.23
C SER B 314 24.05 0.43 -11.30
N PHE B 315 23.76 1.54 -11.97
CA PHE B 315 24.63 2.72 -11.99
CA PHE B 315 24.73 2.62 -11.99
C PHE B 315 24.99 3.26 -10.62
N ASN B 316 24.11 3.00 -9.65
CA ASN B 316 24.27 3.53 -8.29
C ASN B 316 24.86 2.53 -7.34
N GLU B 317 25.37 1.44 -7.90
CA GLU B 317 25.75 0.29 -7.10
C GLU B 317 26.78 0.67 -6.04
N SER B 318 27.77 1.45 -6.43
CA SER B 318 28.86 1.61 -5.49
C SER B 318 28.43 2.58 -4.38
N GLU B 319 27.55 3.51 -4.70
CA GLU B 319 26.97 4.41 -3.70
C GLU B 319 26.00 3.67 -2.78
N THR B 320 25.24 2.73 -3.34
CA THR B 320 24.36 1.91 -2.53
C THR B 320 25.16 1.07 -1.55
N LYS B 321 26.35 0.66 -1.96
CA LYS B 321 27.14 -0.16 -1.06
C LYS B 321 27.77 0.65 0.08
N SER B 322 28.22 1.89 -0.17
CA SER B 322 28.66 2.72 0.98
C SER B 322 27.53 2.90 1.97
N THR B 323 26.33 3.06 1.42
CA THR B 323 25.15 3.32 2.24
C THR B 323 24.82 2.08 3.08
N LEU B 324 24.80 0.91 2.44
CA LEU B 324 24.63 -0.34 3.20
C LEU B 324 25.76 -0.55 4.24
N ASP B 325 27.00 -0.24 3.86
CA ASP B 325 28.13 -0.32 4.79
C ASP B 325 27.96 0.63 5.99
N PHE B 326 27.61 1.89 5.70
CA PHE B 326 27.29 2.80 6.82
C PHE B 326 26.28 2.15 7.72
N GLY B 327 25.19 1.63 7.17
CA GLY B 327 24.13 1.17 8.04
C GLY B 327 24.56 -0.09 8.78
N ARG B 328 25.44 -0.87 8.16
CA ARG B 328 25.89 -2.12 8.77
C ARG B 328 26.68 -1.78 10.04
N ARG B 329 27.64 -0.88 9.89
CA ARG B 329 28.33 -0.28 11.05
C ARG B 329 27.42 0.25 12.17
N ALA B 330 26.46 1.10 11.83
CA ALA B 330 25.62 1.79 12.85
C ALA B 330 24.77 0.86 13.69
N LYS B 331 24.38 -0.25 13.08
CA LYS B 331 23.47 -1.16 13.77
C LYS B 331 24.22 -1.87 14.92
N THR B 332 25.53 -1.79 14.97
CA THR B 332 26.23 -2.39 16.11
C THR B 332 26.38 -1.42 17.31
N VAL B 333 26.00 -0.16 17.12
CA VAL B 333 26.14 0.84 18.18
C VAL B 333 25.04 0.66 19.22
N LYS B 334 25.43 0.76 20.49
CA LYS B 334 24.48 0.69 21.61
C LYS B 334 24.33 2.07 22.25
N ASN B 335 23.10 2.41 22.62
CA ASN B 335 22.76 3.72 23.17
C ASN B 335 22.36 3.33 24.59
N VAL B 336 22.60 4.19 25.58
CA VAL B 336 22.15 3.91 26.94
C VAL B 336 20.98 4.82 27.37
N VAL B 337 19.80 4.27 27.61
CA VAL B 337 18.59 5.07 27.73
C VAL B 337 17.77 4.85 29.00
N CYS B 338 17.26 5.95 29.56
CA CYS B 338 16.34 5.87 30.69
C CYS B 338 15.29 6.96 30.55
N VAL B 339 14.25 6.83 31.35
CA VAL B 339 13.16 7.79 31.29
C VAL B 339 13.53 9.08 32.03
N ASN B 340 13.24 10.20 31.39
CA ASN B 340 13.64 11.52 31.90
C ASN B 340 12.61 12.05 32.90
N GLU B 341 12.83 11.72 34.16
CA GLU B 341 11.84 11.99 35.20
C GLU B 341 12.44 12.98 36.17
N GLU B 342 11.58 13.83 36.70
CA GLU B 342 12.01 14.90 37.58
C GLU B 342 10.91 15.06 38.60
N LEU B 343 11.22 15.70 39.72
CA LEU B 343 10.21 15.99 40.71
C LEU B 343 9.70 17.41 40.47
N THR B 344 8.45 17.68 40.79
CA THR B 344 7.92 19.03 40.78
C THR B 344 8.46 19.86 41.95
N ALA B 345 8.32 21.19 41.86
CA ALA B 345 8.73 22.12 42.91
C ALA B 345 8.28 21.69 44.31
N GLU B 346 6.99 21.44 44.46
CA GLU B 346 6.38 21.11 45.75
CA GLU B 346 6.42 21.14 45.79
C GLU B 346 7.08 19.89 46.35
N GLU B 347 7.37 18.92 45.49
CA GLU B 347 7.96 17.71 46.04
C GLU B 347 9.36 18.01 46.54
N TRP B 348 10.16 18.76 45.78
CA TRP B 348 11.48 19.08 46.27
C TRP B 348 11.41 19.91 47.55
N LYS B 349 10.52 20.89 47.59
CA LYS B 349 10.29 21.68 48.79
C LYS B 349 10.13 20.75 49.99
N ARG B 350 9.22 19.80 49.87
CA ARG B 350 8.94 18.87 50.98
C ARG B 350 10.18 18.09 51.39
N ARG B 351 10.95 17.60 50.43
CA ARG B 351 12.18 16.93 50.79
C ARG B 351 13.19 17.85 51.49
N TYR B 352 13.30 19.09 51.02
CA TYR B 352 14.13 20.10 51.67
C TYR B 352 13.75 20.22 53.13
N GLU B 353 12.46 20.44 53.35
CA GLU B 353 11.94 20.71 54.69
C GLU B 353 12.22 19.52 55.60
N LYS B 354 11.72 18.34 55.21
CA LYS B 354 12.05 17.09 55.88
C LYS B 354 13.54 16.94 56.16
N GLU B 355 14.39 17.41 55.26
CA GLU B 355 15.83 17.33 55.50
C GLU B 355 16.36 18.36 56.50
N LYS B 356 15.73 19.54 56.55
CA LYS B 356 16.15 20.58 57.48
C LYS B 356 15.87 20.13 58.90
N GLU B 357 14.76 19.41 59.08
CA GLU B 357 14.34 18.88 60.38
C GLU B 357 15.23 17.79 60.94
N LYS B 358 15.73 16.91 60.06
CA LYS B 358 16.78 15.94 60.41
C LYS B 358 18.12 16.60 60.78
N ASN B 359 18.41 17.75 60.18
CA ASN B 359 19.57 18.55 60.56
C ASN B 359 19.38 19.26 61.91
N ALA B 360 18.12 19.48 62.30
CA ALA B 360 17.76 20.10 63.58
C ALA B 360 17.46 19.11 64.70
N ARG B 361 17.07 17.89 64.34
CA ARG B 361 16.94 16.80 65.29
C ARG B 361 18.30 16.13 65.50
N LEU B 362 19.31 16.65 64.81
CA LEU B 362 20.70 16.31 65.11
C LEU B 362 21.20 17.18 66.26
N LYS B 363 21.22 18.50 66.06
CA LYS B 363 21.52 19.51 67.07
C LYS B 363 21.73 18.98 68.49
N ILE C 7 -9.03 -38.54 -19.36
CA ILE C 7 -8.12 -39.73 -19.48
C ILE C 7 -8.88 -41.06 -19.40
N PRO C 8 -8.43 -42.09 -20.17
CA PRO C 8 -8.89 -43.49 -20.09
C PRO C 8 -8.67 -44.25 -18.77
N ALA C 9 -7.70 -43.79 -17.97
CA ALA C 9 -7.11 -44.50 -16.82
C ALA C 9 -5.66 -44.80 -17.15
N GLU C 10 -5.43 -45.57 -18.23
CA GLU C 10 -4.08 -45.81 -18.71
C GLU C 10 -3.53 -44.75 -19.68
N ASP C 11 -2.47 -44.11 -19.23
CA ASP C 11 -2.07 -42.84 -19.83
C ASP C 11 -0.56 -42.88 -20.06
N SER C 12 -0.16 -42.92 -21.33
CA SER C 12 1.23 -42.82 -21.73
C SER C 12 1.88 -41.55 -21.17
N ILE C 13 3.14 -41.66 -20.77
CA ILE C 13 3.93 -40.49 -20.45
C ILE C 13 4.12 -39.71 -21.76
N LYS C 14 3.80 -38.42 -21.79
CA LYS C 14 3.96 -37.66 -23.03
C LYS C 14 5.42 -37.29 -23.12
N VAL C 15 6.00 -37.34 -24.30
CA VAL C 15 7.35 -36.84 -24.48
C VAL C 15 7.39 -35.86 -25.63
N VAL C 16 7.93 -34.67 -25.36
CA VAL C 16 7.96 -33.64 -26.38
C VAL C 16 9.45 -33.27 -26.50
N CYS C 17 9.93 -32.98 -27.71
CA CYS C 17 11.38 -32.81 -27.93
C CYS C 17 11.58 -31.40 -28.45
N ARG C 18 12.38 -30.58 -27.76
CA ARG C 18 12.64 -29.20 -28.18
C ARG C 18 14.10 -29.05 -28.60
N PHE C 19 14.30 -28.58 -29.81
CA PHE C 19 15.66 -28.22 -30.18
C PHE C 19 15.91 -26.74 -30.03
N ARG C 20 17.10 -26.34 -29.63
CA ARG C 20 17.44 -24.89 -29.62
C ARG C 20 18.33 -24.60 -30.84
N PRO C 21 18.57 -23.30 -31.20
CA PRO C 21 19.52 -22.98 -32.29
C PRO C 21 20.96 -23.34 -31.88
N LEU C 22 21.86 -23.54 -32.83
CA LEU C 22 23.28 -23.78 -32.51
C LEU C 22 23.82 -22.68 -31.60
N ASN C 23 24.63 -23.02 -30.60
CA ASN C 23 25.22 -21.94 -29.82
C ASN C 23 26.66 -21.59 -30.24
N ASP C 24 27.21 -20.61 -29.53
CA ASP C 24 28.56 -20.12 -29.83
C ASP C 24 29.68 -21.15 -29.70
N SER C 25 29.64 -22.00 -28.67
CA SER C 25 30.64 -23.06 -28.62
C SER C 25 30.51 -24.07 -29.74
N GLU C 26 29.30 -24.48 -30.07
CA GLU C 26 29.10 -25.39 -31.20
C GLU C 26 29.52 -24.77 -32.55
N GLU C 27 29.26 -23.49 -32.75
CA GLU C 27 29.71 -22.82 -33.97
C GLU C 27 31.23 -22.79 -34.06
N LYS C 28 31.90 -22.47 -32.96
CA LYS C 28 33.36 -22.38 -32.97
C LYS C 28 33.99 -23.73 -33.23
N ALA C 29 33.27 -24.80 -32.86
CA ALA C 29 33.75 -26.15 -33.08
C ALA C 29 33.42 -26.59 -34.49
N GLY C 30 32.73 -25.71 -35.24
CA GLY C 30 32.39 -26.06 -36.61
C GLY C 30 31.26 -27.07 -36.73
N SER C 31 30.30 -27.03 -35.81
CA SER C 31 29.18 -27.98 -35.88
C SER C 31 28.35 -27.72 -37.11
N LYS C 32 27.91 -28.80 -37.75
CA LYS C 32 26.78 -28.75 -38.65
C LYS C 32 25.44 -29.06 -37.92
N PHE C 33 24.36 -28.54 -38.50
CA PHE C 33 22.98 -28.73 -38.05
C PHE C 33 22.46 -30.04 -38.63
N VAL C 34 22.21 -31.05 -37.80
CA VAL C 34 21.94 -32.42 -38.29
C VAL C 34 20.49 -32.92 -38.22
N VAL C 35 19.53 -32.05 -37.91
CA VAL C 35 18.12 -32.47 -37.73
C VAL C 35 17.23 -32.02 -38.88
N LYS C 36 16.30 -32.88 -39.31
CA LYS C 36 15.28 -32.47 -40.27
C LYS C 36 13.89 -32.65 -39.63
N PHE C 37 12.91 -31.90 -40.13
CA PHE C 37 11.60 -31.85 -39.54
C PHE C 37 10.61 -32.00 -40.70
N PRO C 38 9.52 -32.75 -40.52
CA PRO C 38 8.48 -32.80 -41.55
C PRO C 38 7.77 -31.43 -41.67
N ASN C 39 7.27 -31.06 -42.84
CA ASN C 39 6.53 -29.82 -43.00
C ASN C 39 5.13 -30.04 -43.55
N ASN C 40 4.74 -31.30 -43.78
CA ASN C 40 3.41 -31.57 -44.37
C ASN C 40 2.40 -32.26 -43.46
N VAL C 41 2.74 -32.45 -42.18
CA VAL C 41 1.89 -33.14 -41.22
C VAL C 41 2.14 -32.45 -39.92
N GLU C 42 1.35 -32.81 -38.91
CA GLU C 42 1.66 -32.50 -37.52
C GLU C 42 3.12 -32.82 -37.18
N GLU C 43 3.75 -31.91 -36.43
CA GLU C 43 5.19 -32.02 -36.17
C GLU C 43 5.44 -32.85 -34.92
N ASN C 44 5.53 -34.17 -35.10
CA ASN C 44 5.70 -35.08 -34.00
C ASN C 44 6.76 -36.15 -34.32
N CYS C 45 7.62 -35.85 -35.30
CA CYS C 45 8.74 -36.73 -35.62
C CYS C 45 9.90 -35.95 -36.24
N ILE C 46 11.10 -36.54 -36.13
CA ILE C 46 12.32 -35.94 -36.65
CA ILE C 46 12.34 -35.94 -36.61
C ILE C 46 13.24 -37.01 -37.22
N SER C 47 14.18 -36.56 -38.03
CA SER C 47 15.22 -37.36 -38.61
C SER C 47 16.53 -36.71 -38.14
N ILE C 48 17.29 -37.45 -37.35
CA ILE C 48 18.52 -36.91 -36.82
C ILE C 48 19.62 -37.71 -37.51
N ALA C 49 20.20 -37.02 -38.48
CA ALA C 49 20.90 -37.60 -39.60
C ALA C 49 21.30 -39.08 -39.46
N GLY C 50 20.66 -39.97 -40.21
CA GLY C 50 19.29 -39.84 -40.72
C GLY C 50 18.44 -40.94 -40.08
N LYS C 51 18.31 -40.89 -38.75
CA LYS C 51 17.58 -41.88 -37.98
C LYS C 51 16.29 -41.24 -37.48
N VAL C 52 15.16 -41.93 -37.54
CA VAL C 52 13.90 -41.29 -37.18
C VAL C 52 13.44 -41.58 -35.75
N TYR C 53 12.84 -40.58 -35.11
CA TYR C 53 12.22 -40.73 -33.79
C TYR C 53 10.84 -40.15 -33.83
N LEU C 54 9.91 -40.74 -33.06
CA LEU C 54 8.55 -40.27 -32.96
C LEU C 54 8.34 -39.76 -31.55
N PHE C 55 7.69 -38.60 -31.43
CA PHE C 55 7.42 -38.14 -30.07
C PHE C 55 5.98 -37.65 -30.14
N ASP C 56 5.50 -37.08 -29.04
CA ASP C 56 4.15 -36.53 -29.07
C ASP C 56 4.17 -35.20 -29.79
N LYS C 57 5.34 -34.54 -29.77
CA LYS C 57 5.51 -33.24 -30.43
C LYS C 57 6.98 -32.96 -30.51
N VAL C 58 7.37 -32.25 -31.56
CA VAL C 58 8.76 -31.85 -31.69
C VAL C 58 8.78 -30.37 -32.01
N PHE C 59 9.61 -29.61 -31.29
CA PHE C 59 9.64 -28.18 -31.52
C PHE C 59 10.98 -27.84 -32.18
N LYS C 60 10.90 -26.97 -33.17
CA LYS C 60 12.07 -26.52 -33.90
C LYS C 60 12.79 -25.43 -33.14
N PRO C 61 13.99 -25.04 -33.60
CA PRO C 61 14.72 -24.03 -32.86
C PRO C 61 14.01 -22.67 -32.86
N ASN C 62 13.15 -22.41 -33.82
CA ASN C 62 12.45 -21.13 -33.89
C ASN C 62 11.09 -21.20 -33.16
N ALA C 63 10.77 -22.30 -32.47
CA ALA C 63 9.57 -22.36 -31.62
C ALA C 63 9.59 -21.32 -30.52
N SER C 64 8.55 -20.48 -30.49
CA SER C 64 8.37 -19.51 -29.41
C SER C 64 7.97 -20.22 -28.10
N GLN C 65 8.21 -19.55 -26.97
CA GLN C 65 7.75 -19.98 -25.66
C GLN C 65 6.23 -20.20 -25.65
N GLU C 66 5.49 -19.36 -26.35
CA GLU C 66 4.05 -19.54 -26.41
C GLU C 66 3.63 -20.81 -27.10
N LYS C 67 4.25 -21.11 -28.23
CA LYS C 67 3.91 -22.31 -28.96
C LYS C 67 4.24 -23.56 -28.12
N VAL C 68 5.40 -23.59 -27.49
CA VAL C 68 5.73 -24.71 -26.58
C VAL C 68 4.72 -24.93 -25.45
N TYR C 69 4.42 -23.84 -24.76
CA TYR C 69 3.39 -23.85 -23.75
C TYR C 69 2.06 -24.35 -24.31
N ASN C 70 1.54 -23.75 -25.38
CA ASN C 70 0.20 -24.05 -25.89
C ASN C 70 0.07 -25.50 -26.34
N GLU C 71 1.13 -26.00 -26.97
CA GLU C 71 1.05 -27.31 -27.60
C GLU C 71 1.52 -28.44 -26.70
N ALA C 72 2.24 -28.17 -25.63
CA ALA C 72 2.76 -29.21 -24.72
C ALA C 72 2.39 -29.09 -23.24
N ALA C 73 2.09 -27.90 -22.75
CA ALA C 73 1.99 -27.78 -21.31
C ALA C 73 0.59 -27.40 -20.88
N LYS C 74 -0.13 -26.64 -21.71
CA LYS C 74 -1.34 -25.94 -21.32
C LYS C 74 -2.37 -26.88 -20.69
N SER C 75 -2.53 -28.07 -21.27
CA SER C 75 -3.59 -28.99 -20.88
C SER C 75 -3.37 -29.52 -19.47
N ILE C 76 -2.15 -29.44 -18.96
CA ILE C 76 -1.93 -29.78 -17.56
C ILE C 76 -2.75 -28.93 -16.57
N VAL C 77 -3.08 -27.70 -16.94
CA VAL C 77 -3.81 -26.80 -16.05
C VAL C 77 -5.26 -27.25 -15.88
N THR C 78 -5.96 -27.47 -16.98
CA THR C 78 -7.28 -28.10 -16.85
C THR C 78 -7.20 -29.46 -16.16
N ASP C 79 -6.15 -30.22 -16.40
CA ASP C 79 -6.06 -31.47 -15.66
C ASP C 79 -6.03 -31.25 -14.16
N VAL C 80 -5.16 -30.36 -13.68
CA VAL C 80 -4.99 -30.23 -12.23
C VAL C 80 -6.26 -29.60 -11.64
N LEU C 81 -6.91 -28.76 -12.42
CA LEU C 81 -8.20 -28.20 -12.04
C LEU C 81 -9.38 -29.18 -12.09
N ALA C 82 -9.23 -30.33 -12.75
CA ALA C 82 -10.26 -31.35 -12.65
C ALA C 82 -9.83 -32.47 -11.69
N GLY C 83 -8.79 -32.22 -10.90
CA GLY C 83 -8.35 -33.11 -9.83
C GLY C 83 -7.40 -34.23 -10.21
N TYR C 84 -6.67 -34.08 -11.31
CA TYR C 84 -5.57 -34.97 -11.62
C TYR C 84 -4.26 -34.43 -11.05
N ASN C 85 -3.36 -35.33 -10.68
CA ASN C 85 -1.96 -34.99 -10.55
C ASN C 85 -1.37 -34.81 -11.95
N GLY C 86 -0.48 -33.82 -12.07
CA GLY C 86 0.17 -33.46 -13.33
C GLY C 86 1.63 -33.17 -13.05
N THR C 87 2.49 -33.59 -13.96
CA THR C 87 3.90 -33.37 -13.81
C THR C 87 4.51 -32.99 -15.15
N ILE C 88 5.37 -31.96 -15.15
CA ILE C 88 6.23 -31.65 -16.29
C ILE C 88 7.68 -31.53 -15.83
N PHE C 89 8.61 -32.22 -16.50
CA PHE C 89 10.00 -31.99 -16.18
C PHE C 89 10.83 -31.83 -17.45
N ALA C 90 11.90 -31.05 -17.36
CA ALA C 90 12.76 -30.86 -18.55
C ALA C 90 14.04 -31.62 -18.26
N TYR C 91 14.54 -32.28 -19.30
CA TYR C 91 15.62 -33.24 -19.22
C TYR C 91 16.54 -32.90 -20.40
N GLY C 92 17.85 -32.87 -20.16
CA GLY C 92 18.84 -32.85 -21.25
C GLY C 92 20.16 -32.30 -20.79
N GLN C 93 21.17 -32.24 -21.66
CA GLN C 93 22.48 -31.78 -21.21
C GLN C 93 22.48 -30.30 -20.82
N THR C 94 23.43 -29.93 -19.95
CA THR C 94 23.66 -28.53 -19.63
C THR C 94 23.75 -27.72 -20.91
N SER C 95 23.05 -26.59 -20.93
CA SER C 95 22.95 -25.65 -22.02
C SER C 95 22.05 -26.10 -23.18
N SER C 96 21.30 -27.21 -23.00
CA SER C 96 20.37 -27.65 -24.05
C SER C 96 19.07 -26.85 -24.07
N GLY C 97 18.76 -26.20 -22.96
CA GLY C 97 17.58 -25.35 -22.83
C GLY C 97 16.51 -25.68 -21.80
N LYS C 98 16.88 -26.39 -20.76
CA LYS C 98 15.90 -26.77 -19.72
C LYS C 98 15.33 -25.54 -19.01
N THR C 99 16.19 -24.61 -18.59
CA THR C 99 15.76 -23.50 -17.73
C THR C 99 15.03 -22.49 -18.60
N HIS C 100 15.51 -22.36 -19.82
CA HIS C 100 14.84 -21.48 -20.75
C HIS C 100 13.40 -22.00 -20.90
N THR C 101 13.27 -23.32 -21.09
CA THR C 101 11.95 -23.89 -21.34
C THR C 101 11.07 -23.80 -20.11
N MET C 102 11.58 -24.20 -18.95
CA MET C 102 10.78 -24.24 -17.74
C MET C 102 10.51 -22.85 -17.16
N GLU C 103 11.50 -21.95 -17.15
CA GLU C 103 11.27 -20.61 -16.58
C GLU C 103 11.28 -19.48 -17.61
N GLY C 104 12.33 -19.39 -18.42
CA GLY C 104 12.52 -18.34 -19.41
C GLY C 104 12.74 -17.03 -18.65
N VAL C 105 12.33 -15.91 -19.23
CA VAL C 105 12.52 -14.66 -18.53
C VAL C 105 11.20 -14.31 -17.88
N ILE C 106 11.09 -14.42 -16.55
CA ILE C 106 9.79 -14.21 -15.93
C ILE C 106 9.44 -12.73 -16.07
N GLY C 107 8.18 -12.43 -16.28
CA GLY C 107 7.74 -11.06 -16.44
C GLY C 107 8.06 -10.49 -17.81
N ASP C 108 8.57 -11.35 -18.70
CA ASP C 108 8.60 -11.00 -20.12
C ASP C 108 7.52 -11.78 -20.87
N SER C 109 6.52 -11.09 -21.39
CA SER C 109 5.36 -11.76 -21.96
C SER C 109 5.72 -12.64 -23.16
N VAL C 110 6.76 -12.29 -23.90
CA VAL C 110 7.32 -13.14 -24.95
C VAL C 110 8.18 -14.29 -24.40
N LYS C 111 9.11 -13.99 -23.49
CA LYS C 111 10.21 -14.89 -23.17
C LYS C 111 10.00 -15.77 -21.96
N GLN C 112 8.89 -15.55 -21.24
CA GLN C 112 8.61 -16.33 -20.03
C GLN C 112 8.34 -17.78 -20.49
N GLY C 113 8.76 -18.75 -19.68
CA GLY C 113 8.54 -20.16 -20.02
C GLY C 113 7.31 -20.79 -19.41
N ILE C 114 7.37 -22.10 -19.24
CA ILE C 114 6.18 -22.85 -18.87
C ILE C 114 5.66 -22.53 -17.46
N ILE C 115 6.54 -22.38 -16.49
CA ILE C 115 6.04 -22.18 -15.12
C ILE C 115 5.22 -20.84 -14.99
N PRO C 116 5.75 -19.69 -15.43
CA PRO C 116 4.92 -18.47 -15.31
C PRO C 116 3.62 -18.59 -16.12
N ARG C 117 3.65 -19.28 -17.26
CA ARG C 117 2.42 -19.35 -18.07
C ARG C 117 1.44 -20.27 -17.37
N ILE C 118 1.94 -21.30 -16.69
CA ILE C 118 1.07 -22.17 -15.94
C ILE C 118 0.43 -21.34 -14.84
N VAL C 119 1.24 -20.55 -14.15
CA VAL C 119 0.76 -19.81 -12.99
C VAL C 119 -0.33 -18.82 -13.41
N ASN C 120 -0.08 -18.10 -14.49
CA ASN C 120 -1.09 -17.17 -14.99
C ASN C 120 -2.36 -17.92 -15.36
N ASP C 121 -2.20 -19.07 -16.01
CA ASP C 121 -3.36 -19.75 -16.52
C ASP C 121 -4.23 -20.41 -15.45
N ILE C 122 -3.61 -20.88 -14.38
CA ILE C 122 -4.43 -21.40 -13.31
C ILE C 122 -5.45 -20.34 -12.82
N PHE C 123 -4.97 -19.13 -12.60
CA PHE C 123 -5.81 -18.08 -12.06
C PHE C 123 -6.73 -17.61 -13.17
N ASN C 124 -6.24 -17.53 -14.41
CA ASN C 124 -7.15 -17.15 -15.48
C ASN C 124 -8.33 -18.08 -15.54
N HIS C 125 -8.05 -19.37 -15.44
CA HIS C 125 -9.12 -20.37 -15.49
C HIS C 125 -10.08 -20.25 -14.33
N ILE C 126 -9.53 -20.09 -13.13
CA ILE C 126 -10.38 -20.04 -11.97
C ILE C 126 -11.37 -18.89 -12.17
N TYR C 127 -10.86 -17.72 -12.56
CA TYR C 127 -11.64 -16.51 -12.81
C TYR C 127 -12.73 -16.75 -13.87
N ALA C 128 -12.43 -17.53 -14.90
CA ALA C 128 -13.35 -17.75 -16.01
C ALA C 128 -14.31 -18.88 -15.67
N MET C 129 -14.18 -19.43 -14.46
CA MET C 129 -14.98 -20.59 -14.11
C MET C 129 -16.46 -20.29 -13.83
N GLU C 130 -17.31 -21.18 -14.34
CA GLU C 130 -18.75 -21.04 -14.23
C GLU C 130 -19.17 -21.31 -12.79
N VAL C 131 -19.42 -22.58 -12.49
CA VAL C 131 -19.80 -23.01 -11.14
C VAL C 131 -18.99 -22.28 -10.06
N ASN C 132 -19.56 -22.12 -8.87
CA ASN C 132 -18.81 -21.61 -7.72
C ASN C 132 -18.01 -22.66 -6.93
N LEU C 133 -16.85 -22.98 -7.46
CA LEU C 133 -15.91 -23.78 -6.73
C LEU C 133 -15.15 -22.87 -5.77
N GLU C 134 -14.42 -23.47 -4.84
CA GLU C 134 -13.52 -22.70 -4.00
C GLU C 134 -12.19 -23.44 -4.00
N PHE C 135 -11.10 -22.72 -4.29
CA PHE C 135 -9.79 -23.35 -4.54
C PHE C 135 -8.83 -22.92 -3.46
N HIS C 136 -8.11 -23.88 -2.89
CA HIS C 136 -6.96 -23.61 -2.03
C HIS C 136 -5.71 -23.91 -2.82
N ILE C 137 -4.81 -22.95 -2.98
CA ILE C 137 -3.58 -23.20 -3.72
C ILE C 137 -2.36 -22.92 -2.84
N LYS C 138 -1.49 -23.90 -2.70
CA LYS C 138 -0.27 -23.71 -1.95
C LYS C 138 0.98 -24.19 -2.68
N VAL C 139 2.04 -23.39 -2.60
CA VAL C 139 3.24 -23.71 -3.36
C VAL C 139 4.41 -24.07 -2.46
N SER C 140 5.27 -24.95 -2.98
CA SER C 140 6.55 -25.29 -2.40
C SER C 140 7.64 -25.12 -3.45
N TYR C 141 8.88 -24.88 -3.00
CA TYR C 141 9.99 -24.61 -3.91
C TYR C 141 11.24 -25.11 -3.20
N TYR C 142 11.87 -26.12 -3.79
CA TYR C 142 13.08 -26.59 -3.17
C TYR C 142 14.01 -27.12 -4.24
N GLU C 143 15.21 -27.46 -3.79
CA GLU C 143 16.27 -27.83 -4.69
C GLU C 143 16.81 -29.15 -4.20
N ILE C 144 17.29 -29.96 -5.13
CA ILE C 144 17.96 -31.19 -4.75
C ILE C 144 19.38 -31.13 -5.31
N TYR C 145 20.37 -31.22 -4.43
CA TYR C 145 21.77 -31.10 -4.84
C TYR C 145 22.52 -32.22 -4.13
N MET C 146 23.15 -33.06 -4.93
CA MET C 146 23.87 -34.24 -4.44
C MET C 146 23.01 -35.05 -3.48
N ASP C 147 21.79 -35.36 -3.91
CA ASP C 147 20.85 -36.11 -3.07
C ASP C 147 20.51 -35.45 -1.74
N LYS C 148 20.67 -34.14 -1.63
CA LYS C 148 20.19 -33.44 -0.43
C LYS C 148 19.19 -32.38 -0.83
N ILE C 149 18.16 -32.20 0.00
CA ILE C 149 17.08 -31.30 -0.33
C ILE C 149 17.16 -30.06 0.49
N ARG C 150 17.19 -28.92 -0.17
CA ARG C 150 17.21 -27.65 0.55
C ARG C 150 15.93 -26.90 0.16
N ASP C 151 15.18 -26.47 1.15
CA ASP C 151 13.99 -25.66 0.96
C ASP C 151 14.45 -24.30 0.49
N LEU C 152 13.86 -23.84 -0.60
CA LEU C 152 14.23 -22.53 -1.11
C LEU C 152 13.38 -21.43 -0.50
N LEU C 153 12.33 -21.81 0.22
CA LEU C 153 11.55 -20.83 0.94
C LEU C 153 11.94 -20.69 2.42
N ASP C 154 12.96 -21.41 2.86
CA ASP C 154 13.39 -21.34 4.26
C ASP C 154 14.90 -21.54 4.27
N VAL C 155 15.61 -20.43 4.43
CA VAL C 155 17.07 -20.41 4.49
C VAL C 155 17.61 -21.36 5.57
N SER C 156 16.84 -21.66 6.62
CA SER C 156 17.32 -22.62 7.63
C SER C 156 17.13 -24.10 7.24
N LYS C 157 16.01 -24.40 6.57
CA LYS C 157 15.67 -25.77 6.19
C LYS C 157 16.58 -26.38 5.11
N VAL C 158 17.64 -27.03 5.61
CA VAL C 158 18.65 -27.72 4.81
C VAL C 158 18.55 -29.20 5.16
N ASN C 159 18.69 -30.03 4.14
CA ASN C 159 18.59 -31.46 4.29
C ASN C 159 17.20 -31.80 4.84
N LEU C 160 16.20 -31.82 3.97
CA LEU C 160 14.88 -32.32 4.34
C LEU C 160 14.79 -33.76 3.90
N SER C 161 13.95 -34.52 4.58
CA SER C 161 13.81 -35.95 4.32
C SER C 161 12.55 -36.22 3.50
N VAL C 162 12.56 -37.37 2.84
CA VAL C 162 11.42 -37.82 2.06
C VAL C 162 10.64 -38.85 2.87
N HIS C 163 9.37 -38.57 3.14
CA HIS C 163 8.44 -39.52 3.78
C HIS C 163 7.42 -40.05 2.78
N GLU C 164 6.70 -41.08 3.20
CA GLU C 164 5.55 -41.60 2.46
C GLU C 164 4.22 -41.25 3.14
N ASP C 165 3.20 -41.01 2.34
CA ASP C 165 1.85 -40.86 2.89
C ASP C 165 1.20 -42.23 3.06
N LYS C 166 -0.04 -42.25 3.56
CA LYS C 166 -0.80 -43.50 3.75
C LYS C 166 -0.65 -44.48 2.60
N ASN C 167 -0.68 -43.97 1.38
CA ASN C 167 -0.66 -44.81 0.19
C ASN C 167 0.74 -45.20 -0.24
N ARG C 168 1.73 -44.88 0.59
CA ARG C 168 3.14 -45.14 0.27
C ARG C 168 3.64 -44.24 -0.88
N VAL C 169 2.99 -43.11 -1.07
CA VAL C 169 3.40 -42.15 -2.09
C VAL C 169 4.35 -41.13 -1.48
N PRO C 170 5.59 -41.07 -1.96
CA PRO C 170 6.64 -40.25 -1.36
C PRO C 170 6.38 -38.74 -1.51
N TYR C 171 6.80 -37.93 -0.55
CA TYR C 171 6.73 -36.45 -0.63
C TYR C 171 7.76 -35.82 0.33
N VAL C 172 8.09 -34.55 0.10
CA VAL C 172 8.92 -33.82 1.06
C VAL C 172 8.14 -33.20 2.23
N LYS C 173 8.33 -33.75 3.42
CA LYS C 173 7.47 -33.43 4.57
C LYS C 173 7.64 -32.06 5.21
N GLY C 174 8.87 -31.63 5.38
CA GLY C 174 9.03 -30.36 6.04
C GLY C 174 9.15 -29.17 5.11
N ALA C 175 8.90 -29.37 3.81
CA ALA C 175 8.99 -28.27 2.86
C ALA C 175 7.96 -27.21 3.20
N THR C 176 8.39 -25.96 3.21
CA THR C 176 7.46 -24.85 3.33
C THR C 176 6.42 -24.94 2.21
N GLU C 177 5.17 -24.71 2.61
CA GLU C 177 4.06 -24.63 1.69
C GLU C 177 3.51 -23.24 1.91
N ARG C 178 3.25 -22.49 0.86
CA ARG C 178 2.91 -21.11 1.07
C ARG C 178 1.57 -20.96 0.37
N PHE C 179 0.52 -20.50 1.06
CA PHE C 179 -0.74 -20.24 0.39
C PHE C 179 -0.58 -19.03 -0.50
N VAL C 180 -1.29 -19.01 -1.63
CA VAL C 180 -1.17 -17.93 -2.60
C VAL C 180 -2.59 -17.71 -3.15
N SER C 181 -2.95 -16.50 -3.54
CA SER C 181 -4.31 -16.27 -4.02
C SER C 181 -4.22 -15.45 -5.28
N SER C 182 -3.00 -15.26 -5.80
CA SER C 182 -2.91 -14.50 -7.03
C SER C 182 -1.64 -14.88 -7.80
N PRO C 183 -1.61 -14.62 -9.11
CA PRO C 183 -0.37 -14.82 -9.82
C PRO C 183 0.74 -14.01 -9.16
N GLU C 184 0.45 -12.79 -8.73
CA GLU C 184 1.46 -11.96 -8.09
C GLU C 184 2.00 -12.61 -6.83
N ASP C 185 1.14 -13.19 -6.01
CA ASP C 185 1.61 -13.91 -4.82
C ASP C 185 2.63 -14.98 -5.23
N VAL C 186 2.36 -15.69 -6.33
CA VAL C 186 3.19 -16.83 -6.68
C VAL C 186 4.52 -16.30 -7.20
N PHE C 187 4.49 -15.23 -7.98
CA PHE C 187 5.77 -14.76 -8.54
C PHE C 187 6.67 -14.18 -7.45
N GLU C 188 6.11 -13.70 -6.34
CA GLU C 188 6.92 -13.31 -5.17
C GLU C 188 7.53 -14.49 -4.44
N VAL C 189 6.78 -15.57 -4.29
CA VAL C 189 7.38 -16.82 -3.85
C VAL C 189 8.55 -17.27 -4.74
N ILE C 190 8.38 -17.25 -6.07
CA ILE C 190 9.44 -17.74 -6.95
C ILE C 190 10.68 -16.83 -6.81
N GLU C 191 10.47 -15.51 -6.82
CA GLU C 191 11.61 -14.62 -6.68
CA GLU C 191 11.57 -14.54 -6.62
C GLU C 191 12.29 -14.83 -5.32
N GLU C 192 11.52 -15.03 -4.25
CA GLU C 192 12.11 -15.42 -2.96
C GLU C 192 12.98 -16.68 -3.04
N GLY C 193 12.49 -17.69 -3.74
CA GLY C 193 13.24 -18.96 -3.79
C GLY C 193 14.50 -18.78 -4.62
N LYS C 194 14.33 -18.10 -5.75
CA LYS C 194 15.47 -17.79 -6.61
C LYS C 194 16.55 -17.05 -5.84
N SER C 195 16.17 -16.00 -5.09
CA SER C 195 17.18 -15.25 -4.35
C SER C 195 17.78 -16.07 -3.20
N ASN C 196 16.99 -16.88 -2.49
CA ASN C 196 17.55 -17.79 -1.47
C ASN C 196 18.51 -18.81 -2.06
N ARG C 197 18.31 -19.19 -3.31
CA ARG C 197 19.18 -20.22 -3.93
C ARG C 197 20.63 -19.74 -4.03
N HIS C 198 20.79 -18.43 -4.19
CA HIS C 198 22.11 -17.83 -4.30
C HIS C 198 22.85 -17.86 -2.98
N ILE C 199 22.11 -17.96 -1.87
CA ILE C 199 22.77 -18.12 -0.56
C ILE C 199 23.69 -19.34 -0.54
N ALA C 200 24.95 -19.08 -0.19
CA ALA C 200 25.99 -20.12 -0.03
C ALA C 200 26.35 -20.78 -1.36
N VAL C 201 25.98 -20.13 -2.46
CA VAL C 201 26.42 -20.59 -3.78
C VAL C 201 27.33 -19.52 -4.37
N THR C 202 28.53 -19.91 -4.79
CA THR C 202 29.43 -18.92 -5.40
C THR C 202 29.31 -18.84 -6.92
N ASN C 203 29.23 -19.99 -7.61
CA ASN C 203 28.90 -19.99 -9.04
C ASN C 203 27.56 -20.68 -9.40
N MET C 204 26.56 -19.85 -9.67
CA MET C 204 25.18 -20.28 -9.85
C MET C 204 24.97 -21.06 -11.15
N ASN C 205 25.69 -20.69 -12.21
CA ASN C 205 25.65 -21.40 -13.48
C ASN C 205 26.11 -22.84 -13.21
N GLU C 206 27.29 -23.01 -12.61
CA GLU C 206 27.75 -24.36 -12.30
C GLU C 206 26.88 -25.08 -11.26
N HIS C 207 26.46 -24.36 -10.22
CA HIS C 207 25.60 -24.98 -9.22
C HIS C 207 24.23 -25.45 -9.78
N SER C 208 23.55 -24.61 -10.54
CA SER C 208 22.21 -24.95 -11.00
C SER C 208 22.29 -26.03 -12.08
N SER C 209 23.40 -26.11 -12.80
CA SER C 209 23.64 -27.20 -13.77
C SER C 209 23.78 -28.54 -13.04
N ARG C 210 24.14 -28.49 -11.77
CA ARG C 210 24.32 -29.76 -11.11
C ARG C 210 23.17 -30.12 -10.16
N SER C 211 22.10 -29.33 -10.17
CA SER C 211 21.04 -29.54 -9.19
C SER C 211 19.66 -29.52 -9.86
N HIS C 212 18.64 -29.96 -9.14
CA HIS C 212 17.27 -30.03 -9.65
C HIS C 212 16.46 -28.98 -8.90
N SER C 213 15.67 -28.23 -9.65
CA SER C 213 14.85 -27.21 -9.05
C SER C 213 13.40 -27.70 -9.19
N VAL C 214 12.73 -27.80 -8.05
CA VAL C 214 11.45 -28.46 -7.96
C VAL C 214 10.42 -27.48 -7.49
N PHE C 215 9.46 -27.17 -8.36
CA PHE C 215 8.43 -26.23 -7.94
C PHE C 215 7.09 -27.00 -7.88
N LEU C 216 6.39 -26.95 -6.75
CA LEU C 216 5.18 -27.76 -6.55
C LEU C 216 3.97 -26.83 -6.34
N ILE C 217 2.92 -27.00 -7.15
CA ILE C 217 1.66 -26.32 -6.90
C ILE C 217 0.58 -27.30 -6.46
N ASN C 218 0.07 -27.11 -5.25
CA ASN C 218 -0.92 -28.04 -4.74
C ASN C 218 -2.28 -27.37 -4.84
N VAL C 219 -3.19 -27.92 -5.67
CA VAL C 219 -4.50 -27.25 -5.89
C VAL C 219 -5.59 -28.14 -5.30
N LYS C 220 -6.26 -27.69 -4.24
CA LYS C 220 -7.44 -28.40 -3.73
C LYS C 220 -8.68 -27.56 -4.05
N GLN C 221 -9.78 -28.24 -4.32
CA GLN C 221 -11.00 -27.51 -4.70
C GLN C 221 -12.19 -28.21 -4.07
N GLU C 222 -13.17 -27.39 -3.68
CA GLU C 222 -14.38 -27.88 -3.04
C GLU C 222 -15.52 -27.28 -3.86
N ASN C 223 -16.38 -28.15 -4.39
CA ASN C 223 -17.58 -27.66 -5.04
C ASN C 223 -18.55 -27.22 -3.93
N LEU C 224 -18.96 -25.96 -3.92
CA LEU C 224 -19.72 -25.47 -2.78
C LEU C 224 -21.18 -25.91 -2.91
N GLU C 225 -21.63 -26.20 -4.13
CA GLU C 225 -22.99 -26.69 -4.29
C GLU C 225 -23.18 -28.09 -3.73
N ASN C 226 -22.19 -28.97 -3.91
CA ASN C 226 -22.40 -30.36 -3.50
C ASN C 226 -21.41 -30.91 -2.48
N GLN C 227 -20.52 -30.04 -2.00
CA GLN C 227 -19.46 -30.42 -1.06
C GLN C 227 -18.48 -31.48 -1.61
N LYS C 228 -18.41 -31.67 -2.92
CA LYS C 228 -17.37 -32.53 -3.51
C LYS C 228 -16.00 -31.84 -3.47
N LYS C 229 -14.98 -32.57 -3.03
CA LYS C 229 -13.60 -32.07 -2.96
C LYS C 229 -12.66 -32.86 -3.85
N LEU C 230 -11.84 -32.14 -4.59
CA LEU C 230 -10.87 -32.73 -5.54
C LEU C 230 -9.53 -32.16 -5.14
N SER C 231 -8.47 -32.90 -5.43
CA SER C 231 -7.13 -32.33 -5.36
C SER C 231 -6.20 -32.83 -6.47
N GLY C 232 -5.18 -32.02 -6.75
CA GLY C 232 -4.14 -32.35 -7.71
C GLY C 232 -2.81 -31.70 -7.31
N LYS C 233 -1.71 -32.42 -7.45
CA LYS C 233 -0.40 -31.83 -7.28
C LYS C 233 0.24 -31.64 -8.67
N LEU C 234 0.75 -30.46 -8.90
CA LEU C 234 1.44 -30.15 -10.13
C LEU C 234 2.92 -29.95 -9.79
N TYR C 235 3.76 -30.89 -10.20
CA TYR C 235 5.19 -30.75 -10.05
C TYR C 235 5.81 -30.18 -11.33
N LEU C 236 6.67 -29.16 -11.19
CA LEU C 236 7.36 -28.58 -12.35
C LEU C 236 8.86 -28.55 -12.06
N VAL C 237 9.61 -29.37 -12.81
CA VAL C 237 10.96 -29.68 -12.43
C VAL C 237 11.92 -29.37 -13.57
N ASP C 238 13.00 -28.69 -13.19
CA ASP C 238 14.10 -28.39 -14.08
C ASP C 238 15.21 -29.26 -13.52
N LEU C 239 15.57 -30.34 -14.21
CA LEU C 239 16.55 -31.29 -13.71
C LEU C 239 18.01 -30.82 -13.84
N ALA C 240 18.89 -31.49 -13.12
CA ALA C 240 20.32 -31.44 -13.41
C ALA C 240 20.63 -31.94 -14.81
N GLY C 241 21.76 -31.48 -15.34
CA GLY C 241 22.22 -31.86 -16.66
C GLY C 241 22.39 -33.36 -16.77
N SER C 242 22.06 -33.90 -17.93
CA SER C 242 22.16 -35.35 -18.15
C SER C 242 23.50 -35.84 -18.74
N GLU C 243 24.40 -34.92 -19.05
CA GLU C 243 25.69 -35.24 -19.66
C GLU C 243 26.52 -36.20 -18.81
N LYS C 244 27.20 -37.10 -19.51
CA LYS C 244 28.01 -38.16 -18.95
C LYS C 244 29.46 -37.73 -18.72
N LYS C 259 29.08 -43.09 -17.98
CA LYS C 259 28.84 -42.91 -16.55
C LYS C 259 27.71 -41.92 -16.19
N ASN C 260 27.97 -40.61 -16.20
CA ASN C 260 26.98 -39.57 -15.78
C ASN C 260 27.55 -38.59 -14.74
N ILE C 261 27.67 -37.32 -15.10
CA ILE C 261 28.19 -36.34 -14.14
C ILE C 261 27.30 -36.19 -12.89
N ASN C 262 25.98 -36.37 -13.04
CA ASN C 262 25.07 -36.37 -11.88
C ASN C 262 24.42 -37.73 -11.63
N LYS C 263 24.72 -38.36 -10.50
CA LYS C 263 24.26 -39.71 -10.20
C LYS C 263 22.75 -39.96 -10.20
N SER C 264 21.96 -38.97 -9.80
CA SER C 264 20.51 -39.11 -9.67
C SER C 264 19.85 -39.26 -11.04
N LEU C 265 20.51 -38.79 -12.09
CA LEU C 265 20.04 -39.02 -13.45
C LEU C 265 20.28 -40.44 -13.94
N SER C 266 21.24 -41.13 -13.33
CA SER C 266 21.47 -42.53 -13.64
C SER C 266 20.31 -43.31 -13.00
N ALA C 267 19.86 -42.86 -11.83
CA ALA C 267 18.74 -43.44 -11.15
C ALA C 267 17.48 -43.22 -11.98
N LEU C 268 17.30 -41.99 -12.48
CA LEU C 268 16.14 -41.71 -13.35
C LEU C 268 16.14 -42.62 -14.56
N GLY C 269 17.29 -42.67 -15.23
CA GLY C 269 17.47 -43.53 -16.42
C GLY C 269 17.17 -44.98 -16.10
N ASN C 270 17.66 -45.46 -14.96
CA ASN C 270 17.29 -46.81 -14.50
C ASN C 270 15.82 -47.03 -14.17
N VAL C 271 15.15 -46.05 -13.56
CA VAL C 271 13.70 -46.22 -13.36
C VAL C 271 12.92 -46.32 -14.70
N ILE C 272 13.14 -45.38 -15.60
CA ILE C 272 12.54 -45.44 -16.91
C ILE C 272 12.83 -46.77 -17.65
N SER C 273 14.07 -47.23 -17.67
CA SER C 273 14.42 -48.47 -18.39
C SER C 273 13.70 -49.68 -17.77
N ALA C 274 13.71 -49.71 -16.44
CA ALA C 274 12.98 -50.75 -15.72
C ALA C 274 11.49 -50.73 -16.10
N LEU C 275 10.83 -49.58 -15.98
CA LEU C 275 9.43 -49.47 -16.43
C LEU C 275 9.21 -49.78 -17.91
N ALA C 276 10.09 -49.29 -18.80
CA ALA C 276 9.91 -49.51 -20.23
C ALA C 276 9.97 -50.98 -20.62
N ASP C 277 10.90 -51.73 -20.03
CA ASP C 277 11.09 -53.16 -20.34
C ASP C 277 9.75 -53.87 -20.19
N GLY C 278 9.05 -53.62 -19.09
CA GLY C 278 7.67 -54.05 -18.89
C GLY C 278 7.57 -55.28 -18.02
N ASN C 279 8.67 -56.03 -18.02
CA ASN C 279 8.79 -57.35 -17.42
C ASN C 279 9.64 -57.35 -16.15
N LYS C 280 9.99 -56.17 -15.65
CA LYS C 280 10.86 -56.06 -14.48
C LYS C 280 10.01 -55.80 -13.25
N THR C 281 10.32 -56.50 -12.16
CA THR C 281 9.49 -56.46 -10.98
C THR C 281 9.84 -55.30 -10.04
N HIS C 282 11.13 -55.15 -9.80
CA HIS C 282 11.63 -54.17 -8.85
C HIS C 282 12.02 -52.88 -9.54
N ILE C 283 11.29 -51.81 -9.25
CA ILE C 283 11.60 -50.55 -9.86
C ILE C 283 12.44 -49.72 -8.90
N PRO C 284 13.62 -49.31 -9.35
CA PRO C 284 14.53 -48.78 -8.35
C PRO C 284 14.30 -47.31 -8.02
N TYR C 285 13.09 -46.94 -7.60
CA TYR C 285 12.80 -45.54 -7.26
C TYR C 285 13.67 -45.05 -6.11
N ARG C 286 14.01 -45.96 -5.21
CA ARG C 286 14.64 -45.56 -3.94
C ARG C 286 16.14 -45.36 -4.09
N ASP C 287 16.64 -45.45 -5.31
CA ASP C 287 18.04 -45.12 -5.54
C ASP C 287 18.40 -43.63 -5.44
N SER C 288 17.42 -42.73 -5.39
CA SER C 288 17.73 -41.29 -5.24
C SER C 288 16.46 -40.65 -4.74
N LYS C 289 16.59 -39.55 -4.00
CA LYS C 289 15.44 -38.76 -3.59
C LYS C 289 14.63 -38.25 -4.79
N LEU C 290 15.32 -37.83 -5.86
CA LEU C 290 14.67 -37.41 -7.11
C LEU C 290 13.64 -38.43 -7.55
N THR C 291 14.07 -39.67 -7.77
CA THR C 291 13.18 -40.72 -8.28
C THR C 291 12.07 -41.21 -7.32
N ARG C 292 12.26 -41.03 -6.02
CA ARG C 292 11.16 -41.15 -5.05
C ARG C 292 10.22 -39.97 -5.19
N ILE C 293 10.71 -38.75 -5.22
CA ILE C 293 9.79 -37.62 -5.43
C ILE C 293 8.98 -37.81 -6.72
N LEU C 294 9.62 -38.29 -7.79
CA LEU C 294 8.95 -38.51 -9.07
C LEU C 294 8.29 -39.90 -9.22
N GLN C 295 8.11 -40.62 -8.11
CA GLN C 295 7.68 -42.02 -8.20
C GLN C 295 6.29 -42.12 -8.80
N GLU C 296 5.39 -41.32 -8.28
CA GLU C 296 4.05 -41.22 -8.86
C GLU C 296 4.05 -40.72 -10.32
N SER C 297 4.88 -39.70 -10.62
CA SER C 297 4.96 -39.19 -12.00
C SER C 297 5.43 -40.26 -12.96
N LEU C 298 6.18 -41.24 -12.47
CA LEU C 298 6.77 -42.26 -13.32
C LEU C 298 6.15 -43.64 -13.04
N GLY C 299 5.11 -43.97 -13.80
CA GLY C 299 4.44 -45.25 -13.56
C GLY C 299 3.27 -45.17 -12.58
N GLY C 300 3.09 -44.05 -11.90
CA GLY C 300 2.03 -43.93 -10.87
C GLY C 300 0.81 -43.10 -11.24
N ASN C 301 0.16 -42.51 -10.26
CA ASN C 301 -1.08 -41.78 -10.51
C ASN C 301 -0.84 -40.30 -10.86
N ALA C 302 -0.35 -40.02 -12.06
CA ALA C 302 -0.18 -38.63 -12.57
C ALA C 302 -0.08 -38.63 -14.07
N ARG C 303 -0.53 -37.54 -14.70
CA ARG C 303 -0.20 -37.30 -16.10
C ARG C 303 1.12 -36.53 -16.24
N THR C 304 2.06 -37.17 -16.91
CA THR C 304 3.39 -36.68 -16.95
C THR C 304 3.78 -36.28 -18.36
N THR C 305 4.38 -35.11 -18.50
CA THR C 305 4.96 -34.66 -19.77
C THR C 305 6.44 -34.40 -19.51
N ILE C 306 7.27 -35.03 -20.33
CA ILE C 306 8.68 -34.78 -20.28
C ILE C 306 9.07 -33.95 -21.52
N VAL C 307 9.77 -32.84 -21.31
CA VAL C 307 10.37 -32.11 -22.38
C VAL C 307 11.84 -32.51 -22.40
N ILE C 308 12.24 -33.21 -23.46
CA ILE C 308 13.64 -33.42 -23.67
C ILE C 308 14.17 -32.27 -24.52
N CYS C 309 15.24 -31.68 -24.01
CA CYS C 309 15.88 -30.54 -24.63
C CYS C 309 17.16 -30.99 -25.28
N CYS C 310 17.35 -30.56 -26.53
CA CYS C 310 18.43 -31.06 -27.39
C CYS C 310 19.16 -29.97 -28.16
N SER C 311 20.48 -30.16 -28.21
CA SER C 311 21.33 -29.53 -29.23
C SER C 311 21.12 -30.15 -30.61
N PRO C 312 21.00 -29.32 -31.67
CA PRO C 312 20.99 -29.88 -33.01
C PRO C 312 22.40 -29.96 -33.63
N ALA C 313 23.45 -29.77 -32.85
CA ALA C 313 24.83 -29.74 -33.38
C ALA C 313 25.42 -31.14 -33.59
N SER C 314 26.15 -31.33 -34.69
CA SER C 314 26.95 -32.56 -34.88
C SER C 314 27.93 -32.72 -33.71
N PHE C 315 28.39 -31.61 -33.14
CA PHE C 315 29.33 -31.65 -32.01
C PHE C 315 28.84 -32.44 -30.79
N ASN C 316 27.54 -32.33 -30.54
CA ASN C 316 26.90 -32.86 -29.34
C ASN C 316 26.08 -34.09 -29.67
N GLU C 317 26.37 -34.71 -30.81
CA GLU C 317 25.56 -35.82 -31.29
C GLU C 317 25.32 -36.94 -30.32
N SER C 318 26.34 -37.34 -29.56
CA SER C 318 26.18 -38.44 -28.62
C SER C 318 25.35 -38.10 -27.38
N GLU C 319 25.48 -36.91 -26.81
CA GLU C 319 24.62 -36.53 -25.70
C GLU C 319 23.19 -36.40 -26.25
N THR C 320 23.04 -35.78 -27.41
CA THR C 320 21.76 -35.73 -28.08
C THR C 320 21.15 -37.13 -28.29
N LYS C 321 21.96 -38.08 -28.75
CA LYS C 321 21.47 -39.45 -28.95
CA LYS C 321 21.48 -39.44 -28.95
C LYS C 321 21.02 -40.06 -27.62
N SER C 322 21.76 -39.77 -26.57
CA SER C 322 21.42 -40.30 -25.24
C SER C 322 20.12 -39.61 -24.76
N THR C 323 19.97 -38.31 -25.02
CA THR C 323 18.74 -37.63 -24.62
C THR C 323 17.53 -38.19 -25.36
N LEU C 324 17.69 -38.41 -26.67
CA LEU C 324 16.62 -38.96 -27.49
C LEU C 324 16.24 -40.37 -27.07
N ASP C 325 17.25 -41.18 -26.73
CA ASP C 325 16.98 -42.55 -26.28
C ASP C 325 16.22 -42.61 -24.94
N PHE C 326 16.58 -41.73 -24.00
CA PHE C 326 15.80 -41.59 -22.77
C PHE C 326 14.35 -41.29 -23.11
N GLY C 327 14.11 -40.35 -24.01
CA GLY C 327 12.73 -39.91 -24.24
C GLY C 327 11.94 -41.00 -24.92
N ARG C 328 12.56 -41.66 -25.88
CA ARG C 328 11.94 -42.75 -26.60
C ARG C 328 11.49 -43.86 -25.67
N ARG C 329 12.32 -44.19 -24.69
CA ARG C 329 11.98 -45.25 -23.73
C ARG C 329 10.87 -44.72 -22.82
N ALA C 330 11.01 -43.50 -22.31
CA ALA C 330 10.00 -42.94 -21.40
C ALA C 330 8.61 -42.90 -22.00
N LYS C 331 8.59 -42.61 -23.29
CA LYS C 331 7.34 -42.56 -24.07
C LYS C 331 6.54 -43.87 -24.06
N THR C 332 7.19 -45.00 -23.83
CA THR C 332 6.47 -46.29 -23.78
C THR C 332 5.99 -46.61 -22.36
N VAL C 333 6.20 -45.73 -21.38
CA VAL C 333 5.81 -46.05 -20.01
C VAL C 333 4.36 -45.66 -19.81
N LYS C 334 3.55 -46.52 -19.19
CA LYS C 334 2.14 -46.20 -19.02
C LYS C 334 1.89 -45.85 -17.58
N ASN C 335 1.18 -44.76 -17.37
CA ASN C 335 0.83 -44.31 -16.03
C ASN C 335 -0.60 -44.77 -15.81
N VAL C 336 -1.05 -44.86 -14.56
CA VAL C 336 -2.46 -45.19 -14.37
C VAL C 336 -3.07 -44.16 -13.43
N VAL C 337 -3.99 -43.36 -13.96
CA VAL C 337 -4.40 -42.12 -13.31
C VAL C 337 -5.90 -42.11 -13.04
N CYS C 338 -6.27 -41.51 -11.91
CA CYS C 338 -7.66 -41.17 -11.65
C CYS C 338 -7.76 -39.82 -10.96
N VAL C 339 -8.98 -39.26 -10.97
CA VAL C 339 -9.33 -38.05 -10.25
C VAL C 339 -9.14 -38.34 -8.77
N ASN C 340 -8.58 -37.40 -8.02
CA ASN C 340 -8.29 -37.57 -6.60
C ASN C 340 -9.38 -36.86 -5.81
N GLU C 341 -10.27 -37.68 -5.24
CA GLU C 341 -11.45 -37.17 -4.60
C GLU C 341 -11.29 -37.52 -3.14
N GLU C 342 -11.22 -36.52 -2.26
CA GLU C 342 -11.19 -36.76 -0.81
C GLU C 342 -12.60 -36.60 -0.27
N LEU C 343 -12.93 -37.21 0.86
CA LEU C 343 -14.36 -37.30 1.19
C LEU C 343 -15.08 -36.01 1.63
N THR C 344 -14.71 -35.48 2.80
CA THR C 344 -15.09 -34.14 3.30
C THR C 344 -15.54 -34.21 4.76
N ALA C 345 -14.94 -33.34 5.58
CA ALA C 345 -14.93 -33.50 7.04
C ALA C 345 -16.18 -34.20 7.55
N GLU C 346 -17.33 -33.59 7.25
CA GLU C 346 -18.61 -34.02 7.79
C GLU C 346 -19.20 -35.24 7.10
N GLU C 347 -18.70 -35.58 5.91
CA GLU C 347 -19.36 -36.60 5.10
C GLU C 347 -19.08 -38.06 5.52
N TRP C 348 -17.95 -38.35 6.18
CA TRP C 348 -17.91 -39.62 6.91
C TRP C 348 -18.93 -39.55 8.04
N LYS C 349 -19.11 -38.36 8.63
CA LYS C 349 -20.16 -38.08 9.62
C LYS C 349 -21.56 -38.26 9.06
N ARG C 350 -21.97 -37.34 8.19
CA ARG C 350 -23.33 -37.25 7.65
C ARG C 350 -23.75 -38.47 6.83
N ARG C 351 -22.82 -39.41 6.64
CA ARG C 351 -23.12 -40.65 5.94
C ARG C 351 -22.86 -41.88 6.82
N TYR C 352 -22.29 -41.64 8.00
CA TYR C 352 -22.39 -42.63 9.08
C TYR C 352 -23.84 -42.62 9.55
N GLU C 353 -24.46 -41.44 9.50
CA GLU C 353 -25.84 -41.19 9.93
C GLU C 353 -26.94 -41.78 9.04
N LYS C 354 -26.69 -41.88 7.74
CA LYS C 354 -27.59 -42.59 6.83
C LYS C 354 -27.57 -44.07 7.20
N GLU C 355 -26.35 -44.62 7.31
CA GLU C 355 -26.07 -45.98 7.77
C GLU C 355 -26.58 -46.28 9.19
N LYS C 356 -26.52 -45.29 10.08
CA LYS C 356 -27.13 -45.42 11.41
C LYS C 356 -28.64 -45.50 11.30
N GLU C 357 -29.23 -44.58 10.52
CA GLU C 357 -30.68 -44.59 10.29
C GLU C 357 -31.11 -45.89 9.62
N LYS C 358 -30.35 -46.34 8.62
CA LYS C 358 -30.62 -47.59 7.92
C LYS C 358 -30.46 -48.84 8.81
N ASN C 359 -29.61 -48.74 9.83
CA ASN C 359 -29.55 -49.76 10.86
C ASN C 359 -30.84 -49.80 11.67
N ALA C 360 -31.38 -48.62 11.97
CA ALA C 360 -32.64 -48.52 12.72
C ALA C 360 -33.79 -49.18 11.94
N ARG C 361 -33.80 -49.00 10.63
CA ARG C 361 -34.86 -49.49 9.77
C ARG C 361 -34.82 -51.01 9.59
N LEU C 362 -33.61 -51.56 9.50
CA LEU C 362 -33.43 -53.00 9.33
C LEU C 362 -33.89 -53.77 10.58
N LYS C 363 -33.98 -53.06 11.70
CA LYS C 363 -34.33 -53.63 13.01
C LYS C 363 -35.35 -52.79 13.80
N GLU D 10 -19.91 -22.84 34.70
CA GLU D 10 -20.91 -21.76 34.46
C GLU D 10 -20.25 -20.39 34.39
N ASP D 11 -20.55 -19.68 33.31
CA ASP D 11 -20.01 -18.33 33.06
C ASP D 11 -21.13 -17.32 32.84
N SER D 12 -21.05 -16.20 33.56
CA SER D 12 -22.09 -15.19 33.50
C SER D 12 -21.98 -14.30 32.26
N ILE D 13 -23.11 -13.85 31.73
CA ILE D 13 -23.06 -12.81 30.73
C ILE D 13 -22.44 -11.55 31.35
N LYS D 14 -21.31 -11.14 30.79
CA LYS D 14 -20.53 -10.01 31.26
C LYS D 14 -21.15 -8.69 30.82
N VAL D 15 -21.39 -7.79 31.79
CA VAL D 15 -21.98 -6.49 31.45
C VAL D 15 -21.12 -5.27 31.77
N VAL D 16 -20.95 -4.44 30.74
CA VAL D 16 -20.14 -3.24 30.81
C VAL D 16 -21.05 -2.11 30.38
N CYS D 17 -20.96 -0.99 31.10
CA CYS D 17 -21.74 0.22 30.85
C CYS D 17 -20.80 1.34 30.39
N ARG D 18 -21.13 2.00 29.29
CA ARG D 18 -20.28 3.06 28.76
C ARG D 18 -21.11 4.32 28.62
N PHE D 19 -20.76 5.35 29.40
CA PHE D 19 -21.23 6.71 29.16
C PHE D 19 -20.38 7.53 28.19
N ARG D 20 -21.02 8.25 27.30
CA ARG D 20 -20.31 9.17 26.42
C ARG D 20 -20.51 10.57 26.94
N PRO D 21 -19.73 11.55 26.42
CA PRO D 21 -19.86 12.94 26.87
C PRO D 21 -21.23 13.40 26.51
N LEU D 22 -21.76 14.31 27.30
CA LEU D 22 -22.99 14.99 26.99
C LEU D 22 -22.69 15.81 25.75
N ASN D 23 -23.61 15.78 24.79
CA ASN D 23 -23.27 16.38 23.52
C ASN D 23 -23.79 17.79 23.29
N ASP D 24 -23.33 18.37 22.18
CA ASP D 24 -23.61 19.78 21.92
C ASP D 24 -25.08 20.12 21.91
N SER D 25 -25.89 19.22 21.37
CA SER D 25 -27.32 19.48 21.31
C SER D 25 -28.01 19.17 22.63
N GLU D 26 -27.52 18.19 23.38
CA GLU D 26 -28.13 17.97 24.68
C GLU D 26 -27.84 19.24 25.49
N GLU D 27 -26.60 19.72 25.39
CA GLU D 27 -26.17 20.89 26.15
C GLU D 27 -27.01 22.15 25.80
N LYS D 28 -27.09 22.51 24.52
CA LYS D 28 -27.82 23.72 24.08
C LYS D 28 -29.34 23.69 24.35
N ALA D 29 -29.91 22.49 24.41
CA ALA D 29 -31.32 22.32 24.80
C ALA D 29 -31.61 22.40 26.30
N GLY D 30 -30.60 22.29 27.16
CA GLY D 30 -30.81 22.49 28.58
C GLY D 30 -30.54 21.32 29.52
N SER D 31 -30.00 20.21 29.01
CA SER D 31 -29.75 19.05 29.86
C SER D 31 -28.64 19.30 30.86
N LYS D 32 -28.76 18.64 32.01
CA LYS D 32 -27.74 18.65 33.03
C LYS D 32 -27.12 17.27 32.92
N PHE D 33 -25.89 17.16 33.41
CA PHE D 33 -25.15 15.91 33.47
C PHE D 33 -25.57 15.25 34.79
N VAL D 34 -26.30 14.13 34.68
CA VAL D 34 -27.24 13.70 35.71
C VAL D 34 -26.76 12.39 36.33
N VAL D 35 -25.55 11.99 36.03
CA VAL D 35 -25.13 10.67 36.45
C VAL D 35 -23.95 10.91 37.37
N LYS D 36 -23.81 10.10 38.43
CA LYS D 36 -22.66 10.21 39.32
C LYS D 36 -21.84 8.92 39.36
N PHE D 37 -20.55 9.05 39.64
CA PHE D 37 -19.67 7.91 39.72
C PHE D 37 -18.94 7.89 41.09
N PRO D 38 -19.49 7.17 42.07
CA PRO D 38 -18.96 7.24 43.44
C PRO D 38 -17.46 6.97 43.55
N ASN D 39 -16.70 7.92 44.09
CA ASN D 39 -15.24 7.88 44.05
C ASN D 39 -14.54 6.94 45.03
N ASN D 40 -15.26 6.36 45.99
CA ASN D 40 -14.69 5.36 46.90
C ASN D 40 -14.28 4.05 46.22
N VAL D 41 -15.09 3.66 45.23
CA VAL D 41 -14.87 2.50 44.40
C VAL D 41 -14.01 2.88 43.17
N GLU D 42 -13.30 1.91 42.58
CA GLU D 42 -12.80 2.07 41.22
C GLU D 42 -13.96 1.87 40.23
N GLU D 43 -13.66 1.66 38.96
CA GLU D 43 -14.66 1.86 37.91
C GLU D 43 -15.70 0.76 37.66
N ASN D 44 -16.50 0.40 38.67
CA ASN D 44 -17.58 -0.58 38.49
C ASN D 44 -18.98 -0.13 38.92
N CYS D 45 -19.12 1.16 39.18
CA CYS D 45 -20.34 1.70 39.80
C CYS D 45 -20.87 2.99 39.16
N ILE D 46 -22.20 3.11 39.08
CA ILE D 46 -22.85 4.30 38.55
C ILE D 46 -24.16 4.57 39.28
N SER D 47 -24.39 5.83 39.66
CA SER D 47 -25.64 6.17 40.32
C SER D 47 -26.43 7.18 39.52
N ILE D 48 -27.73 6.96 39.40
CA ILE D 48 -28.65 7.94 38.81
C ILE D 48 -29.94 8.08 39.61
N ALA D 49 -30.13 9.24 40.23
CA ALA D 49 -31.40 9.61 40.90
C ALA D 49 -32.07 8.67 41.90
N GLY D 50 -31.48 8.29 43.02
CA GLY D 50 -30.07 8.05 43.24
C GLY D 50 -30.03 6.56 43.57
N LYS D 51 -30.51 5.74 42.63
CA LYS D 51 -30.24 4.30 42.64
C LYS D 51 -28.82 4.06 42.16
N VAL D 52 -28.08 3.18 42.84
CA VAL D 52 -26.78 2.79 42.32
C VAL D 52 -26.83 1.46 41.57
N TYR D 53 -26.00 1.37 40.52
CA TYR D 53 -25.87 0.16 39.74
C TYR D 53 -24.42 -0.29 39.75
N LEU D 54 -24.24 -1.61 39.75
CA LEU D 54 -22.91 -2.14 39.65
C LEU D 54 -22.88 -2.96 38.37
N PHE D 55 -21.69 -3.13 37.80
CA PHE D 55 -21.51 -3.77 36.52
C PHE D 55 -20.10 -4.32 36.57
N ASP D 56 -19.76 -5.20 35.65
CA ASP D 56 -18.38 -5.65 35.60
C ASP D 56 -17.41 -4.48 35.38
N LYS D 57 -17.90 -3.44 34.71
CA LYS D 57 -17.11 -2.23 34.49
C LYS D 57 -18.03 -1.07 34.21
N VAL D 58 -17.64 0.12 34.63
CA VAL D 58 -18.41 1.30 34.25
C VAL D 58 -17.42 2.22 33.59
N PHE D 59 -17.72 2.64 32.36
CA PHE D 59 -16.78 3.53 31.68
C PHE D 59 -17.31 4.95 31.74
N LYS D 60 -16.43 5.84 32.19
CA LYS D 60 -16.70 7.27 32.27
C LYS D 60 -16.66 7.88 30.89
N PRO D 61 -17.21 9.11 30.72
CA PRO D 61 -17.23 9.74 29.40
C PRO D 61 -15.87 10.00 28.75
N ASN D 62 -14.78 10.04 29.50
CA ASN D 62 -13.46 10.15 28.87
C ASN D 62 -12.67 8.83 28.66
N ALA D 63 -13.26 7.69 29.05
CA ALA D 63 -12.69 6.36 28.81
C ALA D 63 -12.29 6.24 27.36
N SER D 64 -11.03 5.88 27.10
CA SER D 64 -10.60 5.71 25.72
C SER D 64 -11.17 4.45 25.04
N GLN D 65 -11.15 4.46 23.70
CA GLN D 65 -11.40 3.26 22.93
C GLN D 65 -10.57 2.10 23.47
N GLU D 66 -9.26 2.32 23.62
CA GLU D 66 -8.35 1.25 23.99
C GLU D 66 -8.74 0.70 25.35
N LYS D 67 -9.17 1.57 26.24
CA LYS D 67 -9.53 1.14 27.59
C LYS D 67 -10.74 0.22 27.53
N VAL D 68 -11.73 0.62 26.73
CA VAL D 68 -12.98 -0.10 26.64
C VAL D 68 -12.69 -1.51 26.11
N TYR D 69 -11.82 -1.56 25.10
CA TYR D 69 -11.46 -2.82 24.48
C TYR D 69 -10.75 -3.74 25.47
N ASN D 70 -9.82 -3.16 26.21
CA ASN D 70 -8.96 -3.94 27.09
C ASN D 70 -9.75 -4.64 28.18
N GLU D 71 -10.89 -4.04 28.54
CA GLU D 71 -11.81 -4.68 29.47
C GLU D 71 -13.04 -5.37 28.89
N ALA D 72 -13.75 -4.71 27.99
CA ALA D 72 -14.88 -5.35 27.33
C ALA D 72 -14.51 -6.59 26.51
N ALA D 73 -13.28 -6.72 26.03
CA ALA D 73 -12.99 -7.68 24.97
C ALA D 73 -11.63 -8.38 24.87
N LYS D 74 -10.54 -7.87 25.45
CA LYS D 74 -9.27 -8.48 25.02
C LYS D 74 -9.26 -10.02 25.10
N SER D 75 -9.69 -10.58 26.23
CA SER D 75 -9.82 -12.04 26.45
C SER D 75 -10.62 -12.87 25.43
N ILE D 76 -11.54 -12.23 24.70
CA ILE D 76 -12.33 -12.92 23.67
C ILE D 76 -11.50 -13.46 22.50
N VAL D 77 -10.40 -12.78 22.18
CA VAL D 77 -9.57 -13.15 21.05
C VAL D 77 -8.85 -14.44 21.38
N THR D 78 -8.29 -14.52 22.59
CA THR D 78 -7.59 -15.74 22.99
C THR D 78 -8.55 -16.91 23.19
N ASP D 79 -9.78 -16.60 23.63
CA ASP D 79 -10.86 -17.56 23.72
C ASP D 79 -11.18 -18.18 22.37
N VAL D 80 -11.45 -17.33 21.38
CA VAL D 80 -11.81 -17.87 20.06
C VAL D 80 -10.69 -18.69 19.45
N LEU D 81 -9.44 -18.30 19.69
CA LEU D 81 -8.29 -19.07 19.23
C LEU D 81 -8.06 -20.34 20.03
N ALA D 82 -8.96 -20.64 20.96
CA ALA D 82 -8.93 -21.90 21.70
C ALA D 82 -10.24 -22.64 21.46
N GLY D 83 -11.01 -22.18 20.48
CA GLY D 83 -12.22 -22.88 20.09
C GLY D 83 -13.47 -22.54 20.87
N TYR D 84 -13.49 -21.40 21.56
CA TYR D 84 -14.73 -20.97 22.20
C TYR D 84 -15.48 -19.98 21.32
N ASN D 85 -16.80 -20.01 21.40
CA ASN D 85 -17.61 -18.99 20.77
C ASN D 85 -17.52 -17.73 21.66
N GLY D 86 -17.60 -16.55 21.04
CA GLY D 86 -17.46 -15.26 21.75
C GLY D 86 -18.41 -14.27 21.10
N THR D 87 -19.10 -13.47 21.91
CA THR D 87 -20.08 -12.52 21.39
C THR D 87 -19.98 -11.20 22.14
N ILE D 88 -19.93 -10.07 21.43
CA ILE D 88 -20.09 -8.76 22.04
C ILE D 88 -21.18 -8.07 21.25
N PHE D 89 -22.23 -7.57 21.91
CA PHE D 89 -23.10 -6.60 21.28
C PHE D 89 -23.26 -5.31 22.06
N ALA D 90 -23.59 -4.25 21.33
CA ALA D 90 -23.80 -2.95 21.94
C ALA D 90 -25.28 -2.62 21.91
N TYR D 91 -25.78 -2.12 23.03
CA TYR D 91 -27.21 -1.89 23.23
C TYR D 91 -27.43 -0.48 23.83
N GLY D 92 -28.44 0.23 23.37
CA GLY D 92 -28.74 1.51 23.99
C GLY D 92 -29.40 2.39 22.96
N GLN D 93 -29.81 3.58 23.36
CA GLN D 93 -30.66 4.41 22.52
C GLN D 93 -29.84 4.99 21.38
N THR D 94 -30.52 5.43 20.32
CA THR D 94 -29.83 6.06 19.22
C THR D 94 -29.04 7.28 19.75
N SER D 95 -27.83 7.45 19.24
CA SER D 95 -26.94 8.57 19.58
CA SER D 95 -26.90 8.53 19.54
C SER D 95 -26.11 8.27 20.82
N SER D 96 -26.37 7.13 21.46
CA SER D 96 -25.72 6.85 22.72
C SER D 96 -24.28 6.38 22.64
N GLY D 97 -23.88 5.84 21.48
CA GLY D 97 -22.51 5.42 21.29
C GLY D 97 -22.22 4.01 20.81
N LYS D 98 -23.24 3.30 20.35
CA LYS D 98 -23.07 1.90 19.95
C LYS D 98 -22.07 1.75 18.79
N THR D 99 -22.27 2.50 17.71
CA THR D 99 -21.41 2.47 16.54
C THR D 99 -20.02 3.00 16.86
N HIS D 100 -19.96 4.15 17.51
CA HIS D 100 -18.69 4.57 18.06
C HIS D 100 -17.99 3.43 18.81
N THR D 101 -18.71 2.74 19.67
CA THR D 101 -18.10 1.68 20.48
C THR D 101 -17.73 0.44 19.63
N MET D 102 -18.60 0.04 18.71
CA MET D 102 -18.38 -1.26 18.06
C MET D 102 -17.39 -1.12 16.89
N GLU D 103 -17.52 -0.02 16.15
CA GLU D 103 -16.67 0.22 14.98
C GLU D 103 -15.63 1.30 15.25
N GLY D 104 -16.08 2.48 15.70
CA GLY D 104 -15.14 3.57 15.95
C GLY D 104 -14.61 4.03 14.60
N VAL D 105 -13.43 4.66 14.57
CA VAL D 105 -12.85 5.07 13.29
C VAL D 105 -11.84 4.03 12.78
N ILE D 106 -12.22 3.25 11.77
CA ILE D 106 -11.39 2.12 11.32
C ILE D 106 -9.92 2.46 11.07
N GLY D 107 -9.62 3.54 10.35
CA GLY D 107 -8.18 3.77 10.12
C GLY D 107 -7.28 4.30 11.23
N ASP D 108 -7.85 4.52 12.42
CA ASP D 108 -7.18 5.33 13.45
C ASP D 108 -6.73 4.55 14.68
N SER D 109 -5.44 4.59 15.02
CA SER D 109 -4.93 3.74 16.10
CA SER D 109 -4.88 3.79 16.11
C SER D 109 -5.47 4.06 17.49
N VAL D 110 -5.94 5.28 17.74
CA VAL D 110 -6.58 5.56 19.02
C VAL D 110 -8.12 5.59 18.95
N LYS D 111 -8.68 5.98 17.81
CA LYS D 111 -10.12 6.11 17.72
C LYS D 111 -10.85 4.86 17.21
N GLN D 112 -10.09 3.85 16.75
CA GLN D 112 -10.71 2.61 16.24
C GLN D 112 -11.40 1.92 17.43
N GLY D 113 -12.57 1.38 17.17
CA GLY D 113 -13.43 0.74 18.19
C GLY D 113 -13.22 -0.75 18.31
N ILE D 114 -14.22 -1.46 18.83
CA ILE D 114 -14.02 -2.85 19.21
C ILE D 114 -13.72 -3.79 18.03
N ILE D 115 -14.40 -3.63 16.90
CA ILE D 115 -14.22 -4.58 15.80
C ILE D 115 -12.83 -4.50 15.17
N PRO D 116 -12.41 -3.28 14.76
CA PRO D 116 -11.04 -3.19 14.23
C PRO D 116 -9.99 -3.74 15.18
N ARG D 117 -10.12 -3.51 16.49
CA ARG D 117 -9.12 -4.03 17.44
C ARG D 117 -9.14 -5.55 17.55
N ILE D 118 -10.33 -6.14 17.53
CA ILE D 118 -10.46 -7.60 17.64
C ILE D 118 -9.70 -8.20 16.45
N VAL D 119 -9.92 -7.56 15.31
CA VAL D 119 -9.35 -8.04 14.05
C VAL D 119 -7.83 -8.00 14.02
N ASN D 120 -7.25 -6.92 14.53
CA ASN D 120 -5.80 -6.81 14.68
C ASN D 120 -5.28 -7.83 15.67
N ASP D 121 -6.00 -8.03 16.78
CA ASP D 121 -5.50 -9.01 17.74
C ASP D 121 -5.55 -10.44 17.21
N ILE D 122 -6.57 -10.74 16.40
CA ILE D 122 -6.72 -12.09 15.87
C ILE D 122 -5.45 -12.42 15.10
N PHE D 123 -5.12 -11.60 14.11
CA PHE D 123 -3.95 -11.89 13.29
C PHE D 123 -2.64 -11.74 14.07
N ASN D 124 -2.54 -10.74 14.94
CA ASN D 124 -1.34 -10.63 15.76
C ASN D 124 -1.12 -11.94 16.53
N HIS D 125 -2.15 -12.44 17.18
CA HIS D 125 -2.00 -13.64 17.96
C HIS D 125 -1.59 -14.85 17.13
N ILE D 126 -2.17 -14.97 15.93
CA ILE D 126 -1.83 -16.08 15.04
C ILE D 126 -0.38 -15.93 14.56
N TYR D 127 0.00 -14.71 14.16
CA TYR D 127 1.37 -14.47 13.71
C TYR D 127 2.38 -14.85 14.79
N ALA D 128 1.96 -14.79 16.06
CA ALA D 128 2.83 -15.08 17.20
C ALA D 128 2.97 -16.56 17.48
N MET D 129 1.86 -17.28 17.37
CA MET D 129 1.79 -18.70 17.69
C MET D 129 2.98 -19.55 17.22
N GLU D 130 3.40 -20.45 18.11
CA GLU D 130 4.50 -21.38 17.83
C GLU D 130 4.03 -22.83 17.67
N VAL D 131 2.77 -23.01 17.27
CA VAL D 131 2.24 -24.33 16.93
C VAL D 131 1.96 -24.41 15.43
N ASN D 132 2.21 -25.57 14.83
CA ASN D 132 1.94 -25.77 13.42
C ASN D 132 0.43 -25.86 13.13
N LEU D 133 -0.21 -24.72 12.89
CA LEU D 133 -1.65 -24.69 12.71
C LEU D 133 -2.06 -24.05 11.39
N GLU D 134 -3.11 -24.62 10.80
CA GLU D 134 -3.72 -24.05 9.59
C GLU D 134 -5.06 -23.38 10.00
N PHE D 135 -5.17 -22.07 9.75
CA PHE D 135 -6.38 -21.32 10.07
C PHE D 135 -7.22 -21.02 8.83
N HIS D 136 -8.54 -21.22 8.93
CA HIS D 136 -9.47 -20.62 7.97
C HIS D 136 -10.24 -19.49 8.65
N ILE D 137 -10.13 -18.26 8.16
CA ILE D 137 -10.96 -17.16 8.72
C ILE D 137 -11.93 -16.59 7.72
N LYS D 138 -13.20 -16.68 8.03
CA LYS D 138 -14.18 -16.08 7.14
C LYS D 138 -15.18 -15.17 7.86
N VAL D 139 -15.65 -14.17 7.13
CA VAL D 139 -16.53 -13.23 7.74
C VAL D 139 -17.83 -13.15 6.95
N SER D 140 -18.88 -12.79 7.67
CA SER D 140 -20.14 -12.43 7.04
C SER D 140 -20.47 -11.12 7.71
N TYR D 141 -21.39 -10.40 7.08
CA TYR D 141 -21.75 -9.06 7.47
C TYR D 141 -23.14 -8.85 6.94
N TYR D 142 -24.14 -8.81 7.81
CA TYR D 142 -25.49 -8.59 7.33
C TYR D 142 -26.32 -7.76 8.30
N GLU D 143 -27.48 -7.29 7.87
CA GLU D 143 -28.31 -6.50 8.76
C GLU D 143 -29.73 -7.01 8.85
N ILE D 144 -30.43 -6.64 9.92
CA ILE D 144 -31.77 -7.11 10.18
C ILE D 144 -32.64 -5.88 10.35
N TYR D 145 -33.55 -5.68 9.39
CA TYR D 145 -34.55 -4.63 9.45
C TYR D 145 -35.92 -5.28 9.48
N MET D 146 -36.77 -4.79 10.37
CA MET D 146 -38.08 -5.42 10.58
C MET D 146 -38.02 -6.94 10.40
N ASP D 147 -37.02 -7.58 10.99
CA ASP D 147 -36.93 -9.04 11.01
C ASP D 147 -36.75 -9.66 9.62
N LYS D 148 -36.22 -8.87 8.68
CA LYS D 148 -35.74 -9.36 7.39
C LYS D 148 -34.22 -9.25 7.36
N ILE D 149 -33.55 -10.28 6.84
CA ILE D 149 -32.10 -10.30 6.76
C ILE D 149 -31.62 -9.96 5.37
N ARG D 150 -30.72 -8.97 5.29
CA ARG D 150 -30.10 -8.55 4.07
C ARG D 150 -28.59 -8.79 4.19
N ASP D 151 -28.03 -9.53 3.24
CA ASP D 151 -26.59 -9.74 3.13
C ASP D 151 -26.06 -8.39 2.68
N LEU D 152 -25.12 -7.82 3.41
CA LEU D 152 -24.55 -6.55 2.99
C LEU D 152 -23.41 -6.78 2.02
N LEU D 153 -22.91 -8.02 1.97
CA LEU D 153 -21.86 -8.40 1.03
C LEU D 153 -22.42 -8.95 -0.32
N ASP D 154 -23.73 -9.12 -0.41
CA ASP D 154 -24.37 -9.58 -1.65
C ASP D 154 -25.78 -9.04 -1.72
N VAL D 155 -25.94 -7.92 -2.41
CA VAL D 155 -27.26 -7.31 -2.53
C VAL D 155 -28.28 -8.19 -3.24
N SER D 156 -27.89 -9.37 -3.73
CA SER D 156 -28.87 -10.23 -4.38
C SER D 156 -29.73 -10.94 -3.32
N LYS D 157 -29.08 -11.33 -2.23
CA LYS D 157 -29.78 -12.08 -1.20
C LYS D 157 -30.32 -11.15 -0.13
N VAL D 158 -31.51 -10.60 -0.36
CA VAL D 158 -32.36 -10.05 0.69
C VAL D 158 -33.29 -11.19 1.15
N ASN D 159 -33.88 -11.02 2.34
CA ASN D 159 -34.90 -11.92 2.90
C ASN D 159 -34.40 -13.33 3.26
N LEU D 160 -33.12 -13.40 3.66
CA LEU D 160 -32.45 -14.62 4.09
C LEU D 160 -33.07 -15.21 5.32
N SER D 161 -32.98 -16.54 5.46
CA SER D 161 -33.66 -17.31 6.50
C SER D 161 -32.67 -17.88 7.47
N VAL D 162 -33.11 -18.19 8.68
CA VAL D 162 -32.25 -18.73 9.71
C VAL D 162 -32.52 -20.23 9.82
N HIS D 163 -31.47 -21.02 9.90
CA HIS D 163 -31.55 -22.49 9.89
C HIS D 163 -30.80 -23.06 11.09
N GLU D 164 -30.87 -24.38 11.26
CA GLU D 164 -30.22 -25.06 12.37
C GLU D 164 -29.26 -26.15 11.87
N ASP D 165 -28.28 -26.49 12.70
CA ASP D 165 -27.33 -27.58 12.45
C ASP D 165 -27.95 -28.91 12.88
N LYS D 166 -27.13 -29.96 12.87
CA LYS D 166 -27.37 -31.17 13.67
C LYS D 166 -26.71 -31.02 15.05
N ASN D 167 -26.32 -29.79 15.34
CA ASN D 167 -25.95 -29.39 16.70
C ASN D 167 -27.09 -28.60 17.35
N ARG D 168 -28.09 -28.26 16.53
CA ARG D 168 -29.24 -27.44 16.92
C ARG D 168 -28.91 -25.94 17.09
N VAL D 169 -27.91 -25.45 16.35
CA VAL D 169 -27.47 -24.06 16.44
C VAL D 169 -27.88 -23.16 15.26
N PRO D 170 -28.80 -22.23 15.50
CA PRO D 170 -29.27 -21.34 14.45
C PRO D 170 -28.11 -20.56 13.83
N TYR D 171 -28.21 -20.22 12.55
CA TYR D 171 -27.30 -19.28 11.88
C TYR D 171 -27.94 -18.85 10.55
N VAL D 172 -27.48 -17.77 9.95
CA VAL D 172 -28.07 -17.37 8.68
C VAL D 172 -27.53 -18.27 7.57
N LYS D 173 -28.45 -18.95 6.88
CA LYS D 173 -28.11 -19.84 5.76
C LYS D 173 -27.96 -19.02 4.48
N GLY D 174 -26.83 -19.19 3.80
CA GLY D 174 -26.62 -18.56 2.50
C GLY D 174 -26.06 -17.16 2.59
N ALA D 175 -25.70 -16.71 3.79
CA ALA D 175 -25.05 -15.40 3.91
C ALA D 175 -23.66 -15.55 3.32
N THR D 176 -23.22 -14.55 2.56
CA THR D 176 -21.87 -14.57 1.96
C THR D 176 -20.84 -14.73 3.07
N GLU D 177 -19.85 -15.55 2.79
CA GLU D 177 -18.72 -15.79 3.68
C GLU D 177 -17.43 -15.55 2.92
N ARG D 178 -16.81 -14.40 3.17
CA ARG D 178 -15.57 -14.01 2.52
C ARG D 178 -14.39 -14.45 3.35
N PHE D 179 -13.49 -15.21 2.73
CA PHE D 179 -12.23 -15.58 3.36
C PHE D 179 -11.31 -14.39 3.45
N VAL D 180 -10.47 -14.36 4.49
CA VAL D 180 -9.59 -13.20 4.75
C VAL D 180 -8.34 -13.70 5.41
N SER D 181 -7.21 -13.05 5.14
CA SER D 181 -5.92 -13.54 5.64
C SER D 181 -5.07 -12.45 6.26
N SER D 182 -5.55 -11.21 6.21
CA SER D 182 -4.83 -10.08 6.79
C SER D 182 -5.92 -9.19 7.40
N PRO D 183 -5.57 -8.26 8.31
CA PRO D 183 -6.56 -7.29 8.79
C PRO D 183 -7.10 -6.42 7.66
N GLU D 184 -6.27 -6.17 6.65
CA GLU D 184 -6.70 -5.29 5.55
C GLU D 184 -7.73 -5.98 4.66
N ASP D 185 -7.64 -7.30 4.52
CA ASP D 185 -8.71 -8.06 3.86
C ASP D 185 -10.04 -7.79 4.60
N VAL D 186 -10.01 -7.85 5.93
CA VAL D 186 -11.24 -7.64 6.72
C VAL D 186 -11.81 -6.24 6.50
N PHE D 187 -10.96 -5.22 6.65
CA PHE D 187 -11.47 -3.85 6.57
C PHE D 187 -11.97 -3.57 5.16
N GLU D 188 -11.43 -4.29 4.18
CA GLU D 188 -11.96 -4.22 2.81
C GLU D 188 -13.40 -4.76 2.78
N VAL D 189 -13.65 -5.86 3.46
CA VAL D 189 -15.03 -6.36 3.52
C VAL D 189 -15.93 -5.36 4.24
N ILE D 190 -15.50 -4.87 5.40
CA ILE D 190 -16.34 -3.92 6.14
C ILE D 190 -16.71 -2.70 5.30
N GLU D 191 -15.75 -2.13 4.60
CA GLU D 191 -16.06 -0.99 3.73
C GLU D 191 -17.07 -1.34 2.64
N GLU D 192 -16.92 -2.53 2.06
CA GLU D 192 -17.81 -2.98 1.01
C GLU D 192 -19.23 -3.13 1.56
N GLY D 193 -19.33 -3.77 2.73
CA GLY D 193 -20.61 -3.95 3.39
C GLY D 193 -21.22 -2.62 3.79
N LYS D 194 -20.35 -1.66 4.14
CA LYS D 194 -20.84 -0.35 4.57
C LYS D 194 -21.39 0.48 3.41
N SER D 195 -20.70 0.38 2.27
CA SER D 195 -21.11 1.03 1.02
C SER D 195 -22.45 0.49 0.54
N ASN D 196 -22.60 -0.84 0.57
CA ASN D 196 -23.83 -1.45 0.10
C ASN D 196 -25.03 -1.17 0.98
N ARG D 197 -24.79 -0.86 2.25
CA ARG D 197 -25.89 -0.63 3.20
C ARG D 197 -26.73 0.56 2.75
N HIS D 198 -26.12 1.41 1.93
CA HIS D 198 -26.73 2.61 1.34
C HIS D 198 -27.72 2.45 0.18
N ILE D 199 -27.58 1.38 -0.60
CA ILE D 199 -28.48 1.12 -1.71
C ILE D 199 -29.87 0.78 -1.18
N ALA D 200 -30.89 1.31 -1.86
CA ALA D 200 -32.29 1.20 -1.40
C ALA D 200 -32.52 1.96 -0.10
N VAL D 201 -31.58 2.81 0.29
CA VAL D 201 -31.73 3.58 1.52
C VAL D 201 -31.55 5.08 1.36
N THR D 202 -32.63 5.81 1.65
CA THR D 202 -32.67 7.27 1.51
C THR D 202 -31.85 7.96 2.59
N ASN D 203 -32.24 7.76 3.85
CA ASN D 203 -31.52 8.32 5.00
C ASN D 203 -30.88 7.24 5.87
N MET D 204 -29.57 7.08 5.69
CA MET D 204 -28.81 6.02 6.34
C MET D 204 -28.88 6.17 7.86
N ASN D 205 -28.70 7.41 8.33
CA ASN D 205 -28.72 7.69 9.76
C ASN D 205 -30.01 7.13 10.37
N GLU D 206 -31.15 7.41 9.75
CA GLU D 206 -32.45 6.89 10.19
C GLU D 206 -32.53 5.36 10.15
N HIS D 207 -31.96 4.78 9.09
CA HIS D 207 -32.11 3.35 8.82
C HIS D 207 -31.15 2.54 9.68
N SER D 208 -29.88 2.94 9.68
CA SER D 208 -28.89 2.34 10.57
C SER D 208 -29.33 2.38 12.04
N SER D 209 -30.00 3.46 12.47
CA SER D 209 -30.57 3.54 13.82
C SER D 209 -31.73 2.59 14.13
N ARG D 210 -32.42 2.11 13.10
CA ARG D 210 -33.58 1.24 13.30
C ARG D 210 -33.38 -0.25 12.91
N SER D 211 -32.17 -0.63 12.51
CA SER D 211 -31.87 -2.02 12.13
C SER D 211 -30.65 -2.55 12.89
N HIS D 212 -30.51 -3.86 12.95
CA HIS D 212 -29.33 -4.47 13.54
C HIS D 212 -28.21 -4.73 12.53
N SER D 213 -26.97 -4.48 12.94
CA SER D 213 -25.82 -4.78 12.11
C SER D 213 -24.99 -5.89 12.74
N VAL D 214 -24.78 -6.96 11.98
CA VAL D 214 -24.13 -8.17 12.47
C VAL D 214 -22.89 -8.45 11.63
N PHE D 215 -21.76 -8.55 12.33
CA PHE D 215 -20.49 -8.86 11.75
C PHE D 215 -20.10 -10.16 12.42
N LEU D 216 -19.78 -11.18 11.62
CA LEU D 216 -19.47 -12.49 12.17
C LEU D 216 -18.09 -12.90 11.68
N ILE D 217 -17.23 -13.31 12.60
CA ILE D 217 -15.92 -13.87 12.23
C ILE D 217 -15.89 -15.32 12.69
N ASN D 218 -15.79 -16.24 11.74
CA ASN D 218 -15.62 -17.66 12.00
C ASN D 218 -14.17 -18.08 11.94
N VAL D 219 -13.65 -18.55 13.05
CA VAL D 219 -12.28 -18.97 13.06
C VAL D 219 -12.20 -20.47 13.23
N LYS D 220 -11.83 -21.16 12.16
CA LYS D 220 -11.54 -22.61 12.16
C LYS D 220 -10.04 -22.83 12.19
N GLN D 221 -9.61 -23.78 13.02
CA GLN D 221 -8.22 -24.17 13.04
C GLN D 221 -8.10 -25.70 13.03
N GLU D 222 -7.02 -26.13 12.39
CA GLU D 222 -6.69 -27.53 12.26
C GLU D 222 -5.24 -27.66 12.67
N ASN D 223 -4.97 -28.41 13.74
CA ASN D 223 -3.61 -28.80 14.06
C ASN D 223 -3.06 -29.69 12.95
N LEU D 224 -1.88 -29.37 12.42
CA LEU D 224 -1.30 -30.18 11.34
C LEU D 224 -0.41 -31.31 11.85
N GLU D 225 -0.12 -31.34 13.15
CA GLU D 225 0.63 -32.44 13.75
C GLU D 225 -0.27 -33.66 13.91
N ASN D 226 -1.52 -33.42 14.27
CA ASN D 226 -2.37 -34.50 14.77
C ASN D 226 -3.83 -34.40 14.35
N GLN D 227 -4.14 -33.57 13.37
CA GLN D 227 -5.50 -33.48 12.82
C GLN D 227 -6.59 -32.98 13.77
N LYS D 228 -6.24 -32.33 14.88
CA LYS D 228 -7.27 -31.83 15.80
C LYS D 228 -7.86 -30.50 15.34
N LYS D 229 -9.17 -30.46 15.19
CA LYS D 229 -9.88 -29.31 14.61
C LYS D 229 -10.67 -28.56 15.65
N LEU D 230 -10.48 -27.25 15.73
CA LEU D 230 -11.28 -26.42 16.63
C LEU D 230 -11.97 -25.33 15.85
N SER D 231 -13.12 -24.90 16.34
CA SER D 231 -13.91 -23.84 15.74
C SER D 231 -14.28 -22.82 16.81
N GLY D 232 -14.47 -21.57 16.40
CA GLY D 232 -15.06 -20.53 17.24
C GLY D 232 -15.80 -19.52 16.37
N LYS D 233 -17.00 -19.13 16.76
CA LYS D 233 -17.65 -18.03 16.07
C LYS D 233 -17.62 -16.78 16.95
N LEU D 234 -17.32 -15.65 16.31
CA LEU D 234 -17.30 -14.37 17.02
CA LEU D 234 -17.28 -14.34 16.99
C LEU D 234 -18.39 -13.48 16.43
N TYR D 235 -19.44 -13.23 17.22
CA TYR D 235 -20.48 -12.32 16.75
C TYR D 235 -20.25 -10.95 17.42
N LEU D 236 -20.34 -9.89 16.62
CA LEU D 236 -19.98 -8.54 17.05
C LEU D 236 -21.10 -7.72 16.42
N VAL D 237 -22.03 -7.28 17.25
CA VAL D 237 -23.29 -6.77 16.76
C VAL D 237 -23.56 -5.34 17.25
N ASP D 238 -24.04 -4.49 16.36
CA ASP D 238 -24.44 -3.12 16.70
C ASP D 238 -25.98 -3.08 16.58
N LEU D 239 -26.69 -3.13 17.71
CA LEU D 239 -28.14 -3.30 17.65
C LEU D 239 -28.90 -2.05 17.22
N ALA D 240 -30.15 -2.25 16.79
CA ALA D 240 -31.12 -1.16 16.62
C ALA D 240 -31.21 -0.29 17.88
N GLY D 241 -31.51 1.00 17.71
CA GLY D 241 -31.74 1.86 18.86
C GLY D 241 -32.77 1.23 19.81
N SER D 242 -32.45 1.21 21.10
CA SER D 242 -33.34 0.69 22.12
C SER D 242 -34.53 1.55 22.54
N GLU D 243 -34.69 2.74 21.99
CA GLU D 243 -35.73 3.65 22.48
C GLU D 243 -37.15 3.25 22.06
N LYS D 244 -38.13 3.52 22.93
CA LYS D 244 -39.53 3.07 22.75
C LYS D 244 -40.32 3.74 21.61
N VAL D 245 -39.65 4.22 20.57
CA VAL D 245 -40.34 4.96 19.51
C VAL D 245 -39.95 4.50 18.10
N ILE D 261 -41.28 0.25 20.58
CA ILE D 261 -40.07 -0.56 20.59
C ILE D 261 -40.00 -1.46 19.35
N ASN D 262 -38.78 -1.72 18.89
CA ASN D 262 -38.50 -2.69 17.83
C ASN D 262 -38.71 -4.09 18.39
N LYS D 263 -39.49 -4.92 17.69
CA LYS D 263 -39.91 -6.22 18.21
C LYS D 263 -38.74 -7.11 18.64
N SER D 264 -37.68 -7.11 17.84
CA SER D 264 -36.49 -7.90 18.14
C SER D 264 -35.92 -7.48 19.48
N LEU D 265 -35.89 -6.18 19.74
CA LEU D 265 -35.45 -5.69 21.06
C LEU D 265 -36.35 -6.18 22.20
N SER D 266 -37.67 -6.14 22.00
CA SER D 266 -38.59 -6.71 23.00
C SER D 266 -38.40 -8.21 23.15
N ALA D 267 -38.31 -8.88 22.00
CA ALA D 267 -37.93 -10.27 21.90
C ALA D 267 -36.68 -10.58 22.73
N LEU D 268 -35.62 -9.82 22.46
CA LEU D 268 -34.39 -9.93 23.25
C LEU D 268 -34.65 -9.62 24.72
N GLY D 269 -35.42 -8.56 24.96
CA GLY D 269 -35.91 -8.20 26.30
C GLY D 269 -36.58 -9.41 26.93
N ASN D 270 -37.54 -9.98 26.21
CA ASN D 270 -38.22 -11.20 26.66
C ASN D 270 -37.31 -12.39 26.90
N VAL D 271 -36.36 -12.58 25.98
CA VAL D 271 -35.43 -13.68 26.12
C VAL D 271 -34.65 -13.51 27.41
N ILE D 272 -34.18 -12.30 27.65
CA ILE D 272 -33.35 -12.03 28.83
C ILE D 272 -34.12 -12.32 30.12
N SER D 273 -35.32 -11.78 30.24
CA SER D 273 -36.05 -11.91 31.51
C SER D 273 -36.44 -13.36 31.78
N ALA D 274 -36.93 -14.03 30.74
CA ALA D 274 -37.25 -15.45 30.84
C ALA D 274 -36.08 -16.28 31.35
N LEU D 275 -34.88 -15.91 30.93
CA LEU D 275 -33.68 -16.65 31.35
C LEU D 275 -33.28 -16.27 32.77
N ALA D 276 -33.44 -14.99 33.09
CA ALA D 276 -32.99 -14.44 34.37
C ALA D 276 -34.00 -14.66 35.50
N ASP D 277 -35.25 -14.90 35.14
CA ASP D 277 -36.30 -15.23 36.11
C ASP D 277 -36.03 -16.60 36.75
N GLY D 278 -35.90 -17.63 35.92
CA GLY D 278 -35.65 -18.99 36.41
C GLY D 278 -36.93 -19.81 36.47
N ASN D 279 -37.82 -19.45 37.39
CA ASN D 279 -39.17 -20.00 37.42
C ASN D 279 -39.91 -19.51 36.17
N LYS D 280 -39.82 -20.34 35.13
CA LYS D 280 -40.18 -20.04 33.74
C LYS D 280 -39.13 -20.71 32.86
N THR D 281 -39.57 -21.69 32.06
CA THR D 281 -38.61 -22.55 31.35
C THR D 281 -38.71 -22.48 29.81
N HIS D 282 -39.80 -21.92 29.30
CA HIS D 282 -39.87 -21.53 27.90
C HIS D 282 -39.10 -20.22 27.67
N ILE D 283 -37.97 -20.32 26.97
CA ILE D 283 -37.20 -19.16 26.50
C ILE D 283 -37.62 -18.82 25.07
N PRO D 284 -38.26 -17.67 24.87
CA PRO D 284 -38.89 -17.27 23.60
C PRO D 284 -37.96 -16.99 22.40
N TYR D 285 -36.84 -17.70 22.30
CA TYR D 285 -35.88 -17.51 21.21
C TYR D 285 -36.45 -17.24 19.84
N ARG D 286 -37.54 -17.92 19.49
CA ARG D 286 -38.02 -17.99 18.12
C ARG D 286 -38.96 -16.82 17.88
N ASP D 287 -38.88 -15.83 18.76
CA ASP D 287 -39.70 -14.63 18.64
C ASP D 287 -39.25 -13.68 17.52
N SER D 288 -37.97 -13.78 17.14
CA SER D 288 -37.39 -12.93 16.09
C SER D 288 -36.17 -13.65 15.49
N LYS D 289 -35.76 -13.24 14.33
CA LYS D 289 -34.49 -13.77 13.80
C LYS D 289 -33.27 -13.42 14.68
N LEU D 290 -33.17 -12.16 15.12
CA LEU D 290 -32.11 -11.72 16.03
C LEU D 290 -31.89 -12.71 17.16
N THR D 291 -32.93 -12.95 17.95
CA THR D 291 -32.83 -13.84 19.11
C THR D 291 -32.54 -15.30 18.76
N ARG D 292 -32.91 -15.72 17.55
CA ARG D 292 -32.45 -17.04 17.07
C ARG D 292 -30.94 -17.04 16.84
N ILE D 293 -30.45 -16.01 16.16
CA ILE D 293 -29.01 -15.90 15.93
C ILE D 293 -28.21 -15.79 17.23
N LEU D 294 -28.79 -15.17 18.24
CA LEU D 294 -28.06 -14.90 19.47
C LEU D 294 -28.32 -15.94 20.55
N GLN D 295 -28.98 -17.03 20.17
CA GLN D 295 -29.44 -18.07 21.10
C GLN D 295 -28.27 -18.61 21.87
N GLU D 296 -27.21 -18.98 21.16
CA GLU D 296 -26.05 -19.50 21.85
CA GLU D 296 -26.01 -19.49 21.82
C GLU D 296 -25.45 -18.42 22.76
N SER D 297 -25.53 -17.17 22.33
CA SER D 297 -24.89 -16.10 23.10
C SER D 297 -25.69 -15.85 24.38
N LEU D 298 -27.00 -16.11 24.30
CA LEU D 298 -27.97 -15.80 25.34
C LEU D 298 -28.51 -17.03 26.06
N GLY D 299 -27.76 -17.55 27.04
CA GLY D 299 -28.18 -18.75 27.74
C GLY D 299 -27.64 -20.02 27.12
N GLY D 300 -26.54 -19.89 26.39
CA GLY D 300 -26.00 -20.99 25.60
C GLY D 300 -24.49 -21.11 25.63
N ASN D 301 -23.97 -21.61 24.52
CA ASN D 301 -22.56 -21.96 24.46
C ASN D 301 -21.73 -20.85 23.80
N ALA D 302 -21.48 -19.77 24.55
CA ALA D 302 -20.63 -18.65 24.12
C ALA D 302 -20.30 -17.74 25.32
N ARG D 303 -19.10 -17.19 25.34
CA ARG D 303 -18.73 -16.17 26.32
C ARG D 303 -19.21 -14.81 25.81
N THR D 304 -20.23 -14.26 26.48
CA THR D 304 -20.91 -13.04 26.09
C THR D 304 -20.56 -11.77 26.89
N THR D 305 -20.45 -10.65 26.18
CA THR D 305 -20.28 -9.34 26.80
C THR D 305 -21.31 -8.43 26.18
N ILE D 306 -22.08 -7.74 27.01
CA ILE D 306 -22.95 -6.68 26.51
C ILE D 306 -22.30 -5.34 26.88
N VAL D 307 -22.21 -4.41 25.92
CA VAL D 307 -21.85 -3.05 26.27
C VAL D 307 -23.12 -2.27 26.16
N ILE D 308 -23.64 -1.81 27.29
CA ILE D 308 -24.78 -0.89 27.26
C ILE D 308 -24.23 0.53 27.12
N CYS D 309 -24.83 1.29 26.20
CA CYS D 309 -24.34 2.63 25.89
C CYS D 309 -25.41 3.61 26.35
N CYS D 310 -24.96 4.63 27.08
CA CYS D 310 -25.83 5.65 27.69
C CYS D 310 -25.39 7.11 27.45
N SER D 311 -26.38 7.96 27.19
CA SER D 311 -26.28 9.41 27.35
C SER D 311 -26.37 9.78 28.83
N PRO D 312 -25.51 10.71 29.28
CA PRO D 312 -25.53 11.10 30.69
C PRO D 312 -26.45 12.30 30.97
N ALA D 313 -27.25 12.64 29.96
CA ALA D 313 -27.95 13.91 29.89
C ALA D 313 -29.32 13.75 30.52
N SER D 314 -29.78 14.81 31.18
CA SER D 314 -30.97 14.79 32.01
C SER D 314 -32.18 14.54 31.16
N PHE D 315 -32.25 15.16 29.98
CA PHE D 315 -33.32 14.89 29.01
C PHE D 315 -33.52 13.39 28.65
N ASN D 316 -32.47 12.58 28.75
CA ASN D 316 -32.55 11.17 28.34
C ASN D 316 -32.64 10.24 29.53
N GLU D 317 -32.98 10.82 30.68
CA GLU D 317 -33.02 10.09 31.94
C GLU D 317 -33.88 8.82 31.87
N SER D 318 -34.99 8.87 31.16
CA SER D 318 -35.85 7.68 31.19
C SER D 318 -35.25 6.50 30.39
N GLU D 319 -34.90 6.74 29.13
CA GLU D 319 -34.12 5.79 28.33
C GLU D 319 -32.87 5.27 29.01
N THR D 320 -32.11 6.18 29.62
CA THR D 320 -30.91 5.70 30.28
C THR D 320 -31.30 4.68 31.36
N LYS D 321 -32.42 4.93 32.02
CA LYS D 321 -32.86 3.99 33.07
C LYS D 321 -33.31 2.61 32.54
N SER D 322 -34.03 2.58 31.42
CA SER D 322 -34.26 1.32 30.73
C SER D 322 -32.97 0.56 30.45
N THR D 323 -32.06 1.23 29.78
CA THR D 323 -30.84 0.58 29.34
C THR D 323 -30.12 -0.01 30.53
N LEU D 324 -30.07 0.74 31.64
CA LEU D 324 -29.36 0.23 32.83
C LEU D 324 -30.11 -0.98 33.41
N ASP D 325 -31.44 -0.89 33.37
CA ASP D 325 -32.31 -1.94 33.89
C ASP D 325 -32.07 -3.17 32.99
N PHE D 326 -32.01 -2.94 31.68
CA PHE D 326 -31.79 -4.04 30.74
C PHE D 326 -30.47 -4.73 31.07
N GLY D 327 -29.42 -3.95 31.30
CA GLY D 327 -28.10 -4.51 31.55
C GLY D 327 -27.99 -5.22 32.89
N ARG D 328 -28.81 -4.81 33.85
CA ARG D 328 -28.66 -5.43 35.17
C ARG D 328 -29.34 -6.81 35.25
N ARG D 329 -30.49 -6.95 34.59
CA ARG D 329 -31.06 -8.28 34.29
C ARG D 329 -30.05 -9.18 33.55
N ALA D 330 -29.60 -8.76 32.37
CA ALA D 330 -28.65 -9.50 31.55
C ALA D 330 -27.46 -10.00 32.34
N LYS D 331 -27.03 -9.21 33.31
CA LYS D 331 -25.92 -9.58 34.18
C LYS D 331 -26.17 -10.81 35.07
N THR D 332 -27.44 -11.22 35.22
CA THR D 332 -27.69 -12.44 35.99
C THR D 332 -27.58 -13.72 35.16
N VAL D 333 -27.96 -13.62 33.88
CA VAL D 333 -27.87 -14.69 32.88
C VAL D 333 -26.57 -15.49 32.90
N LYS D 334 -26.75 -16.80 32.87
CA LYS D 334 -25.64 -17.72 32.94
C LYS D 334 -25.58 -18.45 31.61
N ASN D 335 -24.37 -18.55 31.08
CA ASN D 335 -24.09 -19.30 29.88
C ASN D 335 -23.31 -20.56 30.29
N VAL D 336 -23.41 -21.61 29.47
CA VAL D 336 -22.56 -22.77 29.69
C VAL D 336 -21.71 -23.05 28.45
N VAL D 337 -20.39 -23.12 28.65
CA VAL D 337 -19.41 -22.99 27.58
C VAL D 337 -18.38 -24.11 27.58
N CYS D 338 -18.04 -24.57 26.38
CA CYS D 338 -17.02 -25.61 26.20
C CYS D 338 -16.40 -25.43 24.83
N VAL D 339 -15.18 -25.94 24.67
CA VAL D 339 -14.52 -25.95 23.38
C VAL D 339 -15.39 -26.67 22.34
N ASN D 340 -15.40 -26.15 21.11
CA ASN D 340 -16.14 -26.77 20.02
C ASN D 340 -15.16 -27.59 19.21
N GLU D 341 -15.15 -28.90 19.38
CA GLU D 341 -14.18 -29.72 18.66
C GLU D 341 -14.79 -30.58 17.57
N GLU D 342 -14.27 -30.40 16.35
CA GLU D 342 -14.67 -31.19 15.20
CA GLU D 342 -14.68 -31.21 15.22
C GLU D 342 -13.66 -32.32 15.01
N LEU D 343 -14.16 -33.48 14.62
CA LEU D 343 -13.33 -34.63 14.28
C LEU D 343 -12.97 -34.55 12.79
N THR D 344 -11.75 -34.95 12.45
CA THR D 344 -11.35 -35.06 11.05
C THR D 344 -11.96 -36.30 10.45
N ALA D 345 -12.55 -36.12 9.27
CA ALA D 345 -13.02 -37.20 8.44
C ALA D 345 -12.14 -38.45 8.61
N GLU D 346 -10.83 -38.24 8.48
CA GLU D 346 -9.82 -39.27 8.73
C GLU D 346 -9.96 -39.99 10.08
N GLU D 347 -11.15 -39.91 10.69
CA GLU D 347 -11.40 -40.59 11.95
C GLU D 347 -12.89 -40.93 12.11
N TRP D 348 -13.73 -40.26 11.33
CA TRP D 348 -15.15 -40.62 11.24
C TRP D 348 -15.29 -41.93 10.44
N LYS D 349 -14.35 -42.22 9.55
CA LYS D 349 -14.33 -43.51 8.84
C LYS D 349 -14.69 -44.66 9.78
N ARG D 350 -14.02 -44.71 10.93
CA ARG D 350 -14.23 -45.77 11.92
C ARG D 350 -15.72 -46.04 12.17
N ARG D 351 -16.44 -45.01 12.60
CA ARG D 351 -17.86 -45.11 12.97
C ARG D 351 -18.78 -45.65 11.88
N TYR D 352 -18.68 -45.09 10.67
CA TYR D 352 -19.41 -45.68 9.53
C TYR D 352 -19.01 -47.15 9.27
N GLU D 353 -17.72 -47.48 9.31
CA GLU D 353 -17.26 -48.85 9.05
C GLU D 353 -17.81 -49.89 10.04
N LYS D 354 -18.12 -49.44 11.25
CA LYS D 354 -18.82 -50.26 12.24
C LYS D 354 -20.30 -50.34 11.89
N GLU D 355 -20.76 -49.41 11.07
CA GLU D 355 -22.18 -49.29 10.70
C GLU D 355 -22.55 -49.97 9.38
N LYS D 356 -21.61 -50.02 8.44
CA LYS D 356 -21.82 -50.72 7.17
C LYS D 356 -21.82 -52.24 7.37
N GLU D 357 -20.91 -52.73 8.22
CA GLU D 357 -20.81 -54.16 8.53
CA GLU D 357 -20.82 -54.15 8.51
C GLU D 357 -21.84 -54.60 9.56
N LYS D 358 -22.32 -53.65 10.35
CA LYS D 358 -23.33 -53.94 11.37
C LYS D 358 -24.67 -54.22 10.70
N ASN D 359 -24.96 -53.46 9.64
CA ASN D 359 -26.15 -53.66 8.82
C ASN D 359 -26.08 -54.91 7.93
N ALA D 360 -24.92 -55.14 7.33
CA ALA D 360 -24.61 -56.34 6.55
C ALA D 360 -25.00 -57.65 7.26
N ARG D 361 -24.90 -57.66 8.59
CA ARG D 361 -25.31 -58.81 9.38
C ARG D 361 -26.83 -58.84 9.54
N LEU D 362 -27.32 -58.27 10.64
CA LEU D 362 -28.76 -58.20 10.92
C LEU D 362 -29.59 -59.16 10.07
N PRO E 4 6.21 -25.73 13.79
CA PRO E 4 6.14 -24.69 14.82
C PRO E 4 5.83 -23.30 14.27
N GLN E 5 4.91 -23.23 13.30
N GLN E 5 -16.40 -14.72 -11.34
CA GLN E 5 4.50 -21.95 12.71
CA GLN E 5 -15.47 -15.06 -10.24
C GLN E 5 3.06 -22.04 12.18
C GLN E 5 -15.26 -16.56 -10.16
N ALA E 6 2.18 -21.17 12.68
N ALA E 6 -15.83 -17.19 -9.14
CA ALA E 6 0.79 -21.16 12.22
CA ALA E 6 -15.43 -18.53 -8.74
C ALA E 6 0.66 -20.45 10.87
C ALA E 6 -14.26 -18.30 -7.80
N GLN E 7 -0.33 -20.87 10.08
N GLN E 7 -14.51 -18.37 -6.51
CA GLN E 7 -0.49 -20.31 8.75
CA GLN E 7 -13.64 -17.64 -5.57
C GLN E 7 -1.97 -20.08 8.40
C GLN E 7 -12.36 -18.36 -5.16
N ILE E 8 -2.23 -19.15 7.49
N ILE E 8 -11.62 -17.73 -4.26
CA ILE E 8 -3.61 -18.73 7.22
CA ILE E 8 -10.32 -18.25 -3.86
C ILE E 8 -4.07 -18.86 5.78
C ILE E 8 -10.13 -18.27 -2.34
N ALA E 9 -5.39 -19.03 5.61
N ALA E 9 -9.58 -19.35 -1.83
CA ALA E 9 -6.06 -18.69 4.35
CA ALA E 9 -9.41 -19.47 -0.39
C ALA E 9 -5.62 -19.78 3.39
C ALA E 9 -8.10 -18.79 -0.01
N LYS E 10 -5.62 -19.53 2.07
N LYS E 10 -7.89 -18.61 1.29
CA LYS E 10 -6.09 -18.30 1.44
CA LYS E 10 -6.59 -18.14 1.77
C LYS E 10 -6.95 -18.62 0.22
C LYS E 10 -6.45 -18.35 3.28
N PRO E 11 -8.15 -19.19 0.45
N PRO E 11 -6.10 -19.56 3.69
CA PRO E 11 -8.92 -19.77 -0.63
CA PRO E 11 -5.67 -19.84 5.05
C PRO E 11 -9.32 -18.75 -1.69
C PRO E 11 -4.34 -19.21 5.44
N ILE E 12 -9.53 -19.23 -2.91
N ILE E 12 -3.89 -19.51 6.67
CA ILE E 12 -10.10 -18.42 -3.97
CA ILE E 12 -2.67 -18.94 7.23
C ILE E 12 -11.41 -19.04 -4.40
C ILE E 12 -1.96 -19.99 8.10
N ARG E 13 -12.46 -18.24 -4.49
N ARG E 13 -0.66 -19.82 8.31
CA ARG E 13 -13.72 -18.69 -5.06
CA ARG E 13 0.15 -20.81 9.02
C ARG E 13 -13.68 -18.43 -6.56
C ARG E 13 0.71 -20.28 10.35
N SER E 14 -14.33 -19.29 -7.33
N SER E 14 1.74 -20.95 10.84
CA SER E 14 -14.34 -19.15 -8.78
CA SER E 14 2.45 -20.55 12.07
C SER E 14 -15.44 -18.19 -9.25
C SER E 14 3.47 -21.63 12.43
N GLY E 15 4.75 -21.27 12.47
CA GLY E 15 5.83 -22.25 12.69
C GLY E 15 6.33 -22.33 14.13
N GLN E 16 7.50 -22.92 14.34
CA GLN E 16 8.31 -23.52 13.28
C GLN E 16 9.34 -24.47 13.90
N PRO F 4 -12.57 15.16 32.69
CA PRO F 4 -11.38 15.98 32.92
C PRO F 4 -10.19 15.62 32.02
N GLN F 5 -10.33 15.86 30.71
CA GLN F 5 -9.33 15.45 29.71
C GLN F 5 -7.90 15.91 30.00
N ALA F 6 -6.91 15.43 29.25
CA ALA F 6 -5.51 15.83 29.46
C ALA F 6 -5.17 17.16 28.77
N GLN F 7 -4.59 18.07 29.55
CA GLN F 7 -4.54 19.49 29.21
C GLN F 7 -3.25 19.92 28.51
N ILE F 8 -3.36 20.90 27.62
CA ILE F 8 -2.23 21.32 26.79
C ILE F 8 -1.97 22.82 26.85
N ALA F 9 -0.92 23.20 27.56
CA ALA F 9 -0.64 24.61 27.80
C ALA F 9 0.02 25.27 26.60
N LYS F 10 -0.28 26.54 26.39
CA LYS F 10 0.57 27.36 25.52
C LYS F 10 0.82 28.67 26.23
N PRO F 11 1.96 28.74 26.92
CA PRO F 11 2.54 29.89 27.60
C PRO F 11 2.82 31.05 26.66
N ILE F 12 2.92 32.26 27.19
CA ILE F 12 3.26 33.42 26.37
C ILE F 12 4.76 33.67 26.53
N ARG F 13 5.51 33.49 25.45
CA ARG F 13 6.94 33.68 25.47
C ARG F 13 7.20 35.17 25.66
N SER F 14 7.52 35.59 26.88
CA SER F 14 7.78 37.01 27.12
C SER F 14 9.27 37.35 27.04
N GLY F 15 10.07 36.41 26.55
CA GLY F 15 11.52 36.51 26.60
C GLY F 15 12.13 37.48 25.59
N GLN F 16 13.38 37.86 25.86
CA GLN F 16 14.17 38.64 24.93
C GLN F 16 15.61 38.14 24.82
N PRO G 4 -17.12 55.39 -5.83
CA PRO G 4 -17.22 54.39 -6.89
C PRO G 4 -16.07 53.38 -6.90
N GLN G 5 -16.39 52.10 -6.65
CA GLN G 5 -15.38 51.03 -6.60
C GLN G 5 -15.79 49.78 -7.41
N ALA G 6 -14.80 49.05 -7.91
CA ALA G 6 -14.99 47.75 -8.56
C ALA G 6 -15.35 46.74 -7.48
N GLN G 7 -16.41 45.96 -7.67
CA GLN G 7 -16.73 44.91 -6.70
C GLN G 7 -16.60 43.50 -7.28
N ILE G 8 -16.26 42.55 -6.43
CA ILE G 8 -16.22 41.15 -6.84
C ILE G 8 -17.45 40.42 -6.29
N ALA G 9 -18.21 39.79 -7.18
CA ALA G 9 -19.44 39.13 -6.75
C ALA G 9 -19.06 37.82 -6.07
N LYS G 10 -20.01 37.21 -5.38
CA LYS G 10 -19.76 35.94 -4.73
C LYS G 10 -20.88 34.95 -4.97
N PRO G 11 -21.04 34.52 -6.23
CA PRO G 11 -22.16 33.66 -6.59
C PRO G 11 -22.03 32.33 -5.84
N ILE G 12 -23.14 31.60 -5.71
CA ILE G 12 -23.09 30.26 -5.14
C ILE G 12 -24.01 29.35 -5.92
N ARG G 13 -23.48 28.16 -6.20
CA ARG G 13 -24.10 27.22 -7.11
C ARG G 13 -25.01 26.25 -6.39
N SER G 14 -25.80 25.57 -7.20
CA SER G 14 -26.34 24.27 -6.90
C SER G 14 -26.27 23.55 -8.25
N GLY G 15 -27.11 22.55 -8.48
CA GLY G 15 -27.06 21.78 -9.71
C GLY G 15 -27.50 20.33 -9.57
#